data_5WPJ
#
_entry.id   5WPJ
#
_cell.length_a   57.990
_cell.length_b   84.000
_cell.length_c   94.210
_cell.angle_alpha   108.16
_cell.angle_beta   100.60
_cell.angle_gamma   109.12
#
_symmetry.space_group_name_H-M   'P 1'
#
loop_
_entity.id
_entity.type
_entity.pdbx_description
1 polymer '3-hydroxy-3-methylglutaryl coenzyme A reductase'
2 non-polymer 'NADPH DIHYDRO-NICOTINAMIDE-ADENINE-DINUCLEOTIDE PHOSPHATE'
3 non-polymer GLYCEROL
4 water water
#
_entity_poly.entity_id   1
_entity_poly.type   'polypeptide(L)'
_entity_poly.pdbx_seq_one_letter_code
;GHMKISWNGFSKKSYQERLELLKAQALLSPERQASLEKDEQMSVTVADQLSENVVGTFSLPYSLVPEVLVNGQEYTVPYV
TEEPSVVAAASYASKIIKRAGGFTAQVHQRQMIGQVALYQVANPKLAQEKIASKKAELLELANQAYPSIVKRGGGARDLH
VEQIKGEPDFLVVYIHVDTQEAMGANMLNTMLEALKPVLEELSQGQSLMGILSNYATDSLVTASCRIAFRYLSRQKDQGR
EIAEKIALASQFAQADPYRAATHNKGIFNGIDAILIATGNDWRAIEAGAHAFASRDGRYQGLSCWTLDLEREELVGEMTL
PMPVATKGGSIGLNPRVALSHDLLGNPSARELAQIIESIGLAQNFAALKALVSTGIQQGHMKLQAKSLALLAGASESEVA
PLVERLISDKTFNLETAQRYLENLRS
;
_entity_poly.pdbx_strand_id   A,B,C,D
#
# COMPACT_ATOMS: atom_id res chain seq x y z
N ILE A 5 -17.78 13.68 26.21
CA ILE A 5 -17.10 14.71 26.96
C ILE A 5 -15.59 14.63 26.75
N SER A 6 -14.87 15.64 27.23
CA SER A 6 -13.48 15.81 26.85
C SER A 6 -12.55 14.93 27.69
N TRP A 7 -11.49 14.44 27.04
CA TRP A 7 -10.37 13.79 27.72
C TRP A 7 -9.27 14.78 28.08
N ASN A 8 -9.54 16.08 27.95
CA ASN A 8 -8.50 17.06 28.24
C ASN A 8 -8.17 17.04 29.73
N GLY A 9 -6.87 17.12 30.03
CA GLY A 9 -6.44 17.13 31.42
C GLY A 9 -6.28 15.77 32.05
N PHE A 10 -6.47 14.70 31.28
CA PHE A 10 -6.48 13.36 31.85
C PHE A 10 -5.11 12.95 32.38
N SER A 11 -4.04 13.23 31.63
CA SER A 11 -2.70 12.80 32.06
C SER A 11 -2.26 13.56 33.32
N LYS A 12 -2.56 14.84 33.40
CA LYS A 12 -2.17 15.63 34.56
C LYS A 12 -3.09 15.42 35.77
N LYS A 13 -4.28 14.87 35.56
CA LYS A 13 -5.15 14.52 36.68
C LYS A 13 -4.49 13.50 37.59
N SER A 14 -4.88 13.54 38.86
CA SER A 14 -4.45 12.50 39.77
C SER A 14 -5.13 11.19 39.40
N TYR A 15 -4.57 10.10 39.92
CA TYR A 15 -5.20 8.80 39.82
C TYR A 15 -6.69 8.87 40.17
N GLN A 16 -7.02 9.43 41.33
CA GLN A 16 -8.42 9.52 41.72
C GLN A 16 -9.24 10.34 40.72
N GLU A 17 -8.68 11.44 40.23
CA GLU A 17 -9.40 12.24 39.24
C GLU A 17 -9.52 11.50 37.90
N ARG A 18 -8.49 10.75 37.50
CA ARG A 18 -8.61 9.99 36.26
C ARG A 18 -9.76 9.01 36.33
N LEU A 19 -9.91 8.34 37.48
CA LEU A 19 -11.01 7.40 37.66
C LEU A 19 -12.35 8.12 37.52
N GLU A 20 -12.46 9.32 38.12
CA GLU A 20 -13.68 10.11 38.01
C GLU A 20 -13.96 10.51 36.56
N LEU A 21 -12.94 10.93 35.83
CA LEU A 21 -13.15 11.28 34.43
C LEU A 21 -13.61 10.05 33.65
N LEU A 22 -12.99 8.91 33.88
CA LEU A 22 -13.45 7.66 33.26
C LEU A 22 -14.92 7.39 33.58
N LYS A 23 -15.30 7.62 34.85
CA LYS A 23 -16.69 7.41 35.24
C LYS A 23 -17.60 8.35 34.46
N ALA A 24 -17.18 9.59 34.28
CA ALA A 24 -17.98 10.55 33.52
C ALA A 24 -18.18 10.09 32.09
N GLN A 25 -17.21 9.37 31.53
CA GLN A 25 -17.35 8.86 30.17
C GLN A 25 -18.36 7.72 30.05
N ALA A 26 -18.77 7.09 31.15
CA ALA A 26 -19.81 6.07 31.09
C ALA A 26 -19.40 4.92 30.18
N LEU A 27 -18.10 4.57 30.20
CA LEU A 27 -17.60 3.46 29.41
C LEU A 27 -17.81 2.11 30.08
N LEU A 28 -17.92 2.08 31.40
CA LEU A 28 -17.99 0.83 32.16
C LEU A 28 -19.29 0.72 32.94
N SER A 29 -19.78 -0.52 33.06
CA SER A 29 -20.91 -0.82 33.90
C SER A 29 -20.62 -0.44 35.35
N PRO A 30 -21.65 -0.29 36.17
CA PRO A 30 -21.40 -0.04 37.60
C PRO A 30 -20.49 -1.08 38.25
N GLU A 31 -20.63 -2.36 37.90
CA GLU A 31 -19.77 -3.37 38.51
C GLU A 31 -18.32 -3.21 38.06
N ARG A 32 -18.10 -3.02 36.77
CA ARG A 32 -16.73 -2.88 36.26
C ARG A 32 -16.07 -1.61 36.79
N GLN A 33 -16.81 -0.50 36.81
CA GLN A 33 -16.22 0.72 37.38
C GLN A 33 -15.87 0.50 38.86
N ALA A 34 -16.74 -0.18 39.60
CA ALA A 34 -16.45 -0.49 40.99
C ALA A 34 -15.21 -1.37 41.12
N SER A 35 -15.10 -2.38 40.26
CA SER A 35 -13.96 -3.28 40.25
C SER A 35 -12.67 -2.48 40.08
N LEU A 36 -12.67 -1.57 39.12
CA LEU A 36 -11.47 -0.78 38.87
C LEU A 36 -11.18 0.17 40.02
N GLU A 37 -12.21 0.80 40.59
CA GLU A 37 -12.00 1.79 41.63
C GLU A 37 -11.41 1.18 42.90
N LYS A 38 -11.72 -0.09 43.19
CA LYS A 38 -11.08 -0.82 44.26
C LYS A 38 -9.78 -1.50 43.81
N ASP A 39 -9.35 -1.25 42.58
CA ASP A 39 -8.17 -1.87 41.94
C ASP A 39 -8.14 -3.38 42.16
N GLU A 40 -9.24 -4.03 41.81
CA GLU A 40 -9.37 -5.47 42.01
C GLU A 40 -8.40 -6.23 41.11
N GLN A 41 -7.69 -7.17 41.71
CA GLN A 41 -6.68 -7.96 41.05
C GLN A 41 -7.14 -9.39 40.94
N MET A 42 -6.58 -10.08 39.97
CA MET A 42 -6.69 -11.54 39.96
C MET A 42 -6.16 -12.09 41.27
N SER A 43 -6.91 -13.00 41.87
CA SER A 43 -6.49 -13.53 43.14
C SER A 43 -5.39 -14.57 42.94
N VAL A 44 -4.72 -14.90 44.05
CA VAL A 44 -3.76 -16.01 44.02
C VAL A 44 -4.45 -17.31 43.66
N THR A 45 -5.69 -17.50 44.11
CA THR A 45 -6.39 -18.75 43.82
C THR A 45 -6.62 -18.94 42.33
N VAL A 46 -7.03 -17.88 41.64
CA VAL A 46 -7.21 -17.96 40.19
C VAL A 46 -5.85 -18.07 39.49
N ALA A 47 -4.86 -17.30 39.95
CA ALA A 47 -3.51 -17.41 39.39
C ALA A 47 -3.02 -18.84 39.47
N ASP A 48 -3.31 -19.49 40.58
CA ASP A 48 -2.90 -20.87 40.84
C ASP A 48 -3.46 -21.86 39.83
N GLN A 49 -4.55 -21.51 39.14
CA GLN A 49 -5.07 -22.37 38.10
C GLN A 49 -4.57 -22.01 36.70
N LEU A 50 -4.00 -20.81 36.51
CA LEU A 50 -3.44 -20.43 35.23
C LEU A 50 -1.98 -20.86 35.03
N SER A 51 -1.22 -21.03 36.11
CA SER A 51 0.20 -21.36 36.04
C SER A 51 0.50 -22.40 37.10
N GLU A 52 1.78 -22.81 37.20
CA GLU A 52 2.23 -23.82 38.14
C GLU A 52 3.23 -23.22 39.12
N ASN A 53 3.42 -23.91 40.26
CA ASN A 53 4.36 -23.48 41.29
C ASN A 53 4.12 -22.03 41.70
N VAL A 54 2.84 -21.64 41.75
CA VAL A 54 2.49 -20.26 42.03
C VAL A 54 2.69 -19.98 43.51
N VAL A 55 3.37 -18.86 43.82
CA VAL A 55 3.64 -18.46 45.22
C VAL A 55 3.17 -17.02 45.47
N GLY A 56 2.50 -16.45 44.48
CA GLY A 56 2.03 -15.07 44.62
C GLY A 56 1.59 -14.53 43.27
N THR A 57 1.44 -13.21 43.21
CA THR A 57 1.07 -12.52 41.98
C THR A 57 2.07 -11.40 41.73
N PHE A 58 2.03 -10.85 40.52
CA PHE A 58 2.99 -9.84 40.08
C PHE A 58 2.19 -8.75 39.39
N SER A 59 2.36 -7.49 39.83
CA SER A 59 1.54 -6.40 39.33
CA SER A 59 1.54 -6.38 39.35
C SER A 59 2.35 -5.45 38.46
N LEU A 60 1.65 -4.86 37.50
CA LEU A 60 2.18 -3.85 36.58
C LEU A 60 1.17 -2.73 36.52
N PRO A 61 1.56 -1.58 35.97
CA PRO A 61 0.60 -0.49 35.80
C PRO A 61 -0.47 -0.85 34.77
N TYR A 62 -1.63 -0.21 34.95
CA TYR A 62 -2.79 -0.32 34.07
C TYR A 62 -3.25 1.07 33.70
N SER A 63 -3.20 1.39 32.40
CA SER A 63 -3.40 2.75 31.92
C SER A 63 -4.42 2.76 30.79
N LEU A 64 -4.89 3.96 30.45
CA LEU A 64 -5.84 4.14 29.36
C LEU A 64 -5.23 5.02 28.27
N VAL A 65 -5.44 4.61 27.02
CA VAL A 65 -5.10 5.43 25.85
C VAL A 65 -6.43 5.83 25.21
N PRO A 66 -6.87 7.06 25.39
CA PRO A 66 -8.17 7.46 24.84
C PRO A 66 -8.06 7.90 23.39
N GLU A 67 -9.23 7.99 22.76
CA GLU A 67 -9.38 8.62 21.46
C GLU A 67 -8.62 7.87 20.36
N VAL A 68 -8.74 6.56 20.37
CA VAL A 68 -8.25 5.71 19.29
C VAL A 68 -9.40 5.48 18.30
N LEU A 69 -9.30 6.10 17.13
CA LEU A 69 -10.38 6.11 16.14
C LEU A 69 -10.03 5.13 15.03
N VAL A 70 -10.79 4.04 14.94
CA VAL A 70 -10.53 2.97 13.97
C VAL A 70 -11.81 2.71 13.19
N ASN A 71 -11.76 2.92 11.87
CA ASN A 71 -12.90 2.69 11.00
C ASN A 71 -14.15 3.43 11.49
N GLY A 72 -13.96 4.69 11.89
CA GLY A 72 -15.08 5.50 12.34
C GLY A 72 -15.57 5.19 13.73
N GLN A 73 -14.97 4.24 14.44
CA GLN A 73 -15.36 3.88 15.79
C GLN A 73 -14.26 4.31 16.76
N GLU A 74 -14.67 5.00 17.83
CA GLU A 74 -13.72 5.51 18.82
C GLU A 74 -13.65 4.56 20.01
N TYR A 75 -12.42 4.30 20.46
CA TYR A 75 -12.17 3.38 21.54
C TYR A 75 -11.31 4.05 22.59
N THR A 76 -11.44 3.57 23.82
CA THR A 76 -10.52 3.89 24.88
C THR A 76 -9.72 2.63 25.12
N VAL A 77 -8.42 2.65 24.83
CA VAL A 77 -7.61 1.44 24.76
C VAL A 77 -6.90 1.22 26.09
N PRO A 78 -6.99 0.02 26.67
CA PRO A 78 -6.22 -0.29 27.88
C PRO A 78 -4.81 -0.78 27.58
N TYR A 79 -3.87 -0.32 28.41
CA TYR A 79 -2.46 -0.64 28.30
C TYR A 79 -1.89 -1.14 29.61
N VAL A 80 -1.07 -2.19 29.53
CA VAL A 80 -0.25 -2.63 30.66
C VAL A 80 1.21 -2.53 30.22
N THR A 81 1.91 -1.52 30.73
CA THR A 81 3.33 -1.34 30.45
C THR A 81 4.04 -0.73 31.66
N GLU A 82 5.30 -1.12 31.80
CA GLU A 82 6.20 -0.66 32.84
C GLU A 82 7.23 0.35 32.32
N GLU A 83 7.09 0.81 31.08
CA GLU A 83 8.07 1.70 30.46
C GLU A 83 7.55 3.12 30.45
N PRO A 84 8.21 4.06 31.12
CA PRO A 84 7.72 5.44 31.09
C PRO A 84 7.72 5.97 29.66
N SER A 85 6.72 6.80 29.37
CA SER A 85 6.48 7.57 28.15
C SER A 85 5.73 6.75 27.12
N VAL A 86 5.62 5.44 27.28
CA VAL A 86 4.93 4.63 26.28
C VAL A 86 3.46 5.02 26.18
N VAL A 87 2.77 5.08 27.31
CA VAL A 87 1.33 5.42 27.28
C VAL A 87 1.15 6.85 26.78
N ALA A 88 2.00 7.77 27.22
CA ALA A 88 1.90 9.15 26.77
C ALA A 88 2.08 9.26 25.26
N ALA A 89 3.07 8.56 24.72
CA ALA A 89 3.32 8.61 23.28
C ALA A 89 2.14 8.06 22.50
N ALA A 90 1.59 6.94 22.96
CA ALA A 90 0.45 6.36 22.27
C ALA A 90 -0.76 7.27 22.33
N SER A 91 -0.99 7.93 23.48
CA SER A 91 -2.10 8.87 23.58
C SER A 91 -1.90 10.09 22.70
N TYR A 92 -0.66 10.60 22.65
CA TYR A 92 -0.36 11.75 21.79
C TYR A 92 -0.59 11.42 20.33
N ALA A 93 -0.08 10.26 19.88
CA ALA A 93 -0.26 9.86 18.49
C ALA A 93 -1.73 9.65 18.18
N SER A 94 -2.46 9.01 19.09
CA SER A 94 -3.85 8.70 18.80
C SER A 94 -4.68 9.98 18.60
N LYS A 95 -4.44 11.00 19.43
CA LYS A 95 -5.18 12.25 19.30
C LYS A 95 -4.90 12.93 17.96
N ILE A 96 -3.62 13.02 17.58
CA ILE A 96 -3.27 13.62 16.29
C ILE A 96 -3.98 12.89 15.17
N ILE A 97 -3.92 11.56 15.20
CA ILE A 97 -4.46 10.76 14.11
C ILE A 97 -5.99 10.76 14.13
N LYS A 98 -6.61 10.90 15.30
CA LYS A 98 -8.05 11.14 15.33
C LYS A 98 -8.39 12.43 14.61
N ARG A 99 -7.60 13.48 14.86
CA ARG A 99 -7.81 14.73 14.12
C ARG A 99 -7.75 14.48 12.63
N ALA A 100 -6.85 13.60 12.20
CA ALA A 100 -6.63 13.36 10.78
C ALA A 100 -7.59 12.33 10.22
N GLY A 101 -8.65 12.01 10.95
CA GLY A 101 -9.66 11.11 10.47
C GLY A 101 -9.57 9.72 11.00
N GLY A 102 -8.53 9.41 11.78
CA GLY A 102 -8.40 8.11 12.38
C GLY A 102 -7.83 7.07 11.42
N PHE A 103 -7.79 5.85 11.92
CA PHE A 103 -7.24 4.74 11.17
C PHE A 103 -8.29 4.08 10.30
N THR A 104 -7.81 3.50 9.20
CA THR A 104 -8.54 2.54 8.40
C THR A 104 -7.89 1.18 8.55
N ALA A 105 -8.69 0.17 8.85
CA ALA A 105 -8.15 -1.15 9.16
C ALA A 105 -9.03 -2.20 8.49
N GLN A 106 -8.38 -3.27 8.04
CA GLN A 106 -9.11 -4.35 7.42
C GLN A 106 -8.42 -5.67 7.70
N VAL A 107 -9.25 -6.70 7.88
CA VAL A 107 -8.81 -8.07 8.06
C VAL A 107 -8.88 -8.78 6.72
N HIS A 108 -7.75 -9.28 6.26
CA HIS A 108 -7.70 -9.99 4.99
C HIS A 108 -8.24 -11.41 5.11
N GLN A 109 -7.90 -12.07 6.20
CA GLN A 109 -8.30 -13.44 6.43
C GLN A 109 -8.15 -13.67 7.92
N ARG A 110 -8.90 -14.63 8.45
CA ARG A 110 -8.70 -14.98 9.88
C ARG A 110 -8.80 -16.51 9.98
N GLN A 111 -7.65 -17.15 9.78
CA GLN A 111 -7.50 -18.58 9.96
C GLN A 111 -6.15 -18.86 10.58
N MET A 112 -6.06 -19.96 11.32
CA MET A 112 -4.81 -20.44 11.89
C MET A 112 -4.23 -21.56 11.05
N ILE A 113 -2.91 -21.67 11.09
CA ILE A 113 -2.15 -22.66 10.34
C ILE A 113 -1.54 -23.66 11.32
N GLY A 114 -1.68 -24.95 11.00
CA GLY A 114 -0.97 -25.98 11.72
C GLY A 114 -0.25 -26.89 10.74
N GLN A 115 0.76 -27.60 11.24
CA GLN A 115 1.59 -28.40 10.35
C GLN A 115 1.95 -29.75 10.95
N VAL A 116 2.01 -30.73 10.07
CA VAL A 116 2.58 -32.03 10.35
C VAL A 116 3.83 -32.16 9.49
N ALA A 117 4.95 -32.44 10.12
CA ALA A 117 6.20 -32.64 9.40
C ALA A 117 6.41 -34.14 9.24
N LEU A 118 6.60 -34.58 8.01
CA LEU A 118 6.84 -35.97 7.70
C LEU A 118 8.26 -36.10 7.16
N TYR A 119 8.92 -37.20 7.52
CA TYR A 119 10.25 -37.49 7.00
C TYR A 119 10.32 -38.96 6.60
N GLN A 120 11.43 -39.32 5.96
CA GLN A 120 11.60 -40.67 5.42
C GLN A 120 10.49 -41.00 4.43
N VAL A 121 10.11 -40.01 3.62
CA VAL A 121 9.13 -40.19 2.57
C VAL A 121 9.88 -40.53 1.28
N ALA A 122 9.78 -41.77 0.84
CA ALA A 122 10.56 -42.20 -0.32
C ALA A 122 10.10 -41.48 -1.59
N ASN A 123 8.79 -41.27 -1.75
CA ASN A 123 8.22 -40.71 -2.96
C ASN A 123 7.42 -39.45 -2.61
N PRO A 124 8.10 -38.33 -2.35
CA PRO A 124 7.37 -37.11 -1.94
C PRO A 124 6.33 -36.65 -2.96
N LYS A 125 6.66 -36.71 -4.25
CA LYS A 125 5.71 -36.31 -5.26
C LYS A 125 4.45 -37.17 -5.20
N LEU A 126 4.62 -38.49 -5.13
CA LEU A 126 3.47 -39.38 -5.02
C LEU A 126 2.69 -39.11 -3.74
N ALA A 127 3.40 -39.04 -2.61
CA ALA A 127 2.72 -38.75 -1.35
C ALA A 127 1.94 -37.46 -1.46
N GLN A 128 2.56 -36.43 -2.04
CA GLN A 128 1.91 -35.15 -2.20
C GLN A 128 0.59 -35.27 -2.97
N GLU A 129 0.57 -36.08 -4.03
CA GLU A 129 -0.67 -36.22 -4.81
C GLU A 129 -1.69 -37.09 -4.10
N LYS A 130 -1.25 -38.16 -3.43
CA LYS A 130 -2.18 -39.00 -2.67
C LYS A 130 -2.84 -38.18 -1.57
N ILE A 131 -2.05 -37.40 -0.83
CA ILE A 131 -2.64 -36.59 0.24
C ILE A 131 -3.63 -35.60 -0.36
N ALA A 132 -3.26 -34.91 -1.45
CA ALA A 132 -4.18 -33.94 -2.05
C ALA A 132 -5.47 -34.61 -2.52
N SER A 133 -5.40 -35.88 -2.94
CA SER A 133 -6.59 -36.54 -3.45
C SER A 133 -7.56 -36.94 -2.35
N LYS A 134 -7.11 -37.00 -1.09
CA LYS A 134 -7.98 -37.22 0.04
C LYS A 134 -8.22 -35.95 0.86
N LYS A 135 -7.98 -34.79 0.27
CA LYS A 135 -8.13 -33.53 0.99
C LYS A 135 -9.46 -33.44 1.71
N ALA A 136 -10.57 -33.59 0.99
CA ALA A 136 -11.89 -33.47 1.61
C ALA A 136 -12.07 -34.49 2.73
N GLU A 137 -11.58 -35.72 2.52
CA GLU A 137 -11.71 -36.75 3.55
C GLU A 137 -10.86 -36.40 4.76
N LEU A 138 -9.68 -35.82 4.54
CA LEU A 138 -8.81 -35.43 5.64
C LEU A 138 -9.39 -34.25 6.41
N LEU A 139 -9.98 -33.29 5.71
CA LEU A 139 -10.58 -32.15 6.41
C LEU A 139 -11.74 -32.60 7.28
N GLU A 140 -12.55 -33.54 6.79
CA GLU A 140 -13.66 -34.03 7.60
C GLU A 140 -13.17 -34.81 8.81
N LEU A 141 -12.07 -35.57 8.64
CA LEU A 141 -11.47 -36.27 9.78
C LEU A 141 -11.03 -35.30 10.86
N ALA A 142 -10.37 -34.21 10.46
CA ALA A 142 -9.95 -33.18 11.41
C ALA A 142 -11.13 -32.55 12.13
N ASN A 143 -12.20 -32.25 11.41
CA ASN A 143 -13.35 -31.60 12.02
C ASN A 143 -14.01 -32.50 13.05
N GLN A 144 -14.07 -33.81 12.78
CA GLN A 144 -14.65 -34.71 13.78
C GLN A 144 -13.78 -34.82 15.02
N ALA A 145 -12.48 -34.50 14.91
CA ALA A 145 -11.60 -34.56 16.07
C ALA A 145 -11.87 -33.42 17.05
N TYR A 146 -12.47 -32.34 16.60
CA TYR A 146 -12.78 -31.18 17.44
C TYR A 146 -14.13 -30.65 17.02
N PRO A 147 -15.20 -31.41 17.28
CA PRO A 147 -16.51 -31.07 16.71
C PRO A 147 -17.14 -29.82 17.30
N SER A 148 -16.71 -29.37 18.48
CA SER A 148 -17.36 -28.19 19.05
C SER A 148 -17.13 -26.96 18.19
N ILE A 149 -15.96 -26.84 17.55
CA ILE A 149 -15.67 -25.66 16.75
C ILE A 149 -16.54 -25.60 15.51
N VAL A 150 -16.86 -26.76 14.92
CA VAL A 150 -17.70 -26.78 13.73
C VAL A 150 -19.13 -26.35 14.08
N LYS A 151 -19.63 -26.78 15.24
CA LYS A 151 -20.95 -26.34 15.67
C LYS A 151 -21.03 -24.82 15.73
N ARG A 152 -19.91 -24.15 15.97
CA ARG A 152 -19.87 -22.70 16.07
C ARG A 152 -19.61 -22.02 14.73
N GLY A 153 -19.46 -22.78 13.64
CA GLY A 153 -19.28 -22.22 12.32
C GLY A 153 -17.86 -22.25 11.79
N GLY A 154 -16.89 -22.73 12.56
CA GLY A 154 -15.52 -22.82 12.13
C GLY A 154 -15.13 -24.23 11.71
N GLY A 155 -13.82 -24.49 11.72
CA GLY A 155 -13.29 -25.80 11.44
C GLY A 155 -12.21 -25.76 10.38
N ALA A 156 -11.73 -26.95 10.02
CA ALA A 156 -10.66 -27.09 9.05
C ALA A 156 -11.19 -26.75 7.67
N ARG A 157 -10.54 -25.79 6.99
CA ARG A 157 -11.02 -25.29 5.72
C ARG A 157 -10.18 -25.70 4.53
N ASP A 158 -8.88 -25.91 4.73
CA ASP A 158 -8.00 -26.18 3.61
C ASP A 158 -6.80 -26.96 4.13
N LEU A 159 -6.07 -27.56 3.20
CA LEU A 159 -4.94 -28.40 3.51
C LEU A 159 -4.05 -28.39 2.27
N HIS A 160 -2.75 -28.13 2.46
CA HIS A 160 -1.80 -28.24 1.37
C HIS A 160 -0.50 -28.87 1.88
N VAL A 161 0.32 -29.31 0.93
CA VAL A 161 1.51 -30.12 1.18
C VAL A 161 2.69 -29.51 0.44
N GLU A 162 3.83 -29.40 1.13
CA GLU A 162 5.05 -28.83 0.57
C GLU A 162 6.24 -29.73 0.84
N GLN A 163 7.10 -29.86 -0.16
CA GLN A 163 8.41 -30.45 0.05
C GLN A 163 9.38 -29.34 0.46
N ILE A 164 10.07 -29.56 1.56
CA ILE A 164 11.11 -28.64 2.01
C ILE A 164 12.41 -29.43 1.98
N LYS A 165 13.19 -29.24 0.92
CA LYS A 165 14.43 -29.96 0.76
C LYS A 165 15.45 -29.43 1.76
N GLY A 166 16.41 -30.28 2.09
CA GLY A 166 17.42 -29.92 3.08
C GLY A 166 18.02 -31.18 3.67
N GLU A 167 18.35 -31.08 4.96
CA GLU A 167 19.08 -32.14 5.67
C GLU A 167 18.33 -32.51 6.93
N PRO A 168 17.38 -33.46 6.84
CA PRO A 168 16.98 -34.12 5.60
C PRO A 168 15.83 -33.38 4.92
N ASP A 169 15.25 -33.97 3.88
CA ASP A 169 14.04 -33.41 3.30
C ASP A 169 12.85 -33.66 4.22
N PHE A 170 11.93 -32.71 4.24
CA PHE A 170 10.68 -32.86 4.97
C PHE A 170 9.52 -32.73 4.01
N LEU A 171 8.47 -33.49 4.26
CA LEU A 171 7.17 -33.34 3.61
C LEU A 171 6.23 -32.73 4.63
N VAL A 172 5.76 -31.52 4.37
CA VAL A 172 4.99 -30.76 5.37
C VAL A 172 3.55 -30.62 4.90
N VAL A 173 2.63 -31.09 5.74
CA VAL A 173 1.20 -30.91 5.52
C VAL A 173 0.75 -29.75 6.40
N TYR A 174 0.19 -28.72 5.78
CA TYR A 174 -0.36 -27.57 6.49
C TYR A 174 -1.88 -27.62 6.45
N ILE A 175 -2.51 -27.29 7.57
CA ILE A 175 -3.95 -27.17 7.60
C ILE A 175 -4.31 -25.74 7.93
N HIS A 176 -5.40 -25.27 7.35
CA HIS A 176 -5.88 -23.91 7.55
C HIS A 176 -7.24 -24.02 8.21
N VAL A 177 -7.37 -23.45 9.40
CA VAL A 177 -8.50 -23.72 10.29
C VAL A 177 -9.12 -22.41 10.76
N ASP A 178 -10.43 -22.28 10.60
CA ASP A 178 -11.21 -21.18 11.16
C ASP A 178 -11.45 -21.47 12.63
N THR A 179 -10.80 -20.72 13.51
CA THR A 179 -10.91 -20.96 14.95
C THR A 179 -11.88 -20.00 15.64
N GLN A 180 -12.56 -19.14 14.88
CA GLN A 180 -13.61 -18.26 15.40
C GLN A 180 -13.00 -17.32 16.44
N GLU A 181 -13.53 -17.24 17.66
CA GLU A 181 -13.06 -16.26 18.62
C GLU A 181 -11.88 -16.73 19.46
N ALA A 182 -11.42 -17.96 19.27
CA ALA A 182 -10.30 -18.47 20.07
C ALA A 182 -9.02 -18.44 19.26
N MET A 183 -7.90 -18.51 19.97
CA MET A 183 -6.62 -18.64 19.28
C MET A 183 -6.49 -20.02 18.65
N GLY A 184 -7.03 -21.05 19.31
CA GLY A 184 -7.18 -22.35 18.70
C GLY A 184 -5.97 -23.26 18.74
N ALA A 185 -5.04 -23.01 19.64
CA ALA A 185 -3.89 -23.90 19.78
C ALA A 185 -4.36 -25.31 20.12
N ASN A 186 -5.26 -25.44 21.10
CA ASN A 186 -5.73 -26.77 21.47
C ASN A 186 -6.52 -27.39 20.33
N MET A 187 -7.35 -26.58 19.65
CA MET A 187 -8.10 -27.07 18.50
C MET A 187 -7.16 -27.62 17.42
N LEU A 188 -6.19 -26.81 16.96
CA LEU A 188 -5.29 -27.28 15.91
C LEU A 188 -4.46 -28.47 16.38
N ASN A 189 -3.92 -28.40 17.60
CA ASN A 189 -3.10 -29.51 18.05
C ASN A 189 -3.90 -30.81 18.10
N THR A 190 -5.18 -30.71 18.48
CA THR A 190 -6.03 -31.91 18.51
C THR A 190 -6.28 -32.45 17.10
N MET A 191 -6.62 -31.58 16.15
CA MET A 191 -6.79 -32.02 14.76
C MET A 191 -5.52 -32.63 14.22
N LEU A 192 -4.38 -32.02 14.54
CA LEU A 192 -3.11 -32.49 14.02
C LEU A 192 -2.78 -33.87 14.57
N GLU A 193 -3.03 -34.11 15.87
CA GLU A 193 -2.82 -35.46 16.38
C GLU A 193 -3.65 -36.48 15.61
N ALA A 194 -4.89 -36.14 15.27
CA ALA A 194 -5.73 -37.06 14.51
C ALA A 194 -5.21 -37.27 13.09
N LEU A 195 -4.56 -36.25 12.50
CA LEU A 195 -4.08 -36.41 11.12
C LEU A 195 -2.80 -37.24 11.03
N LYS A 196 -2.00 -37.29 12.09
CA LYS A 196 -0.71 -37.97 12.00
C LYS A 196 -0.82 -39.38 11.44
N PRO A 197 -1.67 -40.25 11.96
CA PRO A 197 -1.73 -41.62 11.45
C PRO A 197 -2.00 -41.70 9.95
N VAL A 198 -3.04 -40.98 9.48
CA VAL A 198 -3.45 -41.09 8.09
C VAL A 198 -2.42 -40.45 7.17
N LEU A 199 -1.82 -39.34 7.60
CA LEU A 199 -0.77 -38.72 6.80
C LEU A 199 0.44 -39.63 6.66
N GLU A 200 0.80 -40.34 7.75
CA GLU A 200 1.88 -41.33 7.66
C GLU A 200 1.51 -42.45 6.69
N GLU A 201 0.25 -42.92 6.77
CA GLU A 201 -0.20 -43.97 5.88
C GLU A 201 -0.17 -43.50 4.43
N LEU A 202 -0.71 -42.32 4.17
CA LEU A 202 -0.75 -41.80 2.80
C LEU A 202 0.65 -41.56 2.27
N SER A 203 1.53 -41.03 3.10
CA SER A 203 2.88 -40.70 2.62
C SER A 203 3.83 -41.87 2.70
N GLN A 204 3.47 -42.92 3.44
CA GLN A 204 4.41 -43.99 3.76
C GLN A 204 5.67 -43.43 4.41
N GLY A 205 5.50 -42.36 5.20
CA GLY A 205 6.58 -41.72 5.92
C GLY A 205 6.40 -41.71 7.43
N GLN A 206 7.29 -41.02 8.13
CA GLN A 206 7.28 -40.94 9.59
C GLN A 206 6.84 -39.55 10.01
N SER A 207 5.94 -39.49 10.97
CA SER A 207 5.52 -38.21 11.52
C SER A 207 6.56 -37.75 12.54
N LEU A 208 7.11 -36.55 12.34
CA LEU A 208 8.02 -35.94 13.30
C LEU A 208 7.27 -35.15 14.36
N MET A 209 6.23 -34.45 13.97
CA MET A 209 5.48 -33.59 14.88
C MET A 209 4.20 -33.18 14.19
N GLY A 210 3.24 -32.73 14.99
CA GLY A 210 2.03 -32.07 14.53
C GLY A 210 1.70 -30.93 15.46
N ILE A 211 1.80 -29.68 15.00
CA ILE A 211 1.74 -28.56 15.93
C ILE A 211 1.29 -27.31 15.16
N LEU A 212 0.60 -26.42 15.87
CA LEU A 212 0.21 -25.18 15.24
C LEU A 212 1.46 -24.36 14.92
N SER A 213 1.30 -23.42 14.00
CA SER A 213 2.35 -22.49 13.66
C SER A 213 1.98 -21.09 14.11
N ASN A 214 2.91 -20.41 14.79
CA ASN A 214 2.74 -19.02 15.17
C ASN A 214 3.12 -18.05 14.06
N TYR A 215 3.52 -18.56 12.89
CA TYR A 215 3.75 -17.73 11.72
C TYR A 215 2.42 -17.62 10.99
N ALA A 216 1.55 -16.75 11.51
CA ALA A 216 0.13 -16.79 11.23
C ALA A 216 -0.23 -15.94 10.01
N THR A 217 0.24 -16.40 8.84
CA THR A 217 0.07 -15.62 7.61
C THR A 217 -1.33 -15.71 7.01
N ASP A 218 -2.19 -16.55 7.54
CA ASP A 218 -3.62 -16.61 7.22
C ASP A 218 -4.44 -15.69 8.13
N SER A 219 -3.78 -14.88 8.95
CA SER A 219 -4.43 -13.95 9.88
C SER A 219 -3.84 -12.55 9.76
N LEU A 220 -3.57 -12.09 8.54
CA LEU A 220 -3.00 -10.77 8.34
C LEU A 220 -4.01 -9.66 8.57
N VAL A 221 -3.56 -8.59 9.20
CA VAL A 221 -4.37 -7.40 9.43
C VAL A 221 -3.57 -6.19 9.01
N THR A 222 -4.21 -5.26 8.31
CA THR A 222 -3.58 -4.03 7.83
C THR A 222 -4.28 -2.83 8.49
N ALA A 223 -3.49 -1.88 8.94
CA ALA A 223 -4.00 -0.61 9.43
C ALA A 223 -3.25 0.50 8.72
N SER A 224 -3.92 1.62 8.47
CA SER A 224 -3.28 2.74 7.82
C SER A 224 -3.87 4.05 8.33
N CYS A 225 -3.13 5.16 8.10
CA CYS A 225 -3.63 6.50 8.39
C CYS A 225 -3.06 7.47 7.38
N ARG A 226 -3.69 8.65 7.31
CA ARG A 226 -3.31 9.71 6.38
C ARG A 226 -3.36 10.99 7.18
N ILE A 227 -2.19 11.59 7.44
CA ILE A 227 -2.09 12.71 8.37
C ILE A 227 -1.71 13.93 7.55
N ALA A 228 -2.63 14.88 7.43
CA ALA A 228 -2.35 16.12 6.75
C ALA A 228 -1.16 16.82 7.39
N PHE A 229 -0.34 17.48 6.57
CA PHE A 229 0.83 18.17 7.09
C PHE A 229 0.48 19.17 8.19
N ARG A 230 -0.72 19.77 8.13
CA ARG A 230 -1.09 20.78 9.11
C ARG A 230 -1.36 20.17 10.48
N TYR A 231 -1.60 18.87 10.55
CA TYR A 231 -1.75 18.21 11.84
C TYR A 231 -0.40 17.82 12.43
N LEU A 232 0.68 17.95 11.67
CA LEU A 232 2.02 17.67 12.20
C LEU A 232 2.69 18.90 12.76
N SER A 233 2.21 20.10 12.40
CA SER A 233 2.84 21.32 12.89
C SER A 233 1.98 22.52 12.55
N ARG A 234 1.94 23.49 13.48
CA ARG A 234 1.23 24.74 13.27
C ARG A 234 1.95 25.69 12.31
N GLN A 235 3.28 25.62 12.25
CA GLN A 235 4.06 26.56 11.43
C GLN A 235 3.99 26.29 9.93
N LYS A 236 3.22 25.30 9.48
CA LYS A 236 3.04 25.02 8.05
C LYS A 236 4.16 24.21 7.43
N ASP A 237 5.16 24.88 6.84
CA ASP A 237 6.22 24.16 6.15
C ASP A 237 6.92 23.19 7.08
N GLN A 238 6.99 23.53 8.36
CA GLN A 238 7.58 22.63 9.33
C GLN A 238 6.88 21.27 9.26
N GLY A 239 5.55 21.29 9.05
CA GLY A 239 4.81 20.05 8.95
C GLY A 239 5.33 19.16 7.82
N ARG A 240 5.61 19.76 6.65
CA ARG A 240 6.14 18.97 5.55
C ARG A 240 7.52 18.42 5.87
N GLU A 241 8.37 19.21 6.53
CA GLU A 241 9.69 18.74 6.92
C GLU A 241 9.60 17.57 7.88
N ILE A 242 8.67 17.63 8.84
CA ILE A 242 8.48 16.51 9.74
C ILE A 242 8.01 15.28 8.97
N ALA A 243 7.03 15.44 8.10
CA ALA A 243 6.59 14.34 7.27
C ALA A 243 7.76 13.74 6.50
N GLU A 244 8.58 14.60 5.90
CA GLU A 244 9.71 14.12 5.11
C GLU A 244 10.69 13.34 5.96
N LYS A 245 10.95 13.78 7.19
CA LYS A 245 11.91 13.09 8.04
C LYS A 245 11.36 11.77 8.57
N ILE A 246 10.06 11.72 8.85
CA ILE A 246 9.46 10.47 9.31
C ILE A 246 9.51 9.41 8.20
N ALA A 247 9.20 9.81 6.97
CA ALA A 247 9.35 8.90 5.85
C ALA A 247 10.80 8.43 5.72
N LEU A 248 11.76 9.36 5.88
CA LEU A 248 13.17 8.97 5.83
C LEU A 248 13.52 7.95 6.93
N ALA A 249 13.03 8.18 8.15
CA ALA A 249 13.28 7.23 9.23
C ALA A 249 12.69 5.86 8.93
N SER A 250 11.49 5.85 8.33
CA SER A 250 10.89 4.59 7.89
C SER A 250 11.77 3.89 6.84
N GLN A 251 12.34 4.67 5.92
CA GLN A 251 13.23 4.11 4.90
C GLN A 251 14.52 3.58 5.53
N PHE A 252 15.04 4.29 6.52
CA PHE A 252 16.23 3.82 7.22
C PHE A 252 15.97 2.45 7.82
N ALA A 253 14.76 2.23 8.33
CA ALA A 253 14.40 0.93 8.91
C ALA A 253 14.25 -0.16 7.87
N GLN A 254 13.99 0.21 6.61
CA GLN A 254 14.04 -0.78 5.54
C GLN A 254 15.46 -1.15 5.17
N ALA A 255 16.43 -0.28 5.47
CA ALA A 255 17.79 -0.45 5.02
C ALA A 255 18.70 -1.11 6.03
N ASP A 256 18.48 -0.87 7.32
CA ASP A 256 19.42 -1.33 8.36
C ASP A 256 18.73 -2.18 9.41
N PRO A 257 19.04 -3.48 9.49
CA PRO A 257 18.49 -4.31 10.58
C PRO A 257 18.76 -3.75 11.97
N TYR A 258 19.88 -3.05 12.19
CA TYR A 258 20.10 -2.44 13.51
C TYR A 258 19.03 -1.41 13.82
N ARG A 259 18.53 -0.71 12.79
CA ARG A 259 17.41 0.21 12.98
C ARG A 259 16.08 -0.54 13.01
N ALA A 260 15.90 -1.53 12.13
CA ALA A 260 14.61 -2.23 12.07
C ALA A 260 14.25 -2.83 13.44
N ALA A 261 15.24 -3.43 14.12
CA ALA A 261 14.97 -4.05 15.41
C ALA A 261 14.38 -3.03 16.39
N THR A 262 14.93 -1.81 16.42
CA THR A 262 14.43 -0.77 17.33
C THR A 262 13.07 -0.23 16.86
N HIS A 263 12.94 -0.01 15.56
CA HIS A 263 11.66 0.37 14.96
C HIS A 263 10.56 -0.59 15.37
N ASN A 264 10.81 -1.89 15.23
CA ASN A 264 9.79 -2.90 15.49
C ASN A 264 9.57 -3.06 16.98
N LYS A 265 10.64 -2.98 17.76
CA LYS A 265 10.49 -2.95 19.22
C LYS A 265 9.54 -1.82 19.63
N GLY A 266 9.71 -0.65 19.04
CA GLY A 266 8.89 0.49 19.42
C GLY A 266 7.41 0.24 19.15
N ILE A 267 7.12 -0.46 18.05
CA ILE A 267 5.76 -0.88 17.74
C ILE A 267 5.21 -1.80 18.83
N PHE A 268 6.04 -2.72 19.31
CA PHE A 268 5.53 -3.73 20.25
C PHE A 268 5.49 -3.24 21.69
N ASN A 269 6.10 -2.10 21.98
CA ASN A 269 5.79 -1.41 23.24
C ASN A 269 4.28 -1.22 23.37
N GLY A 270 3.61 -0.85 22.28
CA GLY A 270 2.18 -0.65 22.31
C GLY A 270 1.39 -1.94 22.17
N ILE A 271 1.77 -2.74 21.17
CA ILE A 271 1.02 -3.97 20.89
C ILE A 271 1.03 -4.90 22.10
N ASP A 272 2.20 -5.13 22.69
CA ASP A 272 2.23 -6.04 23.83
C ASP A 272 1.44 -5.46 25.00
N ALA A 273 1.43 -4.13 25.13
CA ALA A 273 0.71 -3.48 26.23
C ALA A 273 -0.79 -3.78 26.18
N ILE A 274 -1.39 -3.71 24.98
CA ILE A 274 -2.81 -4.02 24.89
C ILE A 274 -3.05 -5.53 24.82
N LEU A 275 -2.08 -6.31 24.32
CA LEU A 275 -2.21 -7.76 24.36
C LEU A 275 -2.30 -8.25 25.80
N ILE A 276 -1.40 -7.79 26.66
CA ILE A 276 -1.48 -8.19 28.06
C ILE A 276 -2.83 -7.77 28.64
N ALA A 277 -3.25 -6.53 28.37
CA ALA A 277 -4.50 -6.03 28.95
C ALA A 277 -5.71 -6.86 28.56
N THR A 278 -5.69 -7.49 27.38
CA THR A 278 -6.81 -8.28 26.90
C THR A 278 -6.56 -9.80 27.04
N GLY A 279 -5.54 -10.19 27.80
CA GLY A 279 -5.29 -11.59 28.07
C GLY A 279 -4.78 -12.40 26.90
N ASN A 280 -4.19 -11.77 25.89
CA ASN A 280 -3.71 -12.49 24.71
C ASN A 280 -2.21 -12.84 24.84
N ASP A 281 -1.80 -13.86 24.09
CA ASP A 281 -0.45 -14.42 24.15
C ASP A 281 0.48 -13.52 23.37
N TRP A 282 1.28 -12.70 24.06
CA TRP A 282 2.13 -11.78 23.33
C TRP A 282 3.39 -12.46 22.78
N ARG A 283 3.82 -13.60 23.33
CA ARG A 283 4.92 -14.32 22.69
C ARG A 283 4.55 -14.75 21.28
N ALA A 284 3.30 -15.20 21.10
CA ALA A 284 2.82 -15.64 19.79
C ALA A 284 2.80 -14.50 18.77
N ILE A 285 2.25 -13.34 19.15
CA ILE A 285 2.18 -12.21 18.23
C ILE A 285 3.58 -11.69 17.93
N GLU A 286 4.41 -11.55 18.96
CA GLU A 286 5.80 -11.11 18.75
C GLU A 286 6.50 -12.00 17.73
N ALA A 287 6.43 -13.31 17.94
CA ALA A 287 7.18 -14.24 17.09
C ALA A 287 6.73 -14.17 15.64
N GLY A 288 5.41 -14.24 15.42
CA GLY A 288 4.92 -14.24 14.05
C GLY A 288 5.25 -12.95 13.33
N ALA A 289 5.21 -11.84 14.05
CA ALA A 289 5.39 -10.53 13.43
C ALA A 289 6.86 -10.30 13.08
N HIS A 290 7.75 -10.60 14.02
CA HIS A 290 9.18 -10.50 13.74
C HIS A 290 9.58 -11.47 12.64
N ALA A 291 8.95 -12.64 12.57
CA ALA A 291 9.19 -13.51 11.43
C ALA A 291 8.74 -12.85 10.14
N PHE A 292 7.59 -12.16 10.19
CA PHE A 292 7.06 -11.48 9.02
C PHE A 292 7.99 -10.39 8.55
N ALA A 293 8.73 -9.78 9.48
CA ALA A 293 9.59 -8.65 9.15
C ALA A 293 10.76 -9.04 8.25
N SER A 294 11.08 -10.33 8.13
CA SER A 294 12.16 -10.76 7.26
C SER A 294 11.65 -11.58 6.08
N ARG A 295 10.38 -11.38 5.69
CA ARG A 295 9.84 -12.19 4.60
C ARG A 295 10.49 -11.89 3.26
N ASP A 296 11.09 -10.71 3.09
CA ASP A 296 11.75 -10.35 1.84
C ASP A 296 13.24 -10.67 1.84
N GLY A 297 13.72 -11.49 2.77
CA GLY A 297 15.11 -11.87 2.80
C GLY A 297 16.01 -11.04 3.70
N ARG A 298 15.47 -10.00 4.32
CA ARG A 298 16.24 -9.16 5.24
C ARG A 298 15.30 -8.73 6.35
N TYR A 299 15.82 -8.68 7.58
CA TYR A 299 15.01 -8.20 8.69
C TYR A 299 14.76 -6.70 8.55
N GLN A 300 13.50 -6.31 8.37
CA GLN A 300 13.17 -4.94 8.03
C GLN A 300 12.04 -4.42 8.91
N GLY A 301 11.86 -3.10 8.88
CA GLY A 301 10.77 -2.49 9.63
C GLY A 301 9.41 -2.97 9.16
N LEU A 302 8.49 -3.14 10.11
CA LEU A 302 7.18 -3.73 9.86
C LEU A 302 6.16 -2.73 9.34
N SER A 303 6.45 -1.45 9.41
CA SER A 303 5.55 -0.40 8.96
C SER A 303 6.27 0.47 7.94
N CYS A 304 5.47 1.16 7.13
CA CYS A 304 6.00 2.04 6.09
CA CYS A 304 6.01 2.04 6.10
C CYS A 304 5.31 3.39 6.20
N TRP A 305 6.10 4.45 6.22
CA TRP A 305 5.60 5.81 6.19
C TRP A 305 6.08 6.48 4.92
N THR A 306 5.16 7.12 4.21
CA THR A 306 5.49 7.66 2.90
C THR A 306 4.90 9.05 2.75
N LEU A 307 5.56 9.88 1.92
CA LEU A 307 5.07 11.22 1.64
C LEU A 307 4.05 11.15 0.53
N ASP A 308 2.91 11.79 0.74
CA ASP A 308 1.96 12.09 -0.32
C ASP A 308 2.04 13.61 -0.51
N LEU A 309 3.05 14.05 -1.27
CA LEU A 309 3.23 15.49 -1.46
C LEU A 309 2.02 16.11 -2.15
N GLU A 310 1.40 15.37 -3.08
CA GLU A 310 0.29 15.92 -3.83
C GLU A 310 -0.92 16.21 -2.94
N ARG A 311 -1.25 15.30 -2.03
CA ARG A 311 -2.35 15.54 -1.09
C ARG A 311 -1.89 16.22 0.19
N GLU A 312 -0.60 16.50 0.31
CA GLU A 312 0.01 17.07 1.52
C GLU A 312 -0.34 16.23 2.74
N GLU A 313 -0.02 14.93 2.65
CA GLU A 313 -0.33 14.01 3.74
C GLU A 313 0.86 13.11 4.03
N LEU A 314 1.05 12.79 5.31
CA LEU A 314 1.96 11.74 5.73
C LEU A 314 1.13 10.47 5.87
N VAL A 315 1.54 9.41 5.18
CA VAL A 315 0.74 8.19 5.08
C VAL A 315 1.45 7.06 5.81
N GLY A 316 0.75 6.39 6.71
CA GLY A 316 1.28 5.27 7.45
C GLY A 316 0.46 4.01 7.24
N GLU A 317 1.15 2.87 7.20
CA GLU A 317 0.53 1.57 6.92
C GLU A 317 1.34 0.47 7.59
N MET A 318 0.65 -0.55 8.10
CA MET A 318 1.34 -1.67 8.72
C MET A 318 0.47 -2.91 8.61
N THR A 319 1.04 -4.00 8.09
CA THR A 319 0.37 -5.29 8.01
C THR A 319 1.10 -6.30 8.90
N LEU A 320 0.35 -7.00 9.74
CA LEU A 320 0.93 -7.98 10.63
C LEU A 320 0.05 -9.21 10.72
N PRO A 321 0.64 -10.36 11.04
CA PRO A 321 -0.16 -11.50 11.52
C PRO A 321 -0.69 -11.17 12.91
N MET A 322 -2.01 -11.26 13.07
CA MET A 322 -2.65 -10.81 14.31
C MET A 322 -3.76 -11.78 14.71
N PRO A 323 -3.41 -13.03 14.96
CA PRO A 323 -4.40 -14.03 15.39
C PRO A 323 -4.74 -13.90 16.88
N VAL A 324 -5.32 -12.76 17.27
CA VAL A 324 -5.64 -12.54 18.67
C VAL A 324 -6.97 -13.22 18.99
N ALA A 325 -7.38 -13.21 20.26
CA ALA A 325 -8.57 -13.95 20.66
C ALA A 325 -9.42 -13.11 21.61
N THR A 326 -10.71 -13.48 21.72
CA THR A 326 -11.59 -12.92 22.73
C THR A 326 -12.16 -14.00 23.64
N LYS A 327 -11.87 -15.27 23.36
CA LYS A 327 -12.27 -16.40 24.18
C LYS A 327 -11.09 -17.32 24.40
N GLY A 328 -11.07 -17.95 25.58
CA GLY A 328 -10.04 -18.90 25.97
C GLY A 328 -8.98 -18.30 26.88
N GLY A 329 -7.97 -19.13 27.18
CA GLY A 329 -6.88 -18.74 28.06
C GLY A 329 -7.35 -18.03 29.32
N SER A 330 -6.57 -17.03 29.74
CA SER A 330 -6.90 -16.23 30.91
C SER A 330 -8.02 -15.23 30.64
N ILE A 331 -8.50 -15.18 29.41
CA ILE A 331 -9.56 -14.25 29.03
C ILE A 331 -10.76 -14.60 29.88
N GLY A 332 -11.16 -13.70 30.78
CA GLY A 332 -12.28 -13.92 31.64
C GLY A 332 -11.92 -14.39 33.03
N LEU A 333 -10.77 -15.07 33.21
CA LEU A 333 -10.41 -15.48 34.56
C LEU A 333 -9.78 -14.32 35.30
N ASN A 334 -8.90 -13.56 34.64
CA ASN A 334 -8.34 -12.38 35.25
C ASN A 334 -9.38 -11.28 35.21
N PRO A 335 -9.89 -10.81 36.35
CA PRO A 335 -10.99 -9.83 36.29
C PRO A 335 -10.64 -8.58 35.52
N ARG A 336 -9.38 -8.15 35.51
CA ARG A 336 -9.05 -6.96 34.75
C ARG A 336 -9.01 -7.24 33.25
N VAL A 337 -8.75 -8.49 32.84
CA VAL A 337 -8.84 -8.80 31.40
C VAL A 337 -10.28 -8.73 30.94
N ALA A 338 -11.20 -9.35 31.69
CA ALA A 338 -12.61 -9.24 31.35
C ALA A 338 -13.02 -7.78 31.28
N LEU A 339 -12.54 -6.97 32.22
CA LEU A 339 -12.87 -5.55 32.22
C LEU A 339 -12.34 -4.87 30.96
N SER A 340 -11.11 -5.20 30.55
CA SER A 340 -10.54 -4.60 29.34
C SER A 340 -11.40 -4.87 28.11
N HIS A 341 -11.89 -6.10 27.97
CA HIS A 341 -12.76 -6.39 26.83
C HIS A 341 -14.07 -5.60 26.93
N ASP A 342 -14.69 -5.53 28.12
CA ASP A 342 -15.89 -4.72 28.24
C ASP A 342 -15.59 -3.27 27.87
N LEU A 343 -14.45 -2.77 28.33
CA LEU A 343 -14.04 -1.40 28.02
C LEU A 343 -14.02 -1.13 26.52
N LEU A 344 -13.59 -2.11 25.73
CA LEU A 344 -13.51 -1.92 24.29
C LEU A 344 -14.85 -2.13 23.60
N GLY A 345 -15.92 -2.40 24.35
CA GLY A 345 -17.21 -2.69 23.75
C GLY A 345 -17.35 -4.14 23.34
N ASN A 346 -16.56 -5.03 23.94
CA ASN A 346 -16.60 -6.45 23.64
C ASN A 346 -16.43 -6.70 22.13
N PRO A 347 -15.35 -6.18 21.54
CA PRO A 347 -15.16 -6.38 20.09
C PRO A 347 -14.98 -7.85 19.76
N SER A 348 -15.36 -8.22 18.55
CA SER A 348 -14.98 -9.54 18.08
C SER A 348 -13.46 -9.61 17.96
N ALA A 349 -12.95 -10.84 17.83
CA ALA A 349 -11.51 -10.99 17.63
C ALA A 349 -11.04 -10.22 16.41
N ARG A 350 -11.80 -10.29 15.31
CA ARG A 350 -11.47 -9.53 14.11
C ARG A 350 -11.41 -8.04 14.41
N GLU A 351 -12.42 -7.52 15.11
CA GLU A 351 -12.40 -6.11 15.49
C GLU A 351 -11.21 -5.79 16.39
N LEU A 352 -10.94 -6.65 17.37
CA LEU A 352 -9.80 -6.42 18.27
C LEU A 352 -8.50 -6.40 17.51
N ALA A 353 -8.33 -7.33 16.56
CA ALA A 353 -7.13 -7.33 15.74
C ALA A 353 -6.95 -5.98 15.06
N GLN A 354 -8.06 -5.39 14.60
CA GLN A 354 -7.94 -4.12 13.92
C GLN A 354 -7.60 -3.00 14.89
N ILE A 355 -8.10 -3.07 16.12
CA ILE A 355 -7.71 -2.07 17.12
C ILE A 355 -6.23 -2.20 17.47
N ILE A 356 -5.76 -3.43 17.70
CA ILE A 356 -4.36 -3.59 18.08
C ILE A 356 -3.45 -3.16 16.95
N GLU A 357 -3.76 -3.54 15.71
CA GLU A 357 -2.93 -3.13 14.59
C GLU A 357 -2.80 -1.63 14.53
N SER A 358 -3.91 -0.92 14.72
CA SER A 358 -3.92 0.53 14.75
C SER A 358 -3.06 1.08 15.90
N ILE A 359 -3.19 0.48 17.09
CA ILE A 359 -2.40 0.93 18.23
C ILE A 359 -0.89 0.83 17.92
N GLY A 360 -0.47 -0.28 17.33
CA GLY A 360 0.95 -0.44 17.02
C GLY A 360 1.47 0.66 16.10
N LEU A 361 0.69 0.98 15.07
CA LEU A 361 1.04 2.05 14.14
C LEU A 361 1.02 3.40 14.84
N ALA A 362 0.08 3.62 15.75
CA ALA A 362 0.07 4.86 16.53
C ALA A 362 1.35 4.99 17.34
N GLN A 363 1.70 3.92 18.05
CA GLN A 363 2.93 3.91 18.84
C GLN A 363 4.14 4.21 17.97
N ASN A 364 4.19 3.57 16.81
CA ASN A 364 5.29 3.78 15.88
C ASN A 364 5.36 5.23 15.43
N PHE A 365 4.20 5.84 15.14
CA PHE A 365 4.19 7.24 14.69
C PHE A 365 4.81 8.14 15.75
N ALA A 366 4.42 7.97 17.01
CA ALA A 366 4.96 8.82 18.06
C ALA A 366 6.47 8.61 18.23
N ALA A 367 6.93 7.37 18.12
CA ALA A 367 8.37 7.12 18.23
C ALA A 367 9.14 7.84 17.12
N LEU A 368 8.69 7.69 15.86
CA LEU A 368 9.42 8.31 14.75
C LEU A 368 9.35 9.82 14.82
N LYS A 369 8.16 10.37 15.11
CA LYS A 369 8.03 11.83 15.22
C LYS A 369 8.96 12.39 16.28
N ALA A 370 8.97 11.76 17.45
CA ALA A 370 9.86 12.23 18.51
C ALA A 370 11.33 12.08 18.10
N LEU A 371 11.64 11.00 17.37
CA LEU A 371 13.03 10.74 16.98
C LEU A 371 13.59 11.82 16.04
N VAL A 372 12.79 12.26 15.06
CA VAL A 372 13.30 13.17 14.03
C VAL A 372 13.03 14.63 14.34
N SER A 373 12.25 14.93 15.37
CA SER A 373 11.88 16.30 15.69
C SER A 373 12.85 16.92 16.67
N LYS B 13 1.72 -29.67 45.97
CA LYS B 13 1.51 -28.90 47.18
C LYS B 13 0.53 -27.76 46.93
N SER B 14 -0.18 -27.36 47.96
CA SER B 14 -1.03 -26.17 47.88
C SER B 14 -0.18 -24.90 47.86
N TYR B 15 -0.83 -23.81 47.45
CA TYR B 15 -0.21 -22.49 47.52
C TYR B 15 0.46 -22.23 48.88
N GLN B 16 -0.30 -22.37 49.96
CA GLN B 16 0.25 -22.14 51.30
C GLN B 16 1.39 -23.11 51.60
N GLU B 17 1.27 -24.38 51.19
CA GLU B 17 2.34 -25.32 51.44
C GLU B 17 3.59 -24.93 50.65
N ARG B 18 3.41 -24.37 49.46
CA ARG B 18 4.55 -23.88 48.70
C ARG B 18 5.29 -22.78 49.46
N LEU B 19 4.56 -21.86 50.09
CA LEU B 19 5.20 -20.80 50.87
C LEU B 19 5.96 -21.37 52.06
N GLU B 20 5.38 -22.35 52.77
CA GLU B 20 6.09 -22.97 53.88
C GLU B 20 7.37 -23.63 53.40
N LEU B 21 7.31 -24.35 52.27
CA LEU B 21 8.50 -24.99 51.75
C LEU B 21 9.56 -23.97 51.36
N LEU B 22 9.17 -22.91 50.65
CA LEU B 22 10.11 -21.86 50.33
C LEU B 22 10.72 -21.26 51.60
N LYS B 23 9.91 -21.09 52.63
CA LYS B 23 10.44 -20.57 53.88
C LYS B 23 11.47 -21.51 54.50
N ALA B 24 11.20 -22.81 54.49
CA ALA B 24 12.14 -23.79 55.04
C ALA B 24 13.43 -23.87 54.25
N GLN B 25 13.36 -23.67 52.92
CA GLN B 25 14.56 -23.63 52.10
C GLN B 25 15.42 -22.40 52.35
N ALA B 26 14.87 -21.38 53.00
CA ALA B 26 15.61 -20.19 53.41
C ALA B 26 16.20 -19.44 52.21
N LEU B 27 15.48 -19.45 51.08
CA LEU B 27 15.98 -18.73 49.91
C LEU B 27 15.77 -17.23 50.03
N LEU B 28 14.85 -16.79 50.89
CA LEU B 28 14.57 -15.39 51.06
C LEU B 28 14.91 -15.02 52.49
N SER B 29 15.39 -13.80 52.68
CA SER B 29 15.56 -13.29 54.03
C SER B 29 14.20 -13.28 54.72
N PRO B 30 14.18 -13.24 56.05
CA PRO B 30 12.88 -13.21 56.73
C PRO B 30 11.99 -12.08 56.24
N GLU B 31 12.55 -10.91 55.97
CA GLU B 31 11.73 -9.77 55.52
C GLU B 31 11.16 -10.03 54.13
N ARG B 32 11.99 -10.53 53.20
CA ARG B 32 11.47 -10.84 51.87
C ARG B 32 10.43 -11.94 51.94
N GLN B 33 10.69 -12.98 52.76
CA GLN B 33 9.71 -14.05 52.87
C GLN B 33 8.37 -13.52 53.35
N ALA B 34 8.36 -12.66 54.39
CA ALA B 34 7.10 -12.10 54.88
C ALA B 34 6.42 -11.28 53.80
N SER B 35 7.19 -10.47 53.08
CA SER B 35 6.65 -9.70 51.95
C SER B 35 5.95 -10.61 50.95
N LEU B 36 6.61 -11.71 50.59
CA LEU B 36 5.98 -12.62 49.64
C LEU B 36 4.73 -13.26 50.24
N GLU B 37 4.77 -13.62 51.53
CA GLU B 37 3.58 -14.25 52.13
C GLU B 37 2.42 -13.27 52.19
N LYS B 38 2.69 -11.97 52.31
CA LYS B 38 1.61 -11.01 52.21
C LYS B 38 1.30 -10.67 50.75
N ASP B 39 1.97 -11.31 49.80
CA ASP B 39 1.80 -11.04 48.38
C ASP B 39 1.85 -9.54 48.10
N GLU B 40 2.91 -8.89 48.61
CA GLU B 40 3.05 -7.45 48.47
C GLU B 40 3.23 -7.04 47.01
N GLN B 41 2.46 -6.05 46.58
CA GLN B 41 2.46 -5.61 45.21
C GLN B 41 3.01 -4.19 45.11
N MET B 42 3.42 -3.83 43.90
CA MET B 42 3.66 -2.44 43.59
C MET B 42 2.37 -1.64 43.82
N SER B 43 2.47 -0.52 44.52
CA SER B 43 1.27 0.26 44.81
C SER B 43 0.85 1.08 43.59
N VAL B 44 -0.39 1.56 43.62
CA VAL B 44 -0.87 2.43 42.54
C VAL B 44 -0.04 3.69 42.46
N THR B 45 0.45 4.18 43.60
CA THR B 45 1.26 5.40 43.62
C THR B 45 2.57 5.19 42.88
N VAL B 46 3.21 4.04 43.08
CA VAL B 46 4.44 3.70 42.38
C VAL B 46 4.14 3.42 40.90
N ALA B 47 3.06 2.68 40.62
CA ALA B 47 2.67 2.43 39.24
C ALA B 47 2.49 3.74 38.49
N ASP B 48 1.91 4.74 39.16
CA ASP B 48 1.75 6.07 38.60
C ASP B 48 3.08 6.70 38.24
N GLN B 49 4.18 6.22 38.83
CA GLN B 49 5.51 6.74 38.47
C GLN B 49 6.16 5.98 37.34
N LEU B 50 5.70 4.78 37.04
CA LEU B 50 6.26 3.98 35.97
C LEU B 50 5.61 4.26 34.62
N SER B 51 4.34 4.65 34.61
CA SER B 51 3.59 4.80 33.37
C SER B 51 2.74 6.07 33.48
N GLU B 52 1.97 6.34 32.43
CA GLU B 52 1.08 7.49 32.35
C GLU B 52 -0.37 7.03 32.25
N ASN B 53 -1.29 7.96 32.52
CA ASN B 53 -2.73 7.72 32.48
C ASN B 53 -3.11 6.48 33.30
N VAL B 54 -2.40 6.28 34.43
CA VAL B 54 -2.60 5.09 35.24
C VAL B 54 -3.92 5.18 36.01
N VAL B 55 -4.71 4.12 35.94
CA VAL B 55 -6.02 4.08 36.61
C VAL B 55 -6.12 2.83 37.48
N GLY B 56 -5.00 2.13 37.66
CA GLY B 56 -5.00 0.93 38.47
C GLY B 56 -3.75 0.11 38.19
N THR B 57 -3.80 -1.14 38.63
CA THR B 57 -2.74 -2.09 38.38
C THR B 57 -3.33 -3.38 37.81
N PHE B 58 -2.45 -4.23 37.33
CA PHE B 58 -2.80 -5.47 36.63
C PHE B 58 -1.89 -6.57 37.15
N SER B 59 -2.45 -7.71 37.53
CA SER B 59 -1.70 -8.78 38.16
C SER B 59 -1.60 -10.00 37.25
N LEU B 60 -0.43 -10.66 37.29
CA LEU B 60 -0.17 -11.94 36.65
C LEU B 60 0.33 -12.93 37.70
N PRO B 61 0.36 -14.23 37.40
CA PRO B 61 0.91 -15.20 38.35
C PRO B 61 2.40 -15.03 38.54
N TYR B 62 2.88 -15.40 39.74
CA TYR B 62 4.29 -15.37 40.10
C TYR B 62 4.63 -16.75 40.62
N SER B 63 5.53 -17.44 39.91
CA SER B 63 5.81 -18.84 40.13
C SER B 63 7.31 -19.03 40.32
N LEU B 64 7.69 -20.21 40.81
CA LEU B 64 9.09 -20.57 41.00
C LEU B 64 9.43 -21.78 40.15
N VAL B 65 10.59 -21.74 39.50
CA VAL B 65 11.19 -22.84 38.76
C VAL B 65 12.42 -23.31 39.54
N PRO B 66 12.36 -24.45 40.23
CA PRO B 66 13.50 -24.85 41.06
C PRO B 66 14.55 -25.61 40.28
N GLU B 67 15.74 -25.68 40.89
CA GLU B 67 16.82 -26.56 40.42
C GLU B 67 17.30 -26.19 39.03
N VAL B 68 17.48 -24.90 38.80
CA VAL B 68 18.10 -24.39 37.59
C VAL B 68 19.60 -24.29 37.87
N LEU B 69 20.38 -25.16 37.22
CA LEU B 69 21.81 -25.31 37.50
C LEU B 69 22.59 -24.68 36.35
N VAL B 70 23.29 -23.59 36.65
CA VAL B 70 24.00 -22.82 35.63
C VAL B 70 25.45 -22.67 36.10
N ASN B 71 26.39 -23.17 35.29
CA ASN B 71 27.82 -23.09 35.64
C ASN B 71 28.07 -23.60 37.06
N GLY B 72 27.42 -24.70 37.42
CA GLY B 72 27.65 -25.30 38.71
C GLY B 72 26.99 -24.62 39.88
N GLN B 73 26.24 -23.54 39.67
CA GLN B 73 25.51 -22.87 40.73
C GLN B 73 24.01 -23.09 40.48
N GLU B 74 23.30 -23.52 41.51
CA GLU B 74 21.87 -23.83 41.39
C GLU B 74 21.03 -22.64 41.82
N TYR B 75 19.96 -22.38 41.05
CA TYR B 75 19.06 -21.26 41.30
C TYR B 75 17.62 -21.73 41.36
N THR B 76 16.79 -20.98 42.09
CA THR B 76 15.33 -21.06 41.98
C THR B 76 14.91 -19.81 41.23
N VAL B 77 14.35 -20.00 40.04
CA VAL B 77 14.11 -18.91 39.10
C VAL B 77 12.66 -18.47 39.21
N PRO B 78 12.39 -17.17 39.29
CA PRO B 78 11.00 -16.71 39.28
C PRO B 78 10.45 -16.55 37.86
N TYR B 79 9.18 -16.89 37.68
CA TYR B 79 8.50 -16.78 36.39
C TYR B 79 7.22 -15.99 36.55
N VAL B 80 6.94 -15.10 35.59
CA VAL B 80 5.63 -14.46 35.47
C VAL B 80 5.06 -14.80 34.10
N THR B 81 4.08 -15.71 34.07
CA THR B 81 3.41 -16.09 32.83
C THR B 81 1.94 -16.40 33.11
N GLU B 82 1.09 -16.16 32.10
CA GLU B 82 -0.33 -16.47 32.17
C GLU B 82 -0.67 -17.75 31.42
N GLU B 83 0.35 -18.47 30.93
CA GLU B 83 0.13 -19.60 30.04
C GLU B 83 0.29 -20.91 30.79
N PRO B 84 -0.74 -21.74 30.86
CA PRO B 84 -0.64 -23.02 31.55
C PRO B 84 0.46 -23.89 30.97
N SER B 85 1.11 -24.65 31.84
CA SER B 85 2.10 -25.69 31.56
C SER B 85 3.49 -25.11 31.32
N VAL B 86 3.62 -23.78 31.13
CA VAL B 86 4.92 -23.18 30.86
C VAL B 86 5.87 -23.38 32.03
N VAL B 87 5.44 -23.05 33.26
CA VAL B 87 6.29 -23.24 34.43
C VAL B 87 6.60 -24.71 34.62
N ALA B 88 5.58 -25.56 34.53
CA ALA B 88 5.79 -26.99 34.71
C ALA B 88 6.81 -27.52 33.72
N ALA B 89 6.74 -27.06 32.46
CA ALA B 89 7.70 -27.49 31.46
C ALA B 89 9.10 -27.08 31.84
N ALA B 90 9.27 -25.83 32.26
CA ALA B 90 10.61 -25.35 32.60
C ALA B 90 11.17 -26.13 33.79
N SER B 91 10.31 -26.45 34.76
CA SER B 91 10.76 -27.21 35.92
C SER B 91 11.18 -28.61 35.52
N TYR B 92 10.41 -29.21 34.62
CA TYR B 92 10.70 -30.55 34.13
C TYR B 92 12.04 -30.58 33.39
N ALA B 93 12.23 -29.63 32.48
CA ALA B 93 13.47 -29.55 31.73
C ALA B 93 14.66 -29.32 32.65
N SER B 94 14.50 -28.42 33.63
CA SER B 94 15.60 -28.09 34.53
C SER B 94 16.03 -29.31 35.33
N LYS B 95 15.05 -30.09 35.79
CA LYS B 95 15.34 -31.29 36.57
C LYS B 95 16.17 -32.28 35.75
N ILE B 96 15.72 -32.59 34.53
CA ILE B 96 16.47 -33.51 33.68
C ILE B 96 17.86 -32.98 33.41
N ILE B 97 17.96 -31.69 33.05
CA ILE B 97 19.27 -31.17 32.65
C ILE B 97 20.19 -31.07 33.86
N LYS B 98 19.64 -30.83 35.05
CA LYS B 98 20.44 -30.92 36.25
C LYS B 98 21.05 -32.31 36.41
N ARG B 99 20.25 -33.36 36.16
CA ARG B 99 20.80 -34.73 36.21
C ARG B 99 22.00 -34.87 35.29
N ALA B 100 21.95 -34.19 34.14
CA ALA B 100 22.97 -34.24 33.12
C ALA B 100 24.05 -33.18 33.31
N GLY B 101 24.18 -32.60 34.50
CA GLY B 101 25.26 -31.67 34.78
C GLY B 101 24.89 -30.19 34.74
N GLY B 102 23.65 -29.85 34.40
CA GLY B 102 23.28 -28.45 34.34
C GLY B 102 23.77 -27.80 33.06
N PHE B 103 23.58 -26.50 33.00
CA PHE B 103 23.98 -25.72 31.85
C PHE B 103 25.40 -25.17 32.02
N THR B 104 26.07 -24.99 30.90
CA THR B 104 27.31 -24.21 30.81
C THR B 104 26.98 -22.98 29.98
N ALA B 105 27.33 -21.79 30.48
CA ALA B 105 26.92 -20.55 29.84
C ALA B 105 28.06 -19.54 29.91
N GLN B 106 28.12 -18.64 28.92
CA GLN B 106 29.14 -17.60 28.91
C GLN B 106 28.65 -16.35 28.19
N VAL B 107 29.14 -15.19 28.64
CA VAL B 107 28.90 -13.91 27.99
C VAL B 107 30.09 -13.61 27.07
N HIS B 108 29.83 -13.42 25.76
CA HIS B 108 30.93 -13.15 24.83
C HIS B 108 31.42 -11.72 24.97
N GLN B 109 30.48 -10.80 25.12
CA GLN B 109 30.73 -9.37 25.26
C GLN B 109 29.48 -8.77 25.89
N ARG B 110 29.65 -7.60 26.50
CA ARG B 110 28.50 -6.86 27.04
C ARG B 110 28.72 -5.37 26.74
N GLN B 111 28.28 -4.94 25.58
CA GLN B 111 28.25 -3.53 25.24
C GLN B 111 26.96 -3.28 24.49
N MET B 112 26.44 -2.05 24.59
CA MET B 112 25.26 -1.63 23.85
C MET B 112 25.67 -0.83 22.62
N ILE B 113 24.85 -0.90 21.57
CA ILE B 113 25.13 -0.23 20.31
C ILE B 113 24.11 0.89 20.09
N GLY B 114 24.61 2.06 19.72
CA GLY B 114 23.76 3.15 19.28
C GLY B 114 24.23 3.67 17.93
N GLN B 115 23.32 4.37 17.25
CA GLN B 115 23.60 4.80 15.88
C GLN B 115 23.07 6.19 15.62
N VAL B 116 23.82 6.95 14.81
CA VAL B 116 23.36 8.18 14.20
C VAL B 116 23.30 7.91 12.70
N ALA B 117 22.13 8.19 12.10
CA ALA B 117 21.97 8.08 10.65
C ALA B 117 22.12 9.45 10.01
N LEU B 118 22.97 9.54 8.98
CA LEU B 118 23.19 10.78 8.25
C LEU B 118 22.72 10.59 6.81
N TYR B 119 22.14 11.65 6.24
CA TYR B 119 21.73 11.63 4.84
C TYR B 119 22.15 12.93 4.18
N GLN B 120 22.00 12.98 2.85
CA GLN B 120 22.44 14.14 2.08
C GLN B 120 23.92 14.41 2.28
N VAL B 121 24.72 13.34 2.30
CA VAL B 121 26.18 13.45 2.41
C VAL B 121 26.75 13.42 1.00
N ALA B 122 27.27 14.56 0.53
CA ALA B 122 27.69 14.65 -0.86
C ALA B 122 28.84 13.71 -1.17
N ASN B 123 29.81 13.59 -0.25
CA ASN B 123 30.99 12.77 -0.46
C ASN B 123 31.06 11.72 0.65
N PRO B 124 30.26 10.67 0.57
CA PRO B 124 30.26 9.67 1.65
C PRO B 124 31.63 9.03 1.88
N LYS B 125 32.41 8.74 0.84
CA LYS B 125 33.71 8.11 1.05
C LYS B 125 34.61 8.99 1.91
N LEU B 126 34.70 10.28 1.57
CA LEU B 126 35.50 11.19 2.38
C LEU B 126 34.93 11.31 3.79
N ALA B 127 33.62 11.51 3.90
CA ALA B 127 32.98 11.63 5.21
C ALA B 127 33.27 10.41 6.08
N GLN B 128 33.18 9.21 5.51
CA GLN B 128 33.53 8.00 6.24
C GLN B 128 34.96 8.04 6.77
N GLU B 129 35.91 8.49 5.93
CA GLU B 129 37.30 8.49 6.35
C GLU B 129 37.59 9.60 7.37
N LYS B 130 36.96 10.77 7.21
CA LYS B 130 37.13 11.83 8.20
C LYS B 130 36.65 11.38 9.58
N ILE B 131 35.45 10.80 9.64
CA ILE B 131 34.87 10.38 10.91
C ILE B 131 35.73 9.30 11.54
N ALA B 132 36.14 8.31 10.76
CA ALA B 132 36.94 7.23 11.30
C ALA B 132 38.24 7.76 11.91
N SER B 133 38.82 8.80 11.29
CA SER B 133 40.08 9.36 11.78
C SER B 133 39.91 10.16 13.07
N LYS B 134 38.68 10.54 13.42
CA LYS B 134 38.39 11.28 14.65
C LYS B 134 37.80 10.37 15.71
N LYS B 135 38.02 9.06 15.59
CA LYS B 135 37.42 8.09 16.48
C LYS B 135 37.64 8.44 17.94
N ALA B 136 38.91 8.57 18.37
CA ALA B 136 39.17 8.83 19.78
C ALA B 136 38.52 10.13 20.24
N GLU B 137 38.63 11.17 19.41
CA GLU B 137 38.04 12.45 19.76
CA GLU B 137 38.04 12.46 19.74
C GLU B 137 36.53 12.35 19.90
N LEU B 138 35.87 11.58 19.02
CA LEU B 138 34.41 11.44 19.08
C LEU B 138 33.98 10.59 20.28
N LEU B 139 34.76 9.56 20.62
CA LEU B 139 34.45 8.76 21.80
C LEU B 139 34.63 9.58 23.07
N GLU B 140 35.63 10.46 23.10
CA GLU B 140 35.81 11.34 24.24
C GLU B 140 34.64 12.32 24.36
N LEU B 141 34.12 12.77 23.23
CA LEU B 141 32.96 13.66 23.25
C LEU B 141 31.74 12.96 23.83
N ALA B 142 31.47 11.72 23.40
CA ALA B 142 30.34 10.99 23.97
C ALA B 142 30.52 10.79 25.47
N ASN B 143 31.73 10.48 25.90
CA ASN B 143 31.96 10.26 27.32
C ASN B 143 31.78 11.55 28.11
N GLN B 144 32.20 12.69 27.56
CA GLN B 144 31.99 13.95 28.26
C GLN B 144 30.52 14.36 28.29
N ALA B 145 29.70 13.89 27.35
CA ALA B 145 28.28 14.20 27.34
C ALA B 145 27.51 13.45 28.41
N TYR B 146 28.08 12.36 28.94
CA TYR B 146 27.44 11.54 29.98
C TYR B 146 28.54 11.12 30.94
N PRO B 147 29.10 12.08 31.68
CA PRO B 147 30.37 11.82 32.40
C PRO B 147 30.27 10.83 33.55
N SER B 148 29.08 10.49 34.03
CA SER B 148 29.01 9.58 35.17
C SER B 148 29.52 8.18 34.85
N ILE B 149 29.27 7.68 33.63
CA ILE B 149 29.61 6.28 33.33
C ILE B 149 31.12 6.07 33.29
N VAL B 150 31.89 7.05 32.82
CA VAL B 150 33.34 6.83 32.82
C VAL B 150 33.87 6.83 34.26
N LYS B 151 33.36 7.74 35.10
CA LYS B 151 33.78 7.73 36.50
C LYS B 151 33.49 6.39 37.16
N ARG B 152 32.44 5.72 36.74
CA ARG B 152 32.06 4.45 37.33
C ARG B 152 32.73 3.25 36.66
N GLY B 153 33.56 3.48 35.65
CA GLY B 153 34.31 2.41 34.99
C GLY B 153 33.84 1.97 33.62
N GLY B 154 32.75 2.53 33.10
CA GLY B 154 32.23 2.20 31.79
C GLY B 154 32.56 3.24 30.74
N GLY B 155 31.72 3.31 29.70
CA GLY B 155 31.79 4.39 28.74
C GLY B 155 31.85 3.88 27.31
N ALA B 156 31.92 4.84 26.38
CA ALA B 156 31.94 4.52 24.96
C ALA B 156 33.32 4.00 24.59
N ARG B 157 33.36 2.82 23.98
CA ARG B 157 34.59 2.08 23.73
C ARG B 157 35.01 2.03 22.28
N ASP B 158 34.08 2.11 21.34
CA ASP B 158 34.41 1.94 19.93
C ASP B 158 33.43 2.71 19.08
N LEU B 159 33.78 2.85 17.81
CA LEU B 159 32.98 3.59 16.84
C LEU B 159 33.31 3.04 15.46
N HIS B 160 32.29 2.85 14.64
CA HIS B 160 32.42 2.39 13.26
CA HIS B 160 32.58 2.61 13.24
C HIS B 160 31.47 3.20 12.38
N VAL B 161 31.86 3.43 11.13
CA VAL B 161 31.08 4.17 10.16
C VAL B 161 30.82 3.25 8.98
N GLU B 162 29.57 3.20 8.53
CA GLU B 162 29.16 2.34 7.43
C GLU B 162 28.33 3.15 6.46
N GLN B 163 28.58 2.93 5.18
CA GLN B 163 27.68 3.39 4.12
C GLN B 163 26.62 2.31 3.89
N ILE B 164 25.36 2.73 3.88
CA ILE B 164 24.24 1.85 3.56
C ILE B 164 23.57 2.47 2.34
N LYS B 165 23.82 1.87 1.17
CA LYS B 165 23.26 2.33 -0.09
C LYS B 165 21.78 2.00 -0.20
N GLY B 166 21.07 2.77 -1.01
CA GLY B 166 19.65 2.54 -1.17
C GLY B 166 18.95 3.82 -1.60
N GLU B 167 17.72 3.98 -1.07
CA GLU B 167 16.82 5.07 -1.44
C GLU B 167 16.34 5.78 -0.18
N PRO B 168 17.09 6.78 0.30
CA PRO B 168 18.36 7.24 -0.26
C PRO B 168 19.52 6.49 0.36
N ASP B 169 20.75 6.92 0.10
CA ASP B 169 21.90 6.37 0.81
C ASP B 169 21.96 6.94 2.23
N PHE B 170 22.42 6.12 3.17
CA PHE B 170 22.65 6.58 4.53
C PHE B 170 24.11 6.36 4.93
N LEU B 171 24.66 7.29 5.69
CA LEU B 171 25.94 7.09 6.36
C LEU B 171 25.64 6.92 7.84
N VAL B 172 25.97 5.76 8.39
CA VAL B 172 25.55 5.37 9.73
C VAL B 172 26.79 5.31 10.62
N VAL B 173 26.75 6.05 11.73
CA VAL B 173 27.78 6.00 12.76
C VAL B 173 27.23 5.19 13.92
N TYR B 174 27.94 4.12 14.27
CA TYR B 174 27.58 3.26 15.39
C TYR B 174 28.56 3.47 16.53
N ILE B 175 28.05 3.55 17.74
CA ILE B 175 28.91 3.59 18.92
C ILE B 175 28.64 2.36 19.77
N HIS B 176 29.69 1.88 20.42
CA HIS B 176 29.68 0.72 21.31
C HIS B 176 30.05 1.20 22.70
N VAL B 177 29.19 0.96 23.67
CA VAL B 177 29.26 1.62 24.96
C VAL B 177 29.17 0.57 26.04
N ASP B 178 30.07 0.64 27.01
CA ASP B 178 29.98 -0.17 28.22
C ASP B 178 29.04 0.53 29.20
N THR B 179 27.82 -0.02 29.37
CA THR B 179 26.83 0.56 30.25
C THR B 179 26.81 -0.12 31.61
N GLN B 180 27.69 -1.08 31.84
CA GLN B 180 27.85 -1.73 33.14
C GLN B 180 26.51 -2.40 33.46
N GLU B 181 25.88 -2.14 34.62
CA GLU B 181 24.71 -2.90 35.02
C GLU B 181 23.38 -2.36 34.46
N ALA B 182 23.41 -1.24 33.73
CA ALA B 182 22.20 -0.61 33.23
C ALA B 182 21.96 -0.93 31.75
N MET B 183 20.71 -0.74 31.32
CA MET B 183 20.38 -0.94 29.91
C MET B 183 20.93 0.18 29.02
N GLY B 184 20.89 1.42 29.50
CA GLY B 184 21.59 2.50 28.82
C GLY B 184 20.91 3.14 27.63
N ALA B 185 19.60 3.00 27.49
CA ALA B 185 18.93 3.71 26.40
C ALA B 185 19.15 5.21 26.54
N ASN B 186 18.95 5.74 27.75
CA ASN B 186 19.14 7.17 27.97
C ASN B 186 20.60 7.57 27.81
N MET B 187 21.52 6.75 28.31
CA MET B 187 22.95 7.03 28.14
C MET B 187 23.31 7.16 26.66
N LEU B 188 22.97 6.15 25.86
CA LEU B 188 23.32 6.20 24.45
C LEU B 188 22.62 7.36 23.76
N ASN B 189 21.35 7.56 24.05
CA ASN B 189 20.63 8.65 23.39
C ASN B 189 21.30 9.99 23.72
N THR B 190 21.77 10.17 24.95
CA THR B 190 22.46 11.41 25.33
C THR B 190 23.79 11.56 24.60
N MET B 191 24.58 10.48 24.56
CA MET B 191 25.86 10.52 23.85
C MET B 191 25.64 10.80 22.37
N LEU B 192 24.66 10.13 21.76
CA LEU B 192 24.45 10.28 20.33
C LEU B 192 24.00 11.69 19.99
N GLU B 193 23.12 12.26 20.83
CA GLU B 193 22.68 13.64 20.62
C GLU B 193 23.87 14.61 20.62
N ALA B 194 24.85 14.38 21.51
CA ALA B 194 26.03 15.24 21.55
C ALA B 194 26.89 15.09 20.31
N LEU B 195 26.89 13.90 19.71
CA LEU B 195 27.70 13.66 18.52
C LEU B 195 27.13 14.27 17.25
N LYS B 196 25.81 14.50 17.20
CA LYS B 196 25.15 14.96 15.97
C LYS B 196 25.79 16.19 15.33
N PRO B 197 25.99 17.31 16.03
CA PRO B 197 26.56 18.47 15.35
C PRO B 197 27.91 18.19 14.71
N VAL B 198 28.82 17.54 15.45
CA VAL B 198 30.15 17.32 14.91
C VAL B 198 30.11 16.28 13.79
N LEU B 199 29.25 15.28 13.93
CA LEU B 199 29.09 14.31 12.84
C LEU B 199 28.56 14.97 11.58
N GLU B 200 27.66 15.95 11.73
CA GLU B 200 27.17 16.68 10.56
C GLU B 200 28.27 17.51 9.93
N GLU B 201 29.05 18.23 10.75
CA GLU B 201 30.14 19.03 10.22
C GLU B 201 31.18 18.15 9.54
N LEU B 202 31.54 17.03 10.19
CA LEU B 202 32.55 16.16 9.61
C LEU B 202 32.08 15.59 8.27
N SER B 203 30.81 15.23 8.17
CA SER B 203 30.29 14.63 6.95
C SER B 203 29.69 15.67 6.01
N GLN B 204 29.46 16.89 6.48
CA GLN B 204 28.68 17.89 5.75
C GLN B 204 27.32 17.32 5.35
N GLY B 205 26.77 16.49 6.22
CA GLY B 205 25.48 15.87 5.97
C GLY B 205 24.42 16.25 6.99
N GLN B 206 23.26 15.61 6.88
CA GLN B 206 22.12 15.87 7.74
C GLN B 206 21.93 14.71 8.70
N SER B 207 21.76 15.02 9.98
CA SER B 207 21.49 14.00 10.97
C SER B 207 20.00 13.66 10.94
N LEU B 208 19.68 12.38 10.76
CA LEU B 208 18.28 11.97 10.77
C LEU B 208 17.81 11.62 12.18
N MET B 209 18.65 10.91 12.94
CA MET B 209 18.26 10.42 14.26
C MET B 209 19.52 9.96 14.99
N GLY B 210 19.42 9.90 16.31
CA GLY B 210 20.43 9.31 17.16
C GLY B 210 19.77 8.49 18.24
N ILE B 211 19.95 7.17 18.23
CA ILE B 211 19.09 6.31 19.03
C ILE B 211 19.84 5.01 19.32
N LEU B 212 19.55 4.40 20.47
CA LEU B 212 20.15 3.10 20.71
C LEU B 212 19.59 2.09 19.73
N SER B 213 20.30 0.97 19.55
CA SER B 213 19.85 -0.10 18.68
C SER B 213 19.52 -1.33 19.52
N ASN B 214 18.34 -1.89 19.30
CA ASN B 214 17.96 -3.14 19.97
C ASN B 214 18.50 -4.38 19.28
N TYR B 215 19.27 -4.24 18.20
CA TYR B 215 19.96 -5.37 17.59
C TYR B 215 21.32 -5.48 18.29
N ALA B 216 21.29 -6.12 19.45
CA ALA B 216 22.36 -5.97 20.43
C ALA B 216 23.44 -7.05 20.22
N THR B 217 24.12 -6.94 19.08
CA THR B 217 25.11 -7.93 18.73
C THR B 217 26.41 -7.80 19.52
N ASP B 218 26.57 -6.74 20.33
CA ASP B 218 27.69 -6.66 21.27
C ASP B 218 27.36 -7.25 22.64
N SER B 219 26.26 -7.99 22.77
CA SER B 219 25.87 -8.55 24.05
CA SER B 219 25.89 -8.57 24.06
C SER B 219 25.43 -10.00 23.88
N LEU B 220 26.12 -10.75 23.02
CA LEU B 220 25.75 -12.14 22.79
C LEU B 220 26.11 -13.01 24.01
N VAL B 221 25.21 -13.93 24.33
CA VAL B 221 25.33 -14.86 25.46
C VAL B 221 24.96 -16.25 24.99
N THR B 222 25.78 -17.26 25.34
CA THR B 222 25.57 -18.62 24.92
C THR B 222 25.42 -19.54 26.13
N ALA B 223 24.45 -20.44 26.03
CA ALA B 223 24.20 -21.50 27.01
C ALA B 223 24.14 -22.83 26.29
N SER B 224 24.58 -23.89 26.97
CA SER B 224 24.53 -25.21 26.38
C SER B 224 24.24 -26.23 27.45
N CYS B 225 23.83 -27.40 27.00
CA CYS B 225 23.63 -28.56 27.86
C CYS B 225 24.04 -29.79 27.07
N ARG B 226 24.29 -30.86 27.79
CA ARG B 226 24.78 -32.11 27.23
C ARG B 226 24.09 -33.24 27.98
N ILE B 227 23.15 -33.93 27.32
CA ILE B 227 22.22 -34.85 27.97
C ILE B 227 22.46 -36.27 27.45
N ALA B 228 23.00 -37.14 28.30
CA ALA B 228 23.17 -38.53 27.92
C ALA B 228 21.83 -39.14 27.54
N PHE B 229 21.85 -40.05 26.55
CA PHE B 229 20.60 -40.63 26.05
C PHE B 229 19.78 -41.28 27.17
N ARG B 230 20.45 -41.79 28.21
CA ARG B 230 19.76 -42.51 29.28
C ARG B 230 18.87 -41.61 30.11
N TYR B 231 19.08 -40.28 30.07
CA TYR B 231 18.15 -39.40 30.77
C TYR B 231 16.91 -39.13 29.95
N LEU B 232 16.85 -39.60 28.70
CA LEU B 232 15.67 -39.36 27.90
C LEU B 232 14.68 -40.50 27.91
N SER B 233 15.13 -41.72 28.19
CA SER B 233 14.34 -42.95 28.21
C SER B 233 15.23 -44.09 28.71
N ARG B 234 14.61 -45.03 29.42
CA ARG B 234 15.36 -46.19 29.91
C ARG B 234 15.71 -47.17 28.78
N GLN B 235 14.88 -47.27 27.75
CA GLN B 235 15.10 -48.22 26.66
C GLN B 235 16.19 -47.67 25.73
N LYS B 236 17.42 -48.15 25.93
CA LYS B 236 18.60 -47.70 25.21
C LYS B 236 18.31 -47.12 23.83
N ASP B 237 17.72 -47.91 22.94
CA ASP B 237 17.39 -47.39 21.61
C ASP B 237 16.37 -46.25 21.70
N GLN B 238 15.44 -46.32 22.67
CA GLN B 238 14.41 -45.28 22.81
C GLN B 238 15.04 -43.91 23.06
N GLY B 239 15.95 -43.83 24.03
CA GLY B 239 16.57 -42.55 24.34
C GLY B 239 17.28 -41.96 23.14
N ARG B 240 17.96 -42.81 22.38
CA ARG B 240 18.57 -42.37 21.15
C ARG B 240 17.50 -41.88 20.18
N GLU B 241 16.38 -42.60 20.10
CA GLU B 241 15.33 -42.21 19.18
C GLU B 241 14.74 -40.84 19.56
N ILE B 242 14.52 -40.60 20.85
CA ILE B 242 14.04 -39.30 21.30
C ILE B 242 15.05 -38.21 20.96
N ALA B 243 16.32 -38.45 21.29
CA ALA B 243 17.37 -37.49 20.93
C ALA B 243 17.38 -37.23 19.43
N GLU B 244 17.31 -38.29 18.62
CA GLU B 244 17.35 -38.11 17.16
C GLU B 244 16.19 -37.25 16.68
N LYS B 245 15.01 -37.45 17.25
CA LYS B 245 13.85 -36.68 16.85
C LYS B 245 13.97 -35.23 17.32
N ILE B 246 14.56 -35.00 18.48
CA ILE B 246 14.75 -33.62 18.93
C ILE B 246 15.71 -32.88 17.98
N ALA B 247 16.80 -33.55 17.59
CA ALA B 247 17.71 -32.97 16.60
C ALA B 247 16.99 -32.72 15.29
N LEU B 248 16.19 -33.68 14.82
CA LEU B 248 15.38 -33.46 13.62
C LEU B 248 14.42 -32.29 13.79
N ALA B 249 13.81 -32.16 14.98
CA ALA B 249 12.93 -31.02 15.20
C ALA B 249 13.70 -29.71 15.09
N SER B 250 14.90 -29.67 15.69
CA SER B 250 15.78 -28.51 15.56
C SER B 250 16.17 -28.25 14.11
N GLN B 251 16.45 -29.32 13.35
CA GLN B 251 16.75 -29.12 11.93
C GLN B 251 15.53 -28.57 11.18
N PHE B 252 14.33 -29.07 11.49
CA PHE B 252 13.12 -28.58 10.85
C PHE B 252 12.91 -27.08 11.09
N ALA B 253 13.21 -26.60 12.30
CA ALA B 253 13.05 -25.17 12.55
C ALA B 253 14.07 -24.35 11.77
N GLN B 254 15.17 -24.96 11.33
CA GLN B 254 16.12 -24.32 10.43
C GLN B 254 15.61 -24.25 8.99
N ALA B 255 14.69 -25.13 8.62
CA ALA B 255 14.21 -25.26 7.24
C ALA B 255 12.90 -24.54 6.97
N ASP B 256 12.02 -24.42 7.96
CA ASP B 256 10.68 -23.86 7.72
C ASP B 256 10.44 -22.67 8.64
N PRO B 257 10.36 -21.45 8.12
CA PRO B 257 9.98 -20.33 8.98
C PRO B 257 8.68 -20.55 9.73
N TYR B 258 7.72 -21.30 9.15
CA TYR B 258 6.49 -21.58 9.91
C TYR B 258 6.79 -22.36 11.17
N ARG B 259 7.79 -23.24 11.13
CA ARG B 259 8.20 -23.93 12.36
C ARG B 259 9.05 -23.03 13.22
N ALA B 260 9.92 -22.24 12.59
CA ALA B 260 10.86 -21.41 13.34
C ALA B 260 10.12 -20.46 14.26
N ALA B 261 9.02 -19.85 13.79
CA ALA B 261 8.29 -18.93 14.64
C ALA B 261 7.83 -19.61 15.93
N THR B 262 7.32 -20.85 15.81
CA THR B 262 6.80 -21.59 16.96
C THR B 262 7.93 -22.04 17.87
N HIS B 263 9.00 -22.59 17.28
CA HIS B 263 10.19 -22.94 18.03
C HIS B 263 10.67 -21.77 18.89
N ASN B 264 10.79 -20.59 18.28
CA ASN B 264 11.32 -19.44 19.02
C ASN B 264 10.31 -18.85 20.01
N LYS B 265 9.02 -18.87 19.66
CA LYS B 265 7.99 -18.51 20.61
C LYS B 265 8.12 -19.34 21.88
N GLY B 266 8.36 -20.65 21.71
CA GLY B 266 8.51 -21.50 22.87
C GLY B 266 9.67 -21.10 23.75
N ILE B 267 10.78 -20.68 23.13
CA ILE B 267 11.90 -20.17 23.92
C ILE B 267 11.45 -18.96 24.73
N PHE B 268 10.70 -18.06 24.10
CA PHE B 268 10.37 -16.82 24.78
C PHE B 268 9.21 -16.96 25.77
N ASN B 269 8.49 -18.09 25.76
CA ASN B 269 7.62 -18.38 26.90
C ASN B 269 8.41 -18.34 28.21
N GLY B 270 9.62 -18.90 28.20
CA GLY B 270 10.45 -18.90 29.39
C GLY B 270 11.20 -17.60 29.58
N ILE B 271 11.83 -17.14 28.52
CA ILE B 271 12.65 -15.94 28.64
C ILE B 271 11.79 -14.76 29.09
N ASP B 272 10.62 -14.56 28.44
CA ASP B 272 9.81 -13.41 28.82
C ASP B 272 9.30 -13.51 30.24
N ALA B 273 9.05 -14.74 30.71
CA ALA B 273 8.59 -14.93 32.08
C ALA B 273 9.60 -14.45 33.11
N ILE B 274 10.89 -14.76 32.90
CA ILE B 274 11.89 -14.32 33.85
C ILE B 274 12.29 -12.87 33.60
N LEU B 275 12.18 -12.38 32.36
CA LEU B 275 12.42 -10.94 32.16
C LEU B 275 11.41 -10.11 32.94
N ILE B 276 10.12 -10.45 32.85
CA ILE B 276 9.10 -9.72 33.60
C ILE B 276 9.39 -9.78 35.08
N ALA B 277 9.68 -10.98 35.58
CA ALA B 277 9.94 -11.16 36.99
C ALA B 277 11.11 -10.32 37.47
N THR B 278 12.10 -10.05 36.61
CA THR B 278 13.27 -9.28 37.01
C THR B 278 13.23 -7.84 36.52
N GLY B 279 12.08 -7.35 36.08
CA GLY B 279 11.98 -5.97 35.67
C GLY B 279 12.69 -5.62 34.38
N ASN B 280 12.96 -6.59 33.53
CA ASN B 280 13.67 -6.30 32.29
C ASN B 280 12.71 -6.11 31.11
N ASP B 281 13.20 -5.38 30.11
CA ASP B 281 12.39 -4.97 28.96
C ASP B 281 12.35 -6.13 27.96
N TRP B 282 11.24 -6.87 27.93
CA TRP B 282 11.17 -8.04 27.05
C TRP B 282 10.91 -7.67 25.59
N ARG B 283 10.27 -6.53 25.32
CA ARG B 283 10.17 -6.09 23.93
C ARG B 283 11.57 -5.93 23.33
N ALA B 284 12.51 -5.41 24.12
CA ALA B 284 13.88 -5.24 23.65
C ALA B 284 14.53 -6.59 23.37
N ILE B 285 14.42 -7.55 24.29
CA ILE B 285 15.06 -8.85 24.09
C ILE B 285 14.42 -9.60 22.92
N GLU B 286 13.08 -9.59 22.86
CA GLU B 286 12.36 -10.22 21.75
C GLU B 286 12.83 -9.68 20.41
N ALA B 287 12.87 -8.35 20.28
CA ALA B 287 13.23 -7.75 19.00
C ALA B 287 14.65 -8.13 18.61
N GLY B 288 15.59 -8.01 19.55
CA GLY B 288 16.97 -8.32 19.22
C GLY B 288 17.15 -9.76 18.81
N ALA B 289 16.45 -10.68 19.50
CA ALA B 289 16.65 -12.10 19.25
C ALA B 289 15.97 -12.55 17.97
N HIS B 290 14.71 -12.16 17.76
CA HIS B 290 14.03 -12.52 16.51
C HIS B 290 14.74 -11.94 15.30
N ALA B 291 15.33 -10.75 15.41
CA ALA B 291 16.16 -10.21 14.34
C ALA B 291 17.42 -11.06 14.15
N PHE B 292 18.01 -11.52 15.26
CA PHE B 292 19.19 -12.40 15.19
C PHE B 292 18.86 -13.69 14.47
N ALA B 293 17.62 -14.15 14.60
CA ALA B 293 17.17 -15.41 14.02
C ALA B 293 17.13 -15.38 12.50
N SER B 294 17.18 -14.19 11.89
CA SER B 294 17.18 -14.09 10.44
C SER B 294 18.47 -13.48 9.90
N ARG B 295 19.57 -13.55 10.65
CA ARG B 295 20.79 -12.94 10.15
C ARG B 295 21.34 -13.65 8.92
N ASP B 296 20.98 -14.92 8.70
CA ASP B 296 21.48 -15.66 7.55
C ASP B 296 20.58 -15.55 6.34
N GLY B 297 19.66 -14.60 6.33
CA GLY B 297 18.79 -14.40 5.19
C GLY B 297 17.48 -15.13 5.27
N ARG B 298 17.27 -15.94 6.29
CA ARG B 298 16.03 -16.68 6.49
C ARG B 298 15.72 -16.72 7.98
N TYR B 299 14.45 -16.54 8.33
CA TYR B 299 14.07 -16.59 9.73
C TYR B 299 14.13 -18.04 10.24
N GLN B 300 14.99 -18.30 11.21
CA GLN B 300 15.29 -19.66 11.62
C GLN B 300 15.21 -19.81 13.13
N GLY B 301 15.18 -21.07 13.56
CA GLY B 301 15.18 -21.37 14.98
C GLY B 301 16.44 -20.86 15.64
N LEU B 302 16.29 -20.36 16.87
CA LEU B 302 17.36 -19.67 17.58
C LEU B 302 18.31 -20.62 18.31
N SER B 303 17.93 -21.87 18.49
CA SER B 303 18.77 -22.85 19.17
C SER B 303 19.04 -24.04 18.25
N CYS B 304 20.09 -24.79 18.57
CA CYS B 304 20.54 -25.93 17.78
CA CYS B 304 20.56 -25.93 17.78
C CYS B 304 20.67 -27.15 18.69
N TRP B 305 20.08 -28.26 18.27
CA TRP B 305 20.17 -29.51 19.00
C TRP B 305 20.83 -30.53 18.09
N THR B 306 21.86 -31.19 18.59
CA THR B 306 22.67 -32.09 17.78
C THR B 306 23.02 -33.32 18.58
N LEU B 307 23.30 -34.40 17.86
CA LEU B 307 23.69 -35.67 18.46
C LEU B 307 25.20 -35.76 18.61
N ASP B 308 25.65 -36.27 19.75
CA ASP B 308 27.03 -36.74 19.94
C ASP B 308 26.93 -38.26 19.95
N LEU B 309 26.93 -38.85 18.76
CA LEU B 309 26.73 -40.29 18.62
C LEU B 309 27.82 -41.09 19.31
N GLU B 310 29.06 -40.59 19.31
CA GLU B 310 30.13 -41.32 19.98
C GLU B 310 29.92 -41.36 21.48
N ARG B 311 29.57 -40.22 22.07
CA ARG B 311 29.31 -40.17 23.51
C ARG B 311 27.88 -40.50 23.87
N GLU B 312 27.02 -40.69 22.87
CA GLU B 312 25.60 -40.93 23.10
C GLU B 312 24.98 -39.85 23.99
N GLU B 313 25.09 -38.60 23.54
CA GLU B 313 24.59 -37.44 24.28
C GLU B 313 23.86 -36.54 23.31
N LEU B 314 22.79 -35.91 23.79
CA LEU B 314 22.07 -34.87 23.06
C LEU B 314 22.59 -33.52 23.53
N VAL B 315 23.02 -32.69 22.59
CA VAL B 315 23.70 -31.43 22.87
C VAL B 315 22.81 -30.28 22.42
N GLY B 316 22.54 -29.35 23.32
CA GLY B 316 21.73 -28.18 23.01
C GLY B 316 22.56 -26.92 23.21
N GLU B 317 22.36 -25.94 22.33
CA GLU B 317 23.14 -24.70 22.39
C GLU B 317 22.28 -23.55 21.84
N MET B 318 22.38 -22.38 22.48
CA MET B 318 21.59 -21.24 22.06
C MET B 318 22.33 -19.94 22.35
N THR B 319 22.51 -19.13 21.31
CA THR B 319 23.17 -17.84 21.41
C THR B 319 22.16 -16.74 21.10
N LEU B 320 22.08 -15.75 21.99
CA LEU B 320 21.18 -14.63 21.80
C LEU B 320 21.82 -13.34 22.26
N PRO B 321 21.40 -12.20 21.70
CA PRO B 321 21.68 -10.90 22.33
C PRO B 321 20.89 -10.82 23.63
N MET B 322 21.58 -10.57 24.74
CA MET B 322 20.93 -10.61 26.06
C MET B 322 21.42 -9.45 26.92
N PRO B 323 21.18 -8.22 26.47
CA PRO B 323 21.57 -7.00 27.17
C PRO B 323 20.58 -6.65 28.29
N VAL B 324 20.50 -7.53 29.28
CA VAL B 324 19.59 -7.34 30.40
C VAL B 324 20.24 -6.42 31.42
N ALA B 325 19.51 -6.02 32.44
CA ALA B 325 20.02 -5.05 33.40
C ALA B 325 19.70 -5.49 34.82
N THR B 326 20.45 -4.94 35.77
CA THR B 326 20.17 -5.12 37.18
C THR B 326 19.87 -3.81 37.87
N LYS B 327 19.97 -2.69 37.14
CA LYS B 327 19.66 -1.37 37.65
C LYS B 327 18.80 -0.66 36.62
N GLY B 328 17.91 0.21 37.09
CA GLY B 328 17.09 1.03 36.21
C GLY B 328 15.69 0.50 36.02
N GLY B 329 14.95 1.18 35.15
CA GLY B 329 13.56 0.85 34.90
C GLY B 329 12.80 0.70 36.20
N SER B 330 11.96 -0.33 36.26
CA SER B 330 11.19 -0.63 37.46
C SER B 330 11.96 -1.50 38.44
N ILE B 331 13.22 -1.80 38.17
CA ILE B 331 13.96 -2.71 39.04
C ILE B 331 13.98 -2.20 40.47
N GLY B 332 14.09 -0.89 40.64
CA GLY B 332 14.03 -0.37 41.99
C GLY B 332 12.63 -0.08 42.53
N LEU B 333 11.65 0.16 41.65
CA LEU B 333 10.30 0.56 42.04
C LEU B 333 9.34 -0.61 42.34
N ASN B 334 9.31 -1.63 41.50
CA ASN B 334 8.41 -2.75 41.74
C ASN B 334 9.00 -3.64 42.83
N PRO B 335 8.38 -3.70 44.01
CA PRO B 335 8.98 -4.47 45.11
C PRO B 335 9.16 -5.93 44.80
N ARG B 336 8.27 -6.54 44.00
CA ARG B 336 8.44 -7.95 43.67
C ARG B 336 9.59 -8.18 42.72
N VAL B 337 9.97 -7.18 41.92
CA VAL B 337 11.15 -7.32 41.09
C VAL B 337 12.39 -7.35 41.97
N ALA B 338 12.47 -6.43 42.94
CA ALA B 338 13.56 -6.46 43.90
C ALA B 338 13.64 -7.82 44.58
N LEU B 339 12.49 -8.38 44.94
CA LEU B 339 12.51 -9.71 45.55
C LEU B 339 13.08 -10.75 44.58
N SER B 340 12.70 -10.66 43.30
CA SER B 340 13.23 -11.62 42.33
C SER B 340 14.74 -11.55 42.24
N HIS B 341 15.31 -10.34 42.22
CA HIS B 341 16.77 -10.25 42.18
C HIS B 341 17.39 -10.82 43.46
N ASP B 342 16.82 -10.51 44.62
CA ASP B 342 17.28 -11.13 45.86
C ASP B 342 17.19 -12.64 45.81
N LEU B 343 16.06 -13.16 45.32
CA LEU B 343 15.89 -14.61 45.24
C LEU B 343 17.02 -15.25 44.44
N LEU B 344 17.48 -14.57 43.39
CA LEU B 344 18.54 -15.12 42.55
C LEU B 344 19.92 -14.90 43.15
N GLY B 345 20.00 -14.29 44.33
CA GLY B 345 21.29 -13.98 44.93
C GLY B 345 21.90 -12.71 44.39
N ASN B 346 21.09 -11.79 43.87
CA ASN B 346 21.57 -10.52 43.32
C ASN B 346 22.66 -10.70 42.27
N PRO B 347 22.41 -11.47 41.22
CA PRO B 347 23.44 -11.66 40.20
C PRO B 347 23.75 -10.35 39.49
N SER B 348 24.97 -10.25 39.00
CA SER B 348 25.33 -9.19 38.08
C SER B 348 24.50 -9.36 36.80
N ALA B 349 24.54 -8.34 35.93
CA ALA B 349 23.86 -8.45 34.65
C ALA B 349 24.40 -9.64 33.84
N ARG B 350 25.73 -9.79 33.78
CA ARG B 350 26.32 -10.92 33.06
CA ARG B 350 26.31 -10.91 33.06
C ARG B 350 25.80 -12.24 33.62
N GLU B 351 25.80 -12.40 34.94
CA GLU B 351 25.30 -13.63 35.54
C GLU B 351 23.82 -13.80 35.26
N LEU B 352 23.05 -12.72 35.39
CA LEU B 352 21.63 -12.83 35.09
C LEU B 352 21.41 -13.24 33.64
N ALA B 353 22.15 -12.63 32.71
CA ALA B 353 22.01 -12.96 31.30
C ALA B 353 22.24 -14.45 31.06
N GLN B 354 23.21 -15.03 31.76
CA GLN B 354 23.54 -16.44 31.56
C GLN B 354 22.48 -17.34 32.15
N ILE B 355 21.85 -16.91 33.24
CA ILE B 355 20.69 -17.63 33.79
C ILE B 355 19.52 -17.58 32.82
N ILE B 356 19.25 -16.41 32.26
CA ILE B 356 18.11 -16.27 31.35
C ILE B 356 18.33 -17.13 30.10
N GLU B 357 19.56 -17.11 29.56
CA GLU B 357 19.86 -17.92 28.39
C GLU B 357 19.65 -19.40 28.67
N SER B 358 20.09 -19.87 29.83
CA SER B 358 19.89 -21.27 30.17
C SER B 358 18.41 -21.60 30.27
N ILE B 359 17.66 -20.72 30.93
CA ILE B 359 16.22 -20.90 31.06
C ILE B 359 15.56 -20.98 29.69
N GLY B 360 15.96 -20.12 28.77
CA GLY B 360 15.37 -20.18 27.43
C GLY B 360 15.61 -21.53 26.79
N LEU B 361 16.84 -22.03 26.90
CA LEU B 361 17.17 -23.33 26.33
C LEU B 361 16.45 -24.46 27.05
N ALA B 362 16.28 -24.35 28.37
CA ALA B 362 15.50 -25.34 29.09
C ALA B 362 14.08 -25.37 28.57
N GLN B 363 13.47 -24.20 28.47
CA GLN B 363 12.11 -24.12 27.95
C GLN B 363 12.00 -24.78 26.60
N ASN B 364 12.96 -24.49 25.72
CA ASN B 364 12.98 -25.07 24.38
C ASN B 364 13.07 -26.60 24.43
N PHE B 365 13.91 -27.12 25.32
CA PHE B 365 14.10 -28.58 25.42
C PHE B 365 12.81 -29.30 25.80
N ALA B 366 12.07 -28.77 26.78
CA ALA B 366 10.82 -29.41 27.19
C ALA B 366 9.79 -29.39 26.07
N ALA B 367 9.74 -28.30 25.30
CA ALA B 367 8.83 -28.20 24.17
C ALA B 367 9.15 -29.26 23.11
N LEU B 368 10.44 -29.40 22.77
CA LEU B 368 10.83 -30.34 21.72
C LEU B 368 10.60 -31.78 22.15
N LYS B 369 10.95 -32.11 23.39
CA LYS B 369 10.71 -33.46 23.90
C LYS B 369 9.23 -33.82 23.81
N ALA B 370 8.36 -32.93 24.27
CA ALA B 370 6.92 -33.20 24.20
C ALA B 370 6.45 -33.28 22.75
N LEU B 371 7.00 -32.45 21.88
CA LEU B 371 6.57 -32.45 20.48
C LEU B 371 6.85 -33.77 19.80
N VAL B 372 7.99 -34.38 20.10
CA VAL B 372 8.42 -35.56 19.35
C VAL B 372 8.02 -36.85 20.04
N SER B 373 7.43 -36.80 21.23
CA SER B 373 7.08 -38.00 21.97
C SER B 373 5.67 -38.43 21.63
N THR B 374 5.47 -39.75 21.54
CA THR B 374 4.24 -40.29 21.00
C THR B 374 3.75 -41.46 21.84
N GLY B 375 2.46 -41.77 21.70
CA GLY B 375 1.94 -43.02 22.19
C GLY B 375 1.27 -42.95 23.54
N ILE B 376 0.13 -42.26 23.60
CA ILE B 376 -0.70 -42.17 24.80
C ILE B 376 -1.08 -43.57 25.24
N GLN B 377 -0.75 -44.55 24.41
CA GLN B 377 -1.10 -45.94 24.66
C GLN B 377 -2.61 -46.07 24.80
N GLN B 378 -3.10 -46.18 26.04
CA GLN B 378 -4.50 -46.53 26.26
C GLN B 378 -5.43 -45.71 25.38
N GLY B 379 -5.34 -44.38 25.49
CA GLY B 379 -6.22 -43.51 24.75
C GLY B 379 -5.73 -43.20 23.35
N HIS B 380 -4.40 -43.14 23.17
CA HIS B 380 -3.87 -42.82 21.85
C HIS B 380 -4.28 -43.85 20.80
N MET B 381 -4.42 -45.12 21.20
CA MET B 381 -4.71 -46.18 20.25
C MET B 381 -6.12 -46.05 19.68
N LYS B 382 -7.07 -45.54 20.48
CA LYS B 382 -8.42 -45.32 19.97
C LYS B 382 -8.45 -44.12 19.02
N LEU B 383 -7.65 -43.10 19.30
CA LEU B 383 -7.50 -41.98 18.38
C LEU B 383 -6.94 -42.44 17.04
N GLN B 384 -5.82 -43.16 17.06
CA GLN B 384 -5.27 -43.75 15.85
C GLN B 384 -6.31 -44.56 15.09
N ALA B 385 -6.97 -45.50 15.78
CA ALA B 385 -7.90 -46.40 15.10
C ALA B 385 -9.08 -45.66 14.51
N LYS B 386 -9.55 -44.58 15.17
CA LYS B 386 -10.69 -43.88 14.59
C LYS B 386 -10.30 -43.14 13.32
N SER B 387 -9.10 -42.55 13.30
CA SER B 387 -8.66 -41.86 12.09
C SER B 387 -8.58 -42.83 10.93
N LEU B 388 -8.04 -44.03 11.16
CA LEU B 388 -7.94 -45.02 10.09
C LEU B 388 -9.31 -45.50 9.67
N ALA B 389 -10.22 -45.66 10.64
CA ALA B 389 -11.60 -46.02 10.32
C ALA B 389 -12.18 -45.03 9.32
N LEU B 390 -12.06 -43.73 9.61
CA LEU B 390 -12.65 -42.71 8.75
C LEU B 390 -12.01 -42.68 7.37
N LEU B 391 -10.68 -42.80 7.32
CA LEU B 391 -9.98 -42.82 6.03
C LEU B 391 -10.39 -44.03 5.21
N ALA B 392 -10.58 -45.17 5.88
CA ALA B 392 -11.08 -46.36 5.20
C ALA B 392 -12.45 -46.13 4.58
N GLY B 393 -13.15 -45.09 5.03
CA GLY B 393 -14.47 -44.77 4.52
C GLY B 393 -15.59 -45.17 5.45
N ALA B 394 -15.31 -45.42 6.73
CA ALA B 394 -16.37 -45.77 7.64
C ALA B 394 -17.38 -44.63 7.71
N SER B 395 -18.66 -44.98 7.68
CA SER B 395 -19.68 -44.00 7.94
C SER B 395 -19.92 -43.90 9.46
N GLU B 396 -20.82 -43.00 9.86
CA GLU B 396 -20.90 -42.58 11.25
C GLU B 396 -21.19 -43.75 12.19
N SER B 397 -22.11 -44.64 11.82
CA SER B 397 -22.48 -45.73 12.72
C SER B 397 -21.45 -46.85 12.74
N GLU B 398 -20.58 -46.94 11.73
CA GLU B 398 -19.60 -48.00 11.65
C GLU B 398 -18.34 -47.71 12.46
N VAL B 399 -18.16 -46.48 12.92
CA VAL B 399 -16.88 -46.07 13.48
C VAL B 399 -16.61 -46.75 14.81
N ALA B 400 -17.62 -46.80 15.69
CA ALA B 400 -17.39 -47.37 17.01
C ALA B 400 -17.09 -48.86 16.93
N PRO B 401 -17.84 -49.67 16.17
CA PRO B 401 -17.45 -51.08 16.04
C PRO B 401 -16.06 -51.26 15.47
N LEU B 402 -15.71 -50.47 14.44
CA LEU B 402 -14.38 -50.54 13.83
C LEU B 402 -13.29 -50.31 14.88
N VAL B 403 -13.35 -49.18 15.58
CA VAL B 403 -12.31 -48.85 16.55
C VAL B 403 -12.14 -49.97 17.57
N GLU B 404 -13.26 -50.54 18.01
CA GLU B 404 -13.22 -51.56 19.05
C GLU B 404 -12.41 -52.77 18.60
N ARG B 405 -12.67 -53.25 17.38
CA ARG B 405 -11.91 -54.38 16.85
C ARG B 405 -10.43 -54.02 16.71
N LEU B 406 -10.14 -52.89 16.06
CA LEU B 406 -8.74 -52.51 15.82
C LEU B 406 -7.94 -52.46 17.13
N ILE B 407 -8.35 -51.63 18.07
CA ILE B 407 -7.58 -51.46 19.30
C ILE B 407 -7.41 -52.76 20.07
N SER B 408 -8.17 -53.79 19.71
CA SER B 408 -8.03 -55.09 20.38
C SER B 408 -6.98 -55.98 19.75
N ASP B 409 -6.29 -55.52 18.70
CA ASP B 409 -5.22 -56.26 18.05
C ASP B 409 -3.85 -55.83 18.59
N LYS B 410 -2.87 -56.73 18.42
CA LYS B 410 -1.49 -56.40 18.82
C LYS B 410 -0.95 -55.22 18.04
N THR B 411 -1.43 -55.04 16.81
CA THR B 411 -1.04 -53.93 15.95
C THR B 411 -2.12 -53.81 14.88
N PHE B 412 -2.13 -52.66 14.21
CA PHE B 412 -3.10 -52.46 13.13
C PHE B 412 -2.61 -51.30 12.27
N ASN B 413 -3.18 -51.20 11.08
CA ASN B 413 -2.84 -50.13 10.15
C ASN B 413 -4.05 -49.88 9.25
N LEU B 414 -3.88 -48.99 8.27
CA LEU B 414 -4.97 -48.68 7.36
C LEU B 414 -5.54 -49.93 6.70
N GLU B 415 -4.68 -50.83 6.22
CA GLU B 415 -5.17 -52.06 5.60
C GLU B 415 -6.07 -52.85 6.56
N THR B 416 -5.69 -52.90 7.86
CA THR B 416 -6.53 -53.56 8.86
C THR B 416 -7.89 -52.88 8.97
N ALA B 417 -7.89 -51.55 9.05
CA ALA B 417 -9.16 -50.81 9.12
C ALA B 417 -10.05 -51.12 7.92
N GLN B 418 -9.45 -51.15 6.72
CA GLN B 418 -10.24 -51.42 5.52
C GLN B 418 -10.76 -52.85 5.50
N ARG B 419 -9.93 -53.83 5.87
CA ARG B 419 -10.41 -55.21 5.88
C ARG B 419 -11.55 -55.39 6.87
N TYR B 420 -11.41 -54.84 8.07
CA TYR B 420 -12.49 -54.94 9.05
C TYR B 420 -13.72 -54.16 8.61
N LEU B 421 -13.55 -53.05 7.90
CA LEU B 421 -14.69 -52.33 7.34
C LEU B 421 -15.45 -53.22 6.36
N GLU B 422 -14.74 -53.99 5.54
CA GLU B 422 -15.42 -54.88 4.61
C GLU B 422 -16.17 -55.99 5.36
N ASN B 423 -15.55 -56.56 6.39
CA ASN B 423 -16.24 -57.55 7.23
C ASN B 423 -17.52 -56.95 7.81
N LEU B 424 -17.42 -55.73 8.34
CA LEU B 424 -18.59 -55.03 8.86
C LEU B 424 -19.72 -55.02 7.83
N ARG B 425 -19.40 -54.61 6.60
CA ARG B 425 -20.44 -54.40 5.61
C ARG B 425 -20.86 -55.69 4.91
N SER B 426 -19.94 -56.63 4.75
CA SER B 426 -20.28 -57.90 4.11
C SER B 426 -21.16 -58.76 5.03
N ILE C 5 -42.11 11.74 -10.85
CA ILE C 5 -42.35 10.84 -11.97
C ILE C 5 -41.22 9.82 -12.04
N SER C 6 -41.60 8.55 -12.10
CA SER C 6 -40.62 7.48 -12.05
C SER C 6 -39.81 7.37 -13.33
N TRP C 7 -38.56 6.89 -13.19
CA TRP C 7 -37.68 6.64 -14.31
C TRP C 7 -37.54 5.16 -14.68
N ASN C 8 -38.15 4.24 -13.92
CA ASN C 8 -37.91 2.85 -14.24
C ASN C 8 -38.66 2.46 -15.51
N GLY C 9 -38.08 1.54 -16.26
CA GLY C 9 -38.53 1.32 -17.62
C GLY C 9 -38.00 2.32 -18.63
N PHE C 10 -37.26 3.34 -18.19
CA PHE C 10 -36.71 4.31 -19.13
C PHE C 10 -35.86 3.63 -20.20
N SER C 11 -34.95 2.75 -19.79
CA SER C 11 -34.06 2.09 -20.74
C SER C 11 -34.84 1.32 -21.79
N LYS C 12 -35.87 0.57 -21.36
CA LYS C 12 -36.63 -0.27 -22.28
C LYS C 12 -37.64 0.52 -23.07
N LYS C 13 -38.04 1.70 -22.59
CA LYS C 13 -38.91 2.55 -23.40
C LYS C 13 -38.22 2.87 -24.73
N SER C 14 -39.03 3.06 -25.77
CA SER C 14 -38.45 3.46 -27.04
C SER C 14 -37.94 4.89 -26.97
N TYR C 15 -37.06 5.21 -27.93
CA TYR C 15 -36.54 6.57 -28.07
C TYR C 15 -37.65 7.61 -27.95
N GLN C 16 -38.72 7.43 -28.74
CA GLN C 16 -39.84 8.36 -28.70
C GLN C 16 -40.48 8.40 -27.33
N GLU C 17 -40.65 7.24 -26.69
CA GLU C 17 -41.21 7.22 -25.35
C GLU C 17 -40.26 7.86 -24.35
N ARG C 18 -38.95 7.67 -24.53
CA ARG C 18 -37.97 8.33 -23.65
C ARG C 18 -38.11 9.84 -23.72
N LEU C 19 -38.28 10.38 -24.93
CA LEU C 19 -38.44 11.83 -25.08
C LEU C 19 -39.73 12.31 -24.41
N GLU C 20 -40.81 11.55 -24.52
CA GLU C 20 -42.04 11.90 -23.84
C GLU C 20 -41.85 11.91 -22.34
N LEU C 21 -41.18 10.88 -21.80
CA LEU C 21 -40.93 10.84 -20.36
C LEU C 21 -40.08 12.01 -19.92
N LEU C 22 -39.02 12.31 -20.67
CA LEU C 22 -38.22 13.47 -20.33
C LEU C 22 -39.07 14.74 -20.35
N LYS C 23 -39.92 14.88 -21.37
CA LYS C 23 -40.79 16.05 -21.43
C LYS C 23 -41.75 16.09 -20.24
N ALA C 24 -42.30 14.93 -19.85
CA ALA C 24 -43.18 14.87 -18.68
C ALA C 24 -42.42 15.24 -17.40
N GLN C 25 -41.12 14.95 -17.33
CA GLN C 25 -40.34 15.38 -16.17
C GLN C 25 -40.17 16.89 -16.13
N ALA C 26 -40.42 17.60 -17.23
CA ALA C 26 -40.40 19.07 -17.25
C ALA C 26 -39.03 19.63 -16.84
N LEU C 27 -37.96 18.93 -17.21
CA LEU C 27 -36.60 19.33 -16.85
C LEU C 27 -36.06 20.45 -17.75
N LEU C 28 -36.56 20.58 -18.97
CA LEU C 28 -36.04 21.52 -19.94
C LEU C 28 -37.11 22.54 -20.32
N SER C 29 -36.64 23.75 -20.64
CA SER C 29 -37.49 24.80 -21.19
C SER C 29 -38.10 24.34 -22.52
N PRO C 30 -39.16 25.01 -22.97
CA PRO C 30 -39.74 24.64 -24.28
C PRO C 30 -38.71 24.68 -25.40
N GLU C 31 -37.83 25.69 -25.42
CA GLU C 31 -36.84 25.78 -26.50
C GLU C 31 -35.85 24.60 -26.44
N ARG C 32 -35.35 24.28 -25.24
CA ARG C 32 -34.39 23.19 -25.12
C ARG C 32 -35.03 21.84 -25.43
N GLN C 33 -36.24 21.59 -24.92
CA GLN C 33 -36.91 20.33 -25.22
C GLN C 33 -37.16 20.20 -26.73
N ALA C 34 -37.61 21.28 -27.37
CA ALA C 34 -37.78 21.23 -28.81
C ALA C 34 -36.45 20.98 -29.50
N SER C 35 -35.39 21.64 -29.05
CA SER C 35 -34.07 21.39 -29.59
C SER C 35 -33.73 19.91 -29.52
N LEU C 36 -33.96 19.31 -28.36
CA LEU C 36 -33.64 17.89 -28.23
C LEU C 36 -34.54 17.03 -29.12
N GLU C 37 -35.83 17.36 -29.19
CA GLU C 37 -36.77 16.53 -29.93
C GLU C 37 -36.46 16.53 -31.43
N LYS C 38 -35.96 17.64 -31.96
CA LYS C 38 -35.49 17.63 -33.33
C LYS C 38 -34.03 17.22 -33.44
N ASP C 39 -33.44 16.78 -32.33
CA ASP C 39 -32.02 16.39 -32.25
C ASP C 39 -31.12 17.42 -32.91
N GLU C 40 -31.26 18.67 -32.49
CA GLU C 40 -30.46 19.73 -33.06
C GLU C 40 -28.99 19.49 -32.73
N GLN C 41 -28.14 19.58 -33.74
CA GLN C 41 -26.71 19.36 -33.61
C GLN C 41 -25.97 20.65 -33.93
N MET C 42 -24.73 20.73 -33.44
CA MET C 42 -23.82 21.78 -33.89
C MET C 42 -23.70 21.76 -35.40
N SER C 43 -23.86 22.94 -36.01
CA SER C 43 -23.77 23.08 -37.46
C SER C 43 -22.31 23.14 -37.88
N VAL C 44 -22.09 23.00 -39.20
CA VAL C 44 -20.74 23.14 -39.76
C VAL C 44 -20.20 24.53 -39.55
N THR C 45 -21.08 25.55 -39.59
CA THR C 45 -20.63 26.91 -39.34
C THR C 45 -20.07 27.05 -37.93
N VAL C 46 -20.74 26.45 -36.94
CA VAL C 46 -20.20 26.48 -35.59
C VAL C 46 -18.94 25.62 -35.49
N ALA C 47 -18.95 24.42 -36.07
CA ALA C 47 -17.75 23.58 -36.02
C ALA C 47 -16.54 24.30 -36.60
N ASP C 48 -16.75 25.04 -37.69
CA ASP C 48 -15.67 25.75 -38.37
C ASP C 48 -14.99 26.79 -37.47
N GLN C 49 -15.66 27.26 -36.42
CA GLN C 49 -15.05 28.20 -35.51
C GLN C 49 -14.35 27.53 -34.33
N LEU C 50 -14.66 26.27 -34.06
CA LEU C 50 -14.04 25.58 -32.95
C LEU C 50 -12.74 24.89 -33.36
N SER C 51 -12.62 24.45 -34.61
CA SER C 51 -11.45 23.68 -35.03
C SER C 51 -11.02 24.17 -36.41
N GLU C 52 -9.95 23.56 -36.93
CA GLU C 52 -9.36 23.92 -38.21
C GLU C 52 -9.55 22.79 -39.20
N ASN C 53 -9.39 23.15 -40.48
CA ASN C 53 -9.53 22.20 -41.59
C ASN C 53 -10.85 21.45 -41.51
N VAL C 54 -11.89 22.14 -41.07
CA VAL C 54 -13.17 21.45 -40.83
C VAL C 54 -13.83 21.12 -42.16
N VAL C 55 -14.29 19.88 -42.31
CA VAL C 55 -14.93 19.45 -43.55
C VAL C 55 -16.29 18.81 -43.28
N GLY C 56 -16.76 18.87 -42.03
CA GLY C 56 -18.02 18.27 -41.64
C GLY C 56 -18.11 18.20 -40.13
N THR C 57 -19.07 17.39 -39.64
CA THR C 57 -19.21 17.12 -38.21
C THR C 57 -19.35 15.63 -38.00
N PHE C 58 -19.19 15.23 -36.74
CA PHE C 58 -19.13 13.84 -36.31
C PHE C 58 -20.04 13.68 -35.11
N SER C 59 -20.76 12.56 -35.03
CA SER C 59 -21.86 12.41 -34.08
C SER C 59 -21.73 11.16 -33.23
N LEU C 60 -21.99 11.31 -31.93
CA LEU C 60 -22.02 10.17 -31.03
C LEU C 60 -23.38 10.13 -30.35
N PRO C 61 -23.71 9.04 -29.68
CA PRO C 61 -24.99 8.97 -28.96
C PRO C 61 -25.03 9.95 -27.79
N TYR C 62 -26.25 10.41 -27.47
CA TYR C 62 -26.49 11.31 -26.33
C TYR C 62 -27.53 10.66 -25.45
N SER C 63 -27.16 10.35 -24.20
CA SER C 63 -27.99 9.56 -23.31
C SER C 63 -28.17 10.29 -21.98
N LEU C 64 -29.08 9.77 -21.15
CA LEU C 64 -29.34 10.28 -19.81
C LEU C 64 -29.09 9.17 -18.78
N VAL C 65 -28.46 9.53 -17.67
CA VAL C 65 -28.31 8.67 -16.51
C VAL C 65 -29.13 9.33 -15.42
N PRO C 66 -30.31 8.82 -15.09
CA PRO C 66 -31.17 9.52 -14.13
C PRO C 66 -30.83 9.16 -12.69
N GLU C 67 -31.31 10.01 -11.78
CA GLU C 67 -31.31 9.73 -10.34
C GLU C 67 -29.89 9.65 -9.76
N VAL C 68 -29.06 10.63 -10.09
CA VAL C 68 -27.72 10.76 -9.51
C VAL C 68 -27.80 11.73 -8.33
N LEU C 69 -27.64 11.21 -7.12
CA LEU C 69 -27.86 11.95 -5.88
C LEU C 69 -26.52 12.32 -5.27
N VAL C 70 -26.22 13.61 -5.23
CA VAL C 70 -24.93 14.09 -4.75
C VAL C 70 -25.16 15.18 -3.71
N ASN C 71 -24.67 14.95 -2.49
CA ASN C 71 -24.82 15.94 -1.43
C ASN C 71 -26.27 16.37 -1.30
N GLY C 72 -27.18 15.39 -1.34
CA GLY C 72 -28.59 15.67 -1.15
C GLY C 72 -29.29 16.28 -2.35
N GLN C 73 -28.59 16.53 -3.44
CA GLN C 73 -29.22 17.08 -4.64
C GLN C 73 -29.24 16.05 -5.75
N GLU C 74 -30.38 15.90 -6.41
CA GLU C 74 -30.53 14.90 -7.46
C GLU C 74 -30.35 15.54 -8.84
N TYR C 75 -29.65 14.83 -9.73
CA TYR C 75 -29.37 15.31 -11.07
C TYR C 75 -29.79 14.26 -12.09
N THR C 76 -30.11 14.75 -13.29
CA THR C 76 -30.27 13.91 -14.46
C THR C 76 -29.00 14.18 -15.30
N VAL C 77 -28.14 13.18 -15.41
CA VAL C 77 -26.80 13.38 -15.93
C VAL C 77 -26.77 13.03 -17.42
N PRO C 78 -26.27 13.92 -18.28
CA PRO C 78 -26.09 13.57 -19.69
C PRO C 78 -24.76 12.85 -19.93
N TYR C 79 -24.78 11.87 -20.85
CA TYR C 79 -23.63 11.06 -21.24
C TYR C 79 -23.49 11.07 -22.75
N VAL C 80 -22.27 11.17 -23.24
CA VAL C 80 -21.97 10.91 -24.65
C VAL C 80 -20.97 9.76 -24.65
N THR C 81 -21.43 8.56 -25.01
CA THR C 81 -20.54 7.41 -25.13
C THR C 81 -21.01 6.51 -26.26
N GLU C 82 -20.06 5.85 -26.89
CA GLU C 82 -20.31 4.90 -27.95
C GLU C 82 -20.12 3.45 -27.50
N GLU C 83 -19.98 3.21 -26.20
CA GLU C 83 -19.69 1.87 -25.70
C GLU C 83 -20.93 1.24 -25.10
N PRO C 84 -21.42 0.13 -25.65
CA PRO C 84 -22.62 -0.50 -25.08
C PRO C 84 -22.42 -0.86 -23.61
N SER C 85 -23.50 -0.69 -22.84
CA SER C 85 -23.65 -1.05 -21.43
C SER C 85 -23.08 0.04 -20.50
N VAL C 86 -22.34 1.01 -21.01
CA VAL C 86 -21.78 2.04 -20.16
C VAL C 86 -22.89 2.89 -19.51
N VAL C 87 -23.85 3.35 -20.32
CA VAL C 87 -24.97 4.12 -19.76
C VAL C 87 -25.80 3.27 -18.81
N ALA C 88 -26.13 2.04 -19.22
CA ALA C 88 -26.92 1.16 -18.36
C ALA C 88 -26.23 0.92 -17.02
N ALA C 89 -24.92 0.67 -17.05
CA ALA C 89 -24.19 0.41 -15.81
C ALA C 89 -24.18 1.63 -14.90
N ALA C 90 -23.95 2.81 -15.47
CA ALA C 90 -23.97 4.03 -14.67
C ALA C 90 -25.35 4.26 -14.07
N SER C 91 -26.42 4.00 -14.84
CA SER C 91 -27.78 4.18 -14.29
C SER C 91 -28.09 3.18 -13.21
N TYR C 92 -27.68 1.92 -13.39
CA TYR C 92 -27.91 0.89 -12.39
C TYR C 92 -27.19 1.25 -11.10
N ALA C 93 -25.92 1.65 -11.22
CA ALA C 93 -25.15 2.04 -10.04
C ALA C 93 -25.77 3.25 -9.35
N SER C 94 -26.22 4.23 -10.13
CA SER C 94 -26.79 5.45 -9.55
C SER C 94 -28.04 5.14 -8.74
N LYS C 95 -28.89 4.26 -9.25
CA LYS C 95 -30.11 3.91 -8.53
C LYS C 95 -29.78 3.21 -7.22
N ILE C 96 -28.89 2.23 -7.25
CA ILE C 96 -28.49 1.52 -6.02
C ILE C 96 -27.93 2.50 -4.99
N ILE C 97 -27.00 3.35 -5.43
CA ILE C 97 -26.34 4.24 -4.47
C ILE C 97 -27.31 5.32 -3.97
N LYS C 98 -28.29 5.71 -4.80
CA LYS C 98 -29.35 6.61 -4.34
C LYS C 98 -30.16 5.97 -3.20
N ARG C 99 -30.54 4.70 -3.36
CA ARG C 99 -31.19 4.01 -2.26
C ARG C 99 -30.34 4.04 -1.00
N ALA C 100 -29.01 3.98 -1.16
CA ALA C 100 -28.10 3.89 -0.03
C ALA C 100 -27.72 5.24 0.52
N GLY C 101 -28.45 6.29 0.18
CA GLY C 101 -28.19 7.63 0.69
C GLY C 101 -27.52 8.57 -0.28
N GLY C 102 -27.17 8.10 -1.47
CA GLY C 102 -26.54 8.97 -2.43
C GLY C 102 -25.07 9.15 -2.15
N PHE C 103 -24.46 10.04 -2.92
CA PHE C 103 -23.04 10.32 -2.79
C PHE C 103 -22.79 11.47 -1.82
N THR C 104 -21.63 11.43 -1.18
CA THR C 104 -21.07 12.55 -0.44
C THR C 104 -19.81 13.02 -1.14
N ALA C 105 -19.70 14.32 -1.40
CA ALA C 105 -18.59 14.83 -2.19
C ALA C 105 -18.11 16.17 -1.63
N GLN C 106 -16.82 16.44 -1.80
CA GLN C 106 -16.28 17.74 -1.39
C GLN C 106 -15.12 18.13 -2.30
N VAL C 107 -15.01 19.43 -2.52
CA VAL C 107 -13.91 20.03 -3.24
C VAL C 107 -12.89 20.46 -2.19
N HIS C 108 -11.66 19.92 -2.27
CA HIS C 108 -10.67 20.32 -1.28
C HIS C 108 -10.13 21.72 -1.56
N GLN C 109 -9.89 22.02 -2.83
CA GLN C 109 -9.40 23.30 -3.29
C GLN C 109 -9.76 23.39 -4.77
N ARG C 110 -9.82 24.62 -5.30
CA ARG C 110 -10.03 24.79 -6.74
C ARG C 110 -9.13 25.95 -7.20
N GLN C 111 -7.89 25.60 -7.53
CA GLN C 111 -6.92 26.49 -8.14
C GLN C 111 -6.15 25.71 -9.19
N MET C 112 -5.68 26.42 -10.22
CA MET C 112 -4.86 25.83 -11.26
C MET C 112 -3.40 26.16 -11.01
N ILE C 113 -2.52 25.25 -11.44
CA ILE C 113 -1.09 25.38 -11.24
C ILE C 113 -0.44 25.59 -12.59
N GLY C 114 0.42 26.60 -12.70
CA GLY C 114 1.23 26.77 -13.89
C GLY C 114 2.68 26.81 -13.46
N GLN C 115 3.60 26.61 -14.40
CA GLN C 115 5.02 26.49 -14.06
C GLN C 115 5.90 27.22 -15.07
N VAL C 116 6.98 27.82 -14.58
CA VAL C 116 8.06 28.30 -15.42
C VAL C 116 9.31 27.52 -15.07
N ALA C 117 9.92 26.92 -16.09
CA ALA C 117 11.15 26.16 -15.95
C ALA C 117 12.35 27.02 -16.34
N LEU C 118 13.34 27.08 -15.46
CA LEU C 118 14.57 27.83 -15.69
C LEU C 118 15.74 26.86 -15.71
N TYR C 119 16.71 27.12 -16.59
CA TYR C 119 17.91 26.30 -16.64
C TYR C 119 19.12 27.21 -16.74
N GLN C 120 20.31 26.61 -16.60
CA GLN C 120 21.57 27.36 -16.62
C GLN C 120 21.56 28.45 -15.54
N VAL C 121 21.07 28.09 -14.36
CA VAL C 121 21.10 28.97 -13.20
C VAL C 121 22.38 28.63 -12.45
N ALA C 122 23.34 29.56 -12.43
CA ALA C 122 24.64 29.27 -11.84
C ALA C 122 24.53 28.96 -10.36
N ASN C 123 23.68 29.69 -9.62
CA ASN C 123 23.56 29.55 -8.18
C ASN C 123 22.10 29.25 -7.82
N PRO C 124 21.64 28.02 -8.05
CA PRO C 124 20.21 27.72 -7.83
C PRO C 124 19.70 27.99 -6.42
N LYS C 125 20.45 27.65 -5.37
CA LYS C 125 19.98 27.94 -4.01
C LYS C 125 19.74 29.44 -3.84
N LEU C 126 20.66 30.27 -4.30
CA LEU C 126 20.47 31.71 -4.19
C LEU C 126 19.24 32.15 -4.99
N ALA C 127 19.14 31.71 -6.25
CA ALA C 127 17.98 32.05 -7.07
C ALA C 127 16.68 31.63 -6.40
N GLN C 128 16.66 30.41 -5.86
CA GLN C 128 15.46 29.95 -5.14
C GLN C 128 15.09 30.91 -4.05
N GLU C 129 16.08 31.38 -3.28
CA GLU C 129 15.78 32.31 -2.19
C GLU C 129 15.42 33.68 -2.75
N LYS C 130 16.11 34.13 -3.81
CA LYS C 130 15.76 35.41 -4.40
C LYS C 130 14.33 35.41 -4.88
N ILE C 131 13.95 34.36 -5.63
CA ILE C 131 12.59 34.29 -6.15
C ILE C 131 11.60 34.20 -5.00
N ALA C 132 11.90 33.37 -3.99
CA ALA C 132 10.97 33.20 -2.88
C ALA C 132 10.70 34.50 -2.14
N SER C 133 11.67 35.41 -2.08
CA SER C 133 11.47 36.67 -1.38
CA SER C 133 11.44 36.66 -1.37
C SER C 133 10.61 37.65 -2.18
N LYS C 134 10.50 37.47 -3.49
CA LYS C 134 9.71 38.36 -4.32
C LYS C 134 8.32 37.78 -4.59
N LYS C 135 7.90 36.82 -3.78
CA LYS C 135 6.63 36.15 -3.99
C LYS C 135 5.49 37.14 -4.20
N ALA C 136 5.32 38.06 -3.25
CA ALA C 136 4.22 39.02 -3.34
C ALA C 136 4.32 39.85 -4.62
N GLU C 137 5.52 40.33 -4.92
CA GLU C 137 5.70 41.15 -6.11
C GLU C 137 5.37 40.37 -7.37
N LEU C 138 5.89 39.13 -7.46
CA LEU C 138 5.68 38.33 -8.66
C LEU C 138 4.20 38.04 -8.85
N LEU C 139 3.48 37.75 -7.77
CA LEU C 139 2.05 37.50 -7.88
C LEU C 139 1.32 38.75 -8.35
N GLU C 140 1.78 39.93 -7.92
CA GLU C 140 1.14 41.16 -8.36
C GLU C 140 1.41 41.41 -9.84
N LEU C 141 2.62 41.08 -10.30
CA LEU C 141 2.92 41.17 -11.74
C LEU C 141 2.04 40.23 -12.54
N ALA C 142 1.87 38.99 -12.08
CA ALA C 142 1.00 38.05 -12.78
C ALA C 142 -0.43 38.58 -12.84
N ASN C 143 -0.93 39.13 -11.74
CA ASN C 143 -2.31 39.61 -11.71
C ASN C 143 -2.50 40.81 -12.62
N GLN C 144 -1.53 41.72 -12.67
CA GLN C 144 -1.67 42.83 -13.60
C GLN C 144 -1.59 42.35 -15.04
N ALA C 145 -1.00 41.17 -15.29
CA ALA C 145 -0.97 40.66 -16.65
C ALA C 145 -2.35 40.18 -17.11
N TYR C 146 -3.26 39.88 -16.19
CA TYR C 146 -4.58 39.35 -16.57
C TYR C 146 -5.65 39.99 -15.71
N PRO C 147 -5.90 41.27 -15.91
CA PRO C 147 -6.81 41.99 -15.01
C PRO C 147 -8.26 41.53 -15.09
N SER C 148 -8.67 40.84 -16.15
CA SER C 148 -10.08 40.45 -16.25
C SER C 148 -10.45 39.46 -15.15
N ILE C 149 -9.56 38.52 -14.81
CA ILE C 149 -9.88 37.56 -13.76
C ILE C 149 -9.86 38.22 -12.39
N VAL C 150 -8.99 39.22 -12.20
CA VAL C 150 -9.00 39.93 -10.93
C VAL C 150 -10.31 40.70 -10.77
N LYS C 151 -10.80 41.28 -11.87
CA LYS C 151 -12.09 41.97 -11.85
C LYS C 151 -13.20 41.06 -11.37
N ARG C 152 -13.08 39.76 -11.62
CA ARG C 152 -14.10 38.78 -11.28
C ARG C 152 -13.92 38.17 -9.89
N GLY C 153 -12.86 38.53 -9.17
CA GLY C 153 -12.60 38.00 -7.84
C GLY C 153 -11.51 36.94 -7.77
N GLY C 154 -10.93 36.53 -8.90
CA GLY C 154 -9.90 35.52 -8.89
C GLY C 154 -8.52 36.12 -8.99
N GLY C 155 -7.57 35.30 -9.43
CA GLY C 155 -6.21 35.75 -9.66
C GLY C 155 -5.18 34.85 -9.02
N ALA C 156 -3.92 35.21 -9.22
CA ALA C 156 -2.80 34.41 -8.72
C ALA C 156 -2.73 34.52 -7.21
N ARG C 157 -2.72 33.37 -6.53
CA ARG C 157 -2.81 33.32 -5.08
C ARG C 157 -1.53 32.87 -4.37
N ASP C 158 -0.69 32.07 -5.01
CA ASP C 158 0.48 31.51 -4.33
C ASP C 158 1.56 31.18 -5.35
N LEU C 159 2.78 30.98 -4.84
CA LEU C 159 3.94 30.74 -5.70
C LEU C 159 4.98 29.95 -4.92
N HIS C 160 5.52 28.92 -5.56
CA HIS C 160 6.53 28.06 -4.97
C HIS C 160 7.67 27.87 -5.96
N VAL C 161 8.87 27.73 -5.43
CA VAL C 161 10.06 27.58 -6.26
C VAL C 161 10.78 26.32 -5.82
N GLU C 162 11.10 25.44 -6.77
CA GLU C 162 11.72 24.15 -6.47
C GLU C 162 12.91 23.91 -7.39
N GLN C 163 13.98 23.37 -6.82
CA GLN C 163 15.06 22.81 -7.61
C GLN C 163 14.71 21.36 -7.94
N ILE C 164 14.83 20.99 -9.21
CA ILE C 164 14.66 19.60 -9.60
C ILE C 164 16.01 19.16 -10.15
N LYS C 165 16.78 18.47 -9.31
CA LYS C 165 18.10 18.06 -9.73
C LYS C 165 17.97 16.94 -10.75
N GLY C 166 18.97 16.85 -11.63
CA GLY C 166 18.92 15.89 -12.70
C GLY C 166 19.79 16.23 -13.90
N GLU C 167 19.32 15.89 -15.10
CA GLU C 167 20.11 16.02 -16.32
C GLU C 167 19.37 16.80 -17.39
N PRO C 168 19.44 18.14 -17.38
CA PRO C 168 20.17 18.88 -16.33
C PRO C 168 19.27 19.24 -15.16
N ASP C 169 19.80 20.04 -14.24
CA ASP C 169 18.99 20.56 -13.16
C ASP C 169 18.07 21.65 -13.69
N PHE C 170 16.87 21.73 -13.13
CA PHE C 170 15.94 22.80 -13.46
C PHE C 170 15.56 23.55 -12.19
N LEU C 171 15.31 24.85 -12.34
CA LEU C 171 14.69 25.67 -11.30
C LEU C 171 13.27 25.98 -11.73
N VAL C 172 12.29 25.52 -10.96
CA VAL C 172 10.88 25.56 -11.37
C VAL C 172 10.09 26.48 -10.44
N VAL C 173 9.45 27.49 -11.02
CA VAL C 173 8.56 28.39 -10.31
C VAL C 173 7.13 27.99 -10.65
N TYR C 174 6.34 27.67 -9.63
CA TYR C 174 4.94 27.31 -9.76
C TYR C 174 4.05 28.43 -9.21
N ILE C 175 2.98 28.73 -9.94
CA ILE C 175 1.96 29.66 -9.48
C ILE C 175 0.63 28.92 -9.35
N HIS C 176 -0.15 29.35 -8.37
CA HIS C 176 -1.46 28.79 -8.08
C HIS C 176 -2.47 29.91 -8.28
N VAL C 177 -3.46 29.69 -9.15
CA VAL C 177 -4.35 30.74 -9.63
C VAL C 177 -5.80 30.33 -9.47
N ASP C 178 -6.60 31.21 -8.88
CA ASP C 178 -8.05 31.05 -8.88
C ASP C 178 -8.58 31.49 -10.23
N THR C 179 -9.04 30.52 -11.02
CA THR C 179 -9.54 30.76 -12.36
C THR C 179 -11.06 30.85 -12.42
N GLN C 180 -11.75 30.79 -11.29
CA GLN C 180 -13.21 30.91 -11.22
C GLN C 180 -13.83 29.79 -12.05
N GLU C 181 -14.77 30.08 -12.97
CA GLU C 181 -15.54 29.05 -13.66
C GLU C 181 -14.86 28.50 -14.91
N ALA C 182 -13.72 29.05 -15.30
CA ALA C 182 -13.02 28.59 -16.50
C ALA C 182 -11.91 27.61 -16.14
N MET C 183 -11.47 26.88 -17.16
CA MET C 183 -10.30 26.03 -16.94
C MET C 183 -9.06 26.88 -16.72
N GLY C 184 -8.96 28.00 -17.43
CA GLY C 184 -7.92 29.00 -17.20
C GLY C 184 -6.59 28.78 -17.90
N ALA C 185 -6.54 28.00 -18.98
CA ALA C 185 -5.27 27.83 -19.71
C ALA C 185 -4.76 29.17 -20.24
N ASN C 186 -5.62 29.94 -20.91
CA ASN C 186 -5.15 31.19 -21.47
C ASN C 186 -4.74 32.16 -20.36
N MET C 187 -5.51 32.21 -19.28
CA MET C 187 -5.15 33.04 -18.15
C MET C 187 -3.77 32.68 -17.61
N LEU C 188 -3.55 31.40 -17.31
CA LEU C 188 -2.28 30.99 -16.72
C LEU C 188 -1.12 31.25 -17.67
N ASN C 189 -1.30 30.88 -18.95
CA ASN C 189 -0.21 31.05 -19.90
C ASN C 189 0.14 32.52 -20.08
N THR C 190 -0.88 33.39 -20.03
CA THR C 190 -0.62 34.82 -20.11
C THR C 190 0.14 35.32 -18.88
N MET C 191 -0.27 34.90 -17.68
CA MET C 191 0.48 35.28 -16.48
C MET C 191 1.91 34.75 -16.53
N LEU C 192 2.07 33.50 -16.96
CA LEU C 192 3.40 32.91 -17.03
C LEU C 192 4.29 33.61 -18.05
N GLU C 193 3.72 33.98 -19.21
CA GLU C 193 4.51 34.72 -20.18
C GLU C 193 5.06 36.01 -19.56
N ALA C 194 4.25 36.70 -18.75
CA ALA C 194 4.72 37.93 -18.11
C ALA C 194 5.84 37.68 -17.10
N LEU C 195 5.81 36.55 -16.39
CA LEU C 195 6.82 36.30 -15.37
C LEU C 195 8.17 35.85 -15.92
N LYS C 196 8.22 35.28 -17.13
CA LYS C 196 9.48 34.76 -17.68
C LYS C 196 10.63 35.75 -17.60
N PRO C 197 10.50 36.98 -18.11
CA PRO C 197 11.64 37.93 -18.05
C PRO C 197 12.13 38.20 -16.63
N VAL C 198 11.22 38.48 -15.69
CA VAL C 198 11.66 38.83 -14.35
C VAL C 198 12.24 37.61 -13.64
N LEU C 199 11.69 36.42 -13.91
CA LEU C 199 12.28 35.22 -13.33
C LEU C 199 13.69 34.99 -13.87
N GLU C 200 13.92 35.29 -15.15
CA GLU C 200 15.28 35.18 -15.67
C GLU C 200 16.20 36.17 -14.96
N GLU C 201 15.75 37.42 -14.77
CA GLU C 201 16.57 38.42 -14.11
C GLU C 201 16.87 38.01 -12.67
N LEU C 202 15.85 37.55 -11.94
CA LEU C 202 16.06 37.13 -10.56
C LEU C 202 17.02 35.95 -10.47
N SER C 203 16.91 35.02 -11.41
CA SER C 203 17.71 33.80 -11.33
C SER C 203 19.03 33.92 -12.08
N GLN C 204 19.19 34.93 -12.93
CA GLN C 204 20.31 34.98 -13.86
C GLN C 204 20.34 33.72 -14.71
N GLY C 205 19.15 33.18 -15.00
CA GLY C 205 19.01 31.98 -15.79
C GLY C 205 18.19 32.20 -17.06
N GLN C 206 17.96 31.11 -17.76
CA GLN C 206 17.23 31.11 -19.02
C GLN C 206 15.88 30.41 -18.82
N SER C 207 14.81 31.03 -19.30
CA SER C 207 13.49 30.40 -19.26
C SER C 207 13.31 29.46 -20.44
N LEU C 208 12.91 28.22 -20.14
CA LEU C 208 12.61 27.21 -21.14
C LEU C 208 11.16 27.26 -21.60
N MET C 209 10.22 27.52 -20.69
CA MET C 209 8.80 27.51 -20.99
C MET C 209 8.02 28.14 -19.83
N GLY C 210 6.79 28.57 -20.14
CA GLY C 210 5.82 28.99 -19.16
C GLY C 210 4.46 28.48 -19.57
N ILE C 211 3.90 27.53 -18.82
CA ILE C 211 2.72 26.81 -19.30
C ILE C 211 1.97 26.27 -18.09
N LEU C 212 0.65 26.17 -18.22
CA LEU C 212 -0.10 25.54 -17.16
C LEU C 212 0.22 24.05 -17.10
N SER C 213 -0.07 23.45 -15.95
CA SER C 213 0.12 22.03 -15.74
C SER C 213 -1.23 21.36 -15.56
N ASN C 214 -1.45 20.25 -16.27
CA ASN C 214 -2.66 19.45 -16.10
C ASN C 214 -2.56 18.50 -14.91
N TYR C 215 -1.46 18.54 -14.16
CA TYR C 215 -1.36 17.77 -12.92
C TYR C 215 -1.95 18.65 -11.82
N ALA C 216 -3.28 18.70 -11.78
CA ALA C 216 -4.00 19.77 -11.09
C ALA C 216 -4.25 19.40 -9.63
N THR C 217 -3.16 19.33 -8.86
CA THR C 217 -3.25 18.86 -7.48
C THR C 217 -3.81 19.92 -6.53
N ASP C 218 -4.03 21.14 -7.00
CA ASP C 218 -4.78 22.12 -6.26
C ASP C 218 -6.26 22.09 -6.57
N SER C 219 -6.74 21.09 -7.33
CA SER C 219 -8.15 20.94 -7.67
C SER C 219 -8.69 19.57 -7.29
N LEU C 220 -8.19 18.99 -6.21
CA LEU C 220 -8.63 17.66 -5.83
C LEU C 220 -10.07 17.67 -5.33
N VAL C 221 -10.84 16.66 -5.76
CA VAL C 221 -12.25 16.50 -5.39
C VAL C 221 -12.50 15.07 -4.96
N THR C 222 -13.22 14.89 -3.85
CA THR C 222 -13.50 13.56 -3.32
C THR C 222 -15.00 13.28 -3.36
N ALA C 223 -15.35 12.06 -3.75
CA ALA C 223 -16.71 11.58 -3.65
C ALA C 223 -16.68 10.25 -2.91
N SER C 224 -17.74 9.96 -2.17
CA SER C 224 -17.83 8.68 -1.49
C SER C 224 -19.28 8.24 -1.36
N CYS C 225 -19.46 6.95 -1.12
CA CYS C 225 -20.77 6.37 -0.89
C CYS C 225 -20.63 5.28 0.15
N ARG C 226 -21.75 4.88 0.73
CA ARG C 226 -21.79 3.88 1.79
C ARG C 226 -23.03 3.04 1.55
N ILE C 227 -22.83 1.78 1.13
CA ILE C 227 -23.90 0.94 0.63
C ILE C 227 -24.13 -0.22 1.60
N ALA C 228 -25.28 -0.20 2.29
CA ALA C 228 -25.64 -1.32 3.14
C ALA C 228 -25.69 -2.62 2.33
N PHE C 229 -25.26 -3.71 2.96
CA PHE C 229 -25.21 -5.00 2.27
C PHE C 229 -26.55 -5.38 1.67
N ARG C 230 -27.66 -4.93 2.28
CA ARG C 230 -28.98 -5.33 1.80
C ARG C 230 -29.30 -4.73 0.45
N TYR C 231 -28.63 -3.65 0.07
CA TYR C 231 -28.80 -3.07 -1.26
C TYR C 231 -27.94 -3.76 -2.30
N LEU C 232 -27.06 -4.67 -1.89
CA LEU C 232 -26.29 -5.44 -2.85
C LEU C 232 -26.97 -6.74 -3.22
N SER C 233 -27.87 -7.23 -2.36
CA SER C 233 -28.58 -8.47 -2.62
C SER C 233 -29.69 -8.63 -1.61
N ARG C 234 -30.82 -9.18 -2.06
CA ARG C 234 -31.92 -9.45 -1.14
C ARG C 234 -31.61 -10.65 -0.26
N GLN C 235 -30.83 -11.60 -0.77
CA GLN C 235 -30.52 -12.81 -0.04
C GLN C 235 -29.50 -12.53 1.05
N LYS C 236 -29.76 -13.08 2.24
CA LYS C 236 -28.97 -12.93 3.45
C LYS C 236 -27.50 -12.63 3.23
N ASP C 237 -26.68 -13.66 3.39
CA ASP C 237 -25.23 -13.51 3.32
C ASP C 237 -24.73 -12.99 1.98
N GLN C 238 -25.49 -13.20 0.91
CA GLN C 238 -25.02 -12.81 -0.41
C GLN C 238 -24.56 -11.36 -0.46
N GLY C 239 -25.24 -10.47 0.28
CA GLY C 239 -24.82 -9.07 0.26
C GLY C 239 -23.40 -8.88 0.75
N ARG C 240 -23.05 -9.54 1.86
CA ARG C 240 -21.69 -9.39 2.39
C ARG C 240 -20.66 -10.01 1.46
N GLU C 241 -20.99 -11.14 0.85
CA GLU C 241 -20.06 -11.78 -0.06
C GLU C 241 -19.76 -10.91 -1.28
N ILE C 242 -20.79 -10.26 -1.84
CA ILE C 242 -20.57 -9.32 -2.94
C ILE C 242 -19.71 -8.16 -2.48
N ALA C 243 -20.02 -7.61 -1.31
CA ALA C 243 -19.20 -6.55 -0.74
C ALA C 243 -17.74 -6.98 -0.62
N GLU C 244 -17.49 -8.19 -0.10
CA GLU C 244 -16.13 -8.66 0.12
C GLU C 244 -15.37 -8.78 -1.18
N LYS C 245 -16.04 -9.26 -2.24
CA LYS C 245 -15.38 -9.43 -3.52
C LYS C 245 -15.09 -8.09 -4.19
N ILE C 246 -15.99 -7.12 -4.03
CA ILE C 246 -15.73 -5.79 -4.57
C ILE C 246 -14.52 -5.16 -3.90
N ALA C 247 -14.40 -5.31 -2.58
CA ALA C 247 -13.21 -4.84 -1.88
C ALA C 247 -11.95 -5.57 -2.36
N LEU C 248 -12.05 -6.88 -2.53
CA LEU C 248 -10.92 -7.63 -3.07
C LEU C 248 -10.53 -7.14 -4.45
N ALA C 249 -11.52 -6.89 -5.31
CA ALA C 249 -11.28 -6.41 -6.65
C ALA C 249 -10.62 -5.04 -6.62
N SER C 250 -11.09 -4.18 -5.71
CA SER C 250 -10.44 -2.89 -5.53
C SER C 250 -9.02 -3.07 -5.04
N GLN C 251 -8.80 -4.04 -4.17
CA GLN C 251 -7.45 -4.33 -3.71
C GLN C 251 -6.58 -4.86 -4.85
N PHE C 252 -7.14 -5.70 -5.71
CA PHE C 252 -6.37 -6.22 -6.85
C PHE C 252 -5.88 -5.07 -7.72
N ALA C 253 -6.70 -4.02 -7.90
CA ALA C 253 -6.25 -2.90 -8.72
C ALA C 253 -5.12 -2.10 -8.07
N GLN C 254 -4.96 -2.20 -6.75
CA GLN C 254 -3.80 -1.61 -6.10
C GLN C 254 -2.53 -2.43 -6.30
N ALA C 255 -2.63 -3.72 -6.55
CA ALA C 255 -1.47 -4.60 -6.60
C ALA C 255 -0.97 -4.85 -8.02
N ASP C 256 -1.85 -4.80 -9.02
CA ASP C 256 -1.47 -5.18 -10.38
C ASP C 256 -1.75 -4.05 -11.38
N PRO C 257 -0.71 -3.44 -11.96
CA PRO C 257 -0.93 -2.43 -13.01
C PRO C 257 -1.79 -2.90 -14.16
N TYR C 258 -1.71 -4.18 -14.53
CA TYR C 258 -2.58 -4.70 -15.58
C TYR C 258 -4.04 -4.59 -15.21
N ARG C 259 -4.36 -4.72 -13.91
CA ARG C 259 -5.73 -4.53 -13.47
C ARG C 259 -6.06 -3.05 -13.28
N ALA C 260 -5.11 -2.29 -12.73
CA ALA C 260 -5.36 -0.87 -12.48
C ALA C 260 -5.76 -0.13 -13.76
N ALA C 261 -5.13 -0.47 -14.88
CA ALA C 261 -5.45 0.20 -16.14
C ALA C 261 -6.91 0.03 -16.50
N THR C 262 -7.44 -1.18 -16.31
CA THR C 262 -8.81 -1.49 -16.65
C THR C 262 -9.76 -0.88 -15.63
N HIS C 263 -9.45 -1.04 -14.34
CA HIS C 263 -10.18 -0.37 -13.27
C HIS C 263 -10.32 1.12 -13.56
N ASN C 264 -9.20 1.77 -13.86
CA ASN C 264 -9.24 3.21 -14.09
C ASN C 264 -9.91 3.54 -15.42
N LYS C 265 -9.71 2.70 -16.45
CA LYS C 265 -10.41 2.89 -17.71
C LYS C 265 -11.92 2.90 -17.51
N GLY C 266 -12.43 1.93 -16.73
CA GLY C 266 -13.86 1.87 -16.49
C GLY C 266 -14.40 3.12 -15.82
N ILE C 267 -13.61 3.69 -14.91
CA ILE C 267 -14.02 4.96 -14.30
C ILE C 267 -14.19 6.01 -15.37
N PHE C 268 -13.27 6.05 -16.34
CA PHE C 268 -13.32 7.12 -17.32
C PHE C 268 -14.30 6.87 -18.46
N ASN C 269 -14.82 5.65 -18.62
CA ASN C 269 -15.99 5.47 -19.47
C ASN C 269 -17.10 6.46 -19.06
N GLY C 270 -17.29 6.64 -17.75
CA GLY C 270 -18.28 7.55 -17.21
C GLY C 270 -17.85 9.00 -17.21
N ILE C 271 -16.65 9.25 -16.71
CA ILE C 271 -16.15 10.62 -16.60
C ILE C 271 -16.05 11.27 -17.98
N ASP C 272 -15.48 10.56 -18.94
CA ASP C 272 -15.35 11.17 -20.27
C ASP C 272 -16.71 11.40 -20.91
N ALA C 273 -17.69 10.53 -20.63
CA ALA C 273 -19.01 10.69 -21.21
C ALA C 273 -19.65 11.99 -20.76
N ILE C 274 -19.53 12.33 -19.47
CA ILE C 274 -20.16 13.58 -19.00
C ILE C 274 -19.29 14.79 -19.33
N LEU C 275 -17.96 14.62 -19.40
CA LEU C 275 -17.09 15.72 -19.82
C LEU C 275 -17.44 16.18 -21.24
N ILE C 276 -17.59 15.21 -22.16
CA ILE C 276 -17.96 15.57 -23.53
C ILE C 276 -19.32 16.26 -23.56
N ALA C 277 -20.31 15.68 -22.86
CA ALA C 277 -21.67 16.26 -22.88
C ALA C 277 -21.68 17.68 -22.32
N THR C 278 -20.78 18.01 -21.39
CA THR C 278 -20.72 19.35 -20.82
C THR C 278 -19.63 20.20 -21.46
N GLY C 279 -19.07 19.77 -22.59
CA GLY C 279 -18.12 20.56 -23.34
C GLY C 279 -16.75 20.72 -22.70
N ASN C 280 -16.35 19.82 -21.81
CA ASN C 280 -15.08 19.94 -21.11
C ASN C 280 -13.98 19.14 -21.81
N ASP C 281 -12.74 19.53 -21.53
CA ASP C 281 -11.55 18.92 -22.14
C ASP C 281 -11.25 17.63 -21.40
N TRP C 282 -11.59 16.49 -21.99
CA TRP C 282 -11.37 15.22 -21.29
C TRP C 282 -9.91 14.76 -21.34
N ARG C 283 -9.11 15.22 -22.32
CA ARG C 283 -7.69 14.91 -22.30
C ARG C 283 -7.04 15.46 -21.06
N ALA C 284 -7.45 16.67 -20.66
CA ALA C 284 -6.91 17.30 -19.46
C ALA C 284 -7.24 16.48 -18.21
N ILE C 285 -8.51 16.12 -18.06
CA ILE C 285 -8.90 15.38 -16.87
C ILE C 285 -8.24 14.01 -16.86
N GLU C 286 -8.23 13.31 -18.01
CA GLU C 286 -7.59 12.00 -18.10
C GLU C 286 -6.14 12.07 -17.64
N ALA C 287 -5.36 12.99 -18.21
CA ALA C 287 -3.93 13.07 -17.92
C ALA C 287 -3.69 13.35 -16.44
N GLY C 288 -4.42 14.32 -15.88
CA GLY C 288 -4.21 14.63 -14.48
C GLY C 288 -4.49 13.44 -13.58
N ALA C 289 -5.50 12.64 -13.91
CA ALA C 289 -5.91 11.53 -13.07
C ALA C 289 -4.98 10.33 -13.18
N HIS C 290 -4.64 9.92 -14.41
CA HIS C 290 -3.72 8.80 -14.61
C HIS C 290 -2.34 9.11 -14.03
N ALA C 291 -1.89 10.37 -14.15
CA ALA C 291 -0.66 10.78 -13.46
C ALA C 291 -0.83 10.71 -11.95
N PHE C 292 -1.99 11.12 -11.43
CA PHE C 292 -2.26 11.03 -9.99
C PHE C 292 -2.25 9.59 -9.52
N ALA C 293 -2.71 8.67 -10.37
CA ALA C 293 -2.77 7.25 -10.03
C ALA C 293 -1.37 6.63 -9.89
N SER C 294 -0.34 7.31 -10.38
CA SER C 294 1.00 6.74 -10.29
C SER C 294 1.96 7.58 -9.46
N ARG C 295 1.44 8.45 -8.58
CA ARG C 295 2.31 9.39 -7.87
C ARG C 295 3.21 8.68 -6.86
N ASP C 296 2.83 7.49 -6.44
CA ASP C 296 3.60 6.71 -5.48
C ASP C 296 4.59 5.78 -6.17
N GLY C 297 4.81 5.94 -7.47
CA GLY C 297 5.78 5.15 -8.19
C GLY C 297 5.24 3.91 -8.87
N ARG C 298 3.96 3.59 -8.67
CA ARG C 298 3.37 2.44 -9.32
C ARG C 298 1.98 2.84 -9.75
N TYR C 299 1.61 2.44 -10.96
CA TYR C 299 0.29 2.77 -11.50
C TYR C 299 -0.78 1.95 -10.79
N GLN C 300 -1.70 2.62 -10.09
CA GLN C 300 -2.66 1.93 -9.21
C GLN C 300 -4.09 2.41 -9.47
N GLY C 301 -5.06 1.64 -8.97
CA GLY C 301 -6.45 2.03 -9.12
C GLY C 301 -6.73 3.34 -8.40
N LEU C 302 -7.60 4.16 -9.00
CA LEU C 302 -7.88 5.51 -8.49
C LEU C 302 -8.92 5.55 -7.38
N SER C 303 -9.64 4.46 -7.13
CA SER C 303 -10.65 4.40 -6.09
C SER C 303 -10.34 3.25 -5.14
N CYS C 304 -10.98 3.29 -3.97
CA CYS C 304 -10.80 2.24 -2.97
CA CYS C 304 -10.79 2.28 -2.94
C CYS C 304 -12.14 1.89 -2.36
N TRP C 305 -12.41 0.60 -2.29
CA TRP C 305 -13.63 0.04 -1.70
C TRP C 305 -13.22 -0.79 -0.50
N THR C 306 -13.89 -0.59 0.63
CA THR C 306 -13.54 -1.23 1.88
C THR C 306 -14.81 -1.74 2.55
N LEU C 307 -14.65 -2.78 3.38
CA LEU C 307 -15.75 -3.34 4.15
C LEU C 307 -15.89 -2.64 5.49
N ASP C 308 -17.11 -2.24 5.83
CA ASP C 308 -17.44 -1.83 7.17
C ASP C 308 -18.31 -2.94 7.76
N LEU C 309 -17.65 -3.97 8.28
CA LEU C 309 -18.36 -5.12 8.82
C LEU C 309 -19.28 -4.73 9.96
N GLU C 310 -18.89 -3.72 10.74
CA GLU C 310 -19.70 -3.32 11.89
C GLU C 310 -21.05 -2.75 11.43
N ARG C 311 -21.04 -1.83 10.47
CA ARG C 311 -22.29 -1.28 9.98
C ARG C 311 -22.89 -2.10 8.86
N GLU C 312 -22.21 -3.15 8.41
CA GLU C 312 -22.65 -3.95 7.28
C GLU C 312 -22.88 -3.05 6.06
N GLU C 313 -21.80 -2.37 5.68
CA GLU C 313 -21.82 -1.43 4.57
C GLU C 313 -20.59 -1.61 3.70
N LEU C 314 -20.78 -1.46 2.40
CA LEU C 314 -19.69 -1.38 1.44
C LEU C 314 -19.37 0.08 1.22
N VAL C 315 -18.10 0.45 1.40
CA VAL C 315 -17.71 1.86 1.40
C VAL C 315 -16.83 2.13 0.20
N GLY C 316 -17.20 3.12 -0.60
CA GLY C 316 -16.44 3.49 -1.79
C GLY C 316 -15.98 4.92 -1.71
N GLU C 317 -14.78 5.17 -2.24
CA GLU C 317 -14.19 6.52 -2.19
C GLU C 317 -13.26 6.74 -3.37
N MET C 318 -13.27 7.95 -3.92
CA MET C 318 -12.38 8.29 -5.02
C MET C 318 -12.04 9.77 -5.02
N THR C 319 -10.74 10.07 -5.05
CA THR C 319 -10.24 11.44 -5.14
C THR C 319 -9.47 11.63 -6.44
N LEU C 320 -9.81 12.70 -7.17
CA LEU C 320 -9.16 13.01 -8.43
C LEU C 320 -8.95 14.51 -8.58
N PRO C 321 -7.94 14.94 -9.36
CA PRO C 321 -7.94 16.34 -9.82
C PRO C 321 -9.10 16.54 -10.79
N MET C 322 -9.94 17.53 -10.52
CA MET C 322 -11.15 17.74 -11.32
C MET C 322 -11.34 19.22 -11.62
N PRO C 323 -10.39 19.83 -12.28
CA PRO C 323 -10.53 21.25 -12.64
C PRO C 323 -11.41 21.48 -13.87
N VAL C 324 -12.70 21.16 -13.75
CA VAL C 324 -13.61 21.28 -14.89
C VAL C 324 -14.09 22.72 -15.02
N ALA C 325 -14.88 23.01 -16.06
CA ALA C 325 -15.29 24.38 -16.31
C ALA C 325 -16.75 24.43 -16.70
N THR C 326 -17.36 25.60 -16.49
CA THR C 326 -18.70 25.90 -16.98
C THR C 326 -18.72 27.10 -17.90
N LYS C 327 -17.58 27.79 -18.05
CA LYS C 327 -17.44 28.95 -18.93
C LYS C 327 -16.17 28.82 -19.73
N GLY C 328 -16.21 29.33 -20.95
CA GLY C 328 -15.01 29.44 -21.73
C GLY C 328 -14.77 28.22 -22.57
N GLY C 329 -13.61 28.22 -23.21
CA GLY C 329 -13.16 27.09 -23.99
C GLY C 329 -14.19 26.42 -24.85
N SER C 330 -15.06 27.22 -25.48
CA SER C 330 -16.10 26.81 -26.42
C SER C 330 -17.38 26.32 -25.77
N ILE C 331 -17.50 26.28 -24.44
CA ILE C 331 -18.79 25.89 -23.84
C ILE C 331 -19.81 26.94 -24.27
N GLY C 332 -20.98 26.48 -24.69
CA GLY C 332 -22.00 27.39 -25.16
C GLY C 332 -22.12 27.45 -26.66
N LEU C 333 -21.07 27.10 -27.40
CA LEU C 333 -21.17 27.14 -28.86
C LEU C 333 -21.91 25.93 -29.38
N ASN C 334 -21.61 24.77 -28.83
CA ASN C 334 -22.29 23.55 -29.19
C ASN C 334 -23.66 23.56 -28.51
N PRO C 335 -24.77 23.63 -29.25
CA PRO C 335 -26.10 23.77 -28.61
C PRO C 335 -26.44 22.62 -27.67
N ARG C 336 -25.98 21.41 -27.94
CA ARG C 336 -26.28 20.34 -27.00
C ARG C 336 -25.45 20.47 -25.73
N VAL C 337 -24.33 21.19 -25.77
CA VAL C 337 -23.57 21.44 -24.54
C VAL C 337 -24.33 22.39 -23.64
N ALA C 338 -24.78 23.53 -24.19
CA ALA C 338 -25.62 24.44 -23.43
C ALA C 338 -26.83 23.69 -22.86
N LEU C 339 -27.39 22.78 -23.65
CA LEU C 339 -28.51 21.99 -23.16
C LEU C 339 -28.10 21.12 -21.97
N SER C 340 -26.90 20.51 -22.05
CA SER C 340 -26.41 19.66 -20.96
C SER C 340 -26.26 20.44 -19.67
N HIS C 341 -25.71 21.65 -19.75
CA HIS C 341 -25.63 22.45 -18.54
C HIS C 341 -27.01 22.85 -18.03
N ASP C 342 -27.92 23.27 -18.93
CA ASP C 342 -29.29 23.59 -18.49
C ASP C 342 -29.93 22.39 -17.81
N LEU C 343 -29.75 21.21 -18.40
CA LEU C 343 -30.31 19.99 -17.83
C LEU C 343 -29.82 19.74 -16.41
N LEU C 344 -28.55 20.06 -16.13
CA LEU C 344 -28.01 19.84 -14.80
C LEU C 344 -28.35 20.97 -13.83
N GLY C 345 -29.15 21.95 -14.25
CA GLY C 345 -29.48 23.08 -13.41
C GLY C 345 -28.44 24.17 -13.40
N ASN C 346 -27.59 24.23 -14.42
CA ASN C 346 -26.52 25.22 -14.52
C ASN C 346 -25.62 25.23 -13.28
N PRO C 347 -25.03 24.09 -12.91
CA PRO C 347 -24.17 24.06 -11.72
C PRO C 347 -22.89 24.87 -11.90
N SER C 348 -22.36 25.34 -10.78
CA SER C 348 -21.02 25.93 -10.76
C SER C 348 -19.99 24.88 -11.14
N ALA C 349 -18.78 25.36 -11.47
CA ALA C 349 -17.69 24.42 -11.77
C ALA C 349 -17.47 23.46 -10.61
N ARG C 350 -17.51 23.97 -9.38
CA ARG C 350 -17.29 23.13 -8.21
C ARG C 350 -18.40 22.10 -8.05
N GLU C 351 -19.67 22.51 -8.21
CA GLU C 351 -20.77 21.55 -8.17
C GLU C 351 -20.62 20.53 -9.30
N LEU C 352 -20.27 20.98 -10.49
CA LEU C 352 -20.09 20.03 -11.59
C LEU C 352 -18.94 19.06 -11.30
N ALA C 353 -17.84 19.55 -10.72
CA ALA C 353 -16.75 18.64 -10.38
C ALA C 353 -17.24 17.52 -9.45
N GLN C 354 -18.15 17.82 -8.52
CA GLN C 354 -18.63 16.82 -7.56
C GLN C 354 -19.57 15.82 -8.23
N ILE C 355 -20.38 16.27 -9.17
CA ILE C 355 -21.21 15.36 -9.95
C ILE C 355 -20.34 14.43 -10.79
N ILE C 356 -19.32 14.98 -11.43
CA ILE C 356 -18.43 14.16 -12.26
C ILE C 356 -17.68 13.14 -11.40
N GLU C 357 -17.20 13.58 -10.23
CA GLU C 357 -16.51 12.62 -9.36
C GLU C 357 -17.47 11.50 -8.95
N SER C 358 -18.71 11.85 -8.59
CA SER C 358 -19.68 10.84 -8.20
C SER C 358 -19.98 9.88 -9.35
N ILE C 359 -20.17 10.42 -10.54
CA ILE C 359 -20.43 9.58 -11.70
C ILE C 359 -19.32 8.55 -11.89
N GLY C 360 -18.06 8.97 -11.77
CA GLY C 360 -16.95 8.04 -11.94
C GLY C 360 -16.97 6.91 -10.92
N LEU C 361 -17.22 7.25 -9.67
CA LEU C 361 -17.32 6.22 -8.64
C LEU C 361 -18.54 5.32 -8.88
N ALA C 362 -19.64 5.91 -9.38
CA ALA C 362 -20.80 5.11 -9.76
C ALA C 362 -20.44 4.14 -10.88
N GLN C 363 -19.79 4.65 -11.92
CA GLN C 363 -19.34 3.80 -13.01
C GLN C 363 -18.43 2.69 -12.50
N ASN C 364 -17.50 3.03 -11.61
CA ASN C 364 -16.58 2.02 -11.06
C ASN C 364 -17.35 0.95 -10.28
N PHE C 365 -18.33 1.37 -9.48
CA PHE C 365 -19.08 0.41 -8.68
C PHE C 365 -19.77 -0.61 -9.56
N ALA C 366 -20.39 -0.15 -10.65
CA ALA C 366 -21.13 -1.06 -11.52
C ALA C 366 -20.18 -2.04 -12.20
N ALA C 367 -18.99 -1.57 -12.59
CA ALA C 367 -17.99 -2.44 -13.20
C ALA C 367 -17.52 -3.52 -12.22
N LEU C 368 -17.22 -3.13 -10.98
CA LEU C 368 -16.74 -4.12 -10.02
C LEU C 368 -17.83 -5.12 -9.65
N LYS C 369 -19.05 -4.66 -9.40
CA LYS C 369 -20.12 -5.59 -9.06
C LYS C 369 -20.31 -6.63 -10.15
N ALA C 370 -20.34 -6.20 -11.41
CA ALA C 370 -20.50 -7.16 -12.51
C ALA C 370 -19.32 -8.12 -12.58
N LEU C 371 -18.11 -7.64 -12.30
CA LEU C 371 -16.91 -8.47 -12.40
C LEU C 371 -16.97 -9.64 -11.42
N VAL C 372 -17.42 -9.40 -10.19
CA VAL C 372 -17.35 -10.40 -9.14
C VAL C 372 -18.66 -11.16 -8.97
N SER C 373 -19.72 -10.75 -9.66
CA SER C 373 -21.02 -11.39 -9.48
C SER C 373 -21.19 -12.50 -10.51
N THR C 374 -20.41 -13.55 -10.32
CA THR C 374 -20.47 -14.80 -11.09
C THR C 374 -21.04 -14.64 -12.50
N LYS D 4 -0.95 19.18 -60.22
CA LYS D 4 -1.42 20.55 -59.98
C LYS D 4 -2.34 20.59 -58.74
N ILE D 5 -2.94 19.44 -58.42
CA ILE D 5 -3.79 19.31 -57.24
C ILE D 5 -2.89 19.23 -56.01
N SER D 6 -3.02 20.21 -55.11
CA SER D 6 -2.11 20.37 -53.99
C SER D 6 -2.88 20.65 -52.71
N TRP D 7 -2.24 20.36 -51.57
CA TRP D 7 -2.81 20.72 -50.28
C TRP D 7 -2.47 22.14 -49.85
N ASN D 8 -1.53 22.80 -50.55
CA ASN D 8 -1.12 24.16 -50.21
C ASN D 8 -2.34 25.06 -50.04
N GLY D 9 -2.36 25.82 -48.95
CA GLY D 9 -3.44 26.75 -48.68
C GLY D 9 -4.74 26.12 -48.23
N PHE D 10 -4.75 24.84 -47.90
CA PHE D 10 -5.98 24.18 -47.47
C PHE D 10 -6.61 24.89 -46.29
N SER D 11 -5.79 25.29 -45.31
CA SER D 11 -6.35 25.88 -44.09
C SER D 11 -7.15 27.14 -44.39
N LYS D 12 -6.58 28.06 -45.20
CA LYS D 12 -7.24 29.32 -45.53
C LYS D 12 -8.46 29.13 -46.42
N LYS D 13 -8.58 27.98 -47.09
CA LYS D 13 -9.75 27.77 -47.93
C LYS D 13 -11.00 27.73 -47.08
N SER D 14 -12.12 28.10 -47.70
CA SER D 14 -13.42 27.97 -47.09
C SER D 14 -13.83 26.49 -46.99
N TYR D 15 -14.82 26.24 -46.13
CA TYR D 15 -15.40 24.91 -46.01
C TYR D 15 -15.72 24.33 -47.39
N GLN D 16 -16.46 25.10 -48.18
CA GLN D 16 -16.88 24.65 -49.51
C GLN D 16 -15.69 24.25 -50.36
N GLU D 17 -14.65 25.06 -50.34
CA GLU D 17 -13.44 24.83 -51.11
C GLU D 17 -12.63 23.65 -50.55
N ARG D 18 -12.62 23.47 -49.23
CA ARG D 18 -11.96 22.30 -48.67
C ARG D 18 -12.56 21.02 -49.23
N LEU D 19 -13.90 20.97 -49.30
CA LEU D 19 -14.58 19.82 -49.87
C LEU D 19 -14.22 19.65 -51.34
N GLU D 20 -14.16 20.76 -52.09
CA GLU D 20 -13.81 20.70 -53.49
C GLU D 20 -12.38 20.20 -53.66
N LEU D 21 -11.45 20.73 -52.86
CA LEU D 21 -10.09 20.22 -52.92
C LEU D 21 -10.05 18.75 -52.53
N LEU D 22 -10.75 18.36 -51.46
CA LEU D 22 -10.82 16.95 -51.09
C LEU D 22 -11.30 16.09 -52.24
N LYS D 23 -12.29 16.58 -52.98
CA LYS D 23 -12.78 15.83 -54.13
C LYS D 23 -11.69 15.68 -55.19
N ALA D 24 -10.95 16.76 -55.46
CA ALA D 24 -9.86 16.67 -56.43
C ALA D 24 -8.76 15.70 -55.98
N GLN D 25 -8.48 15.63 -54.68
CA GLN D 25 -7.48 14.69 -54.17
C GLN D 25 -7.93 13.25 -54.32
N ALA D 26 -9.20 13.02 -54.60
CA ALA D 26 -9.73 11.70 -54.91
C ALA D 26 -9.53 10.73 -53.76
N LEU D 27 -9.62 11.23 -52.52
CA LEU D 27 -9.45 10.35 -51.39
C LEU D 27 -10.69 9.51 -51.09
N LEU D 28 -11.86 9.94 -51.55
CA LEU D 28 -13.10 9.24 -51.25
C LEU D 28 -13.81 8.79 -52.52
N SER D 29 -14.52 7.66 -52.41
CA SER D 29 -15.42 7.22 -53.47
C SER D 29 -16.52 8.26 -53.70
N PRO D 30 -17.19 8.20 -54.85
CA PRO D 30 -18.31 9.13 -55.07
C PRO D 30 -19.34 9.04 -53.96
N GLU D 31 -19.62 7.83 -53.48
CA GLU D 31 -20.60 7.66 -52.40
C GLU D 31 -20.13 8.34 -51.11
N ARG D 32 -18.87 8.12 -50.73
CA ARG D 32 -18.36 8.72 -49.51
C ARG D 32 -18.30 10.26 -49.61
N GLN D 33 -17.84 10.78 -50.75
CA GLN D 33 -17.77 12.23 -50.92
C GLN D 33 -19.16 12.83 -50.82
N ALA D 34 -20.16 12.20 -51.44
CA ALA D 34 -21.53 12.66 -51.30
C ALA D 34 -21.97 12.61 -49.84
N SER D 35 -21.64 11.52 -49.14
CA SER D 35 -21.95 11.42 -47.71
C SER D 35 -21.36 12.60 -46.95
N LEU D 36 -20.09 12.90 -47.19
CA LEU D 36 -19.44 13.99 -46.46
C LEU D 36 -20.05 15.34 -46.83
N GLU D 37 -20.37 15.53 -48.12
CA GLU D 37 -20.89 16.81 -48.56
C GLU D 37 -22.28 17.09 -47.98
N LYS D 38 -23.08 16.05 -47.77
CA LYS D 38 -24.35 16.19 -47.07
C LYS D 38 -24.19 16.13 -45.56
N ASP D 39 -22.94 16.07 -45.09
CA ASP D 39 -22.60 15.94 -43.66
C ASP D 39 -23.47 14.87 -42.99
N GLU D 40 -23.46 13.68 -43.57
CA GLU D 40 -24.26 12.58 -43.06
C GLU D 40 -23.78 12.16 -41.68
N GLN D 41 -24.70 12.04 -40.72
CA GLN D 41 -24.40 11.73 -39.34
C GLN D 41 -24.93 10.35 -38.99
N MET D 42 -24.35 9.76 -37.97
CA MET D 42 -25.00 8.62 -37.35
C MET D 42 -26.40 9.01 -36.92
N SER D 43 -27.39 8.19 -37.26
CA SER D 43 -28.78 8.47 -36.92
C SER D 43 -29.07 8.14 -35.47
N VAL D 44 -30.21 8.65 -35.00
CA VAL D 44 -30.68 8.31 -33.66
C VAL D 44 -30.96 6.81 -33.59
N THR D 45 -31.43 6.22 -34.69
CA THR D 45 -31.70 4.78 -34.72
C THR D 45 -30.44 3.96 -34.52
N VAL D 46 -29.33 4.37 -35.15
CA VAL D 46 -28.06 3.69 -34.93
C VAL D 46 -27.53 3.99 -33.54
N ALA D 47 -27.60 5.26 -33.12
CA ALA D 47 -27.18 5.59 -31.77
C ALA D 47 -27.91 4.75 -30.73
N ASP D 48 -29.20 4.52 -30.95
CA ASP D 48 -30.02 3.76 -30.02
C ASP D 48 -29.53 2.34 -29.86
N GLN D 49 -28.78 1.82 -30.83
CA GLN D 49 -28.22 0.48 -30.79
C GLN D 49 -26.81 0.42 -30.21
N LEU D 50 -26.11 1.55 -30.11
CA LEU D 50 -24.77 1.58 -29.52
C LEU D 50 -24.79 1.84 -28.02
N SER D 51 -25.79 2.56 -27.53
CA SER D 51 -25.80 2.99 -26.14
C SER D 51 -27.21 2.81 -25.58
N GLU D 52 -27.37 3.18 -24.30
CA GLU D 52 -28.62 3.04 -23.58
C GLU D 52 -29.15 4.42 -23.22
N ASN D 53 -30.44 4.47 -22.89
CA ASN D 53 -31.14 5.70 -22.50
C ASN D 53 -30.91 6.81 -23.53
N VAL D 54 -30.82 6.43 -24.80
CA VAL D 54 -30.50 7.42 -25.83
C VAL D 54 -31.70 8.31 -26.10
N VAL D 55 -31.46 9.61 -26.13
CA VAL D 55 -32.51 10.60 -26.37
C VAL D 55 -32.05 11.53 -27.50
N GLY D 56 -30.92 11.21 -28.12
CA GLY D 56 -30.46 12.03 -29.22
C GLY D 56 -29.01 11.72 -29.56
N THR D 57 -28.39 12.61 -30.32
CA THR D 57 -27.00 12.48 -30.69
C THR D 57 -26.29 13.80 -30.40
N PHE D 58 -24.97 13.72 -30.41
CA PHE D 58 -24.11 14.83 -30.01
C PHE D 58 -23.02 14.96 -31.06
N SER D 59 -22.86 16.16 -31.62
CA SER D 59 -21.90 16.41 -32.69
C SER D 59 -20.69 17.20 -32.23
N LEU D 60 -19.56 16.89 -32.85
CA LEU D 60 -18.26 17.54 -32.72
C LEU D 60 -17.70 17.85 -34.10
N PRO D 61 -16.68 18.71 -34.20
CA PRO D 61 -16.09 18.98 -35.53
C PRO D 61 -15.37 17.77 -36.11
N TYR D 62 -15.35 17.70 -37.45
CA TYR D 62 -14.65 16.65 -38.18
C TYR D 62 -13.69 17.33 -39.16
N SER D 63 -12.40 17.12 -38.97
CA SER D 63 -11.37 17.89 -39.67
C SER D 63 -10.35 16.96 -40.33
N LEU D 64 -9.53 17.52 -41.21
CA LEU D 64 -8.50 16.78 -41.91
C LEU D 64 -7.11 17.32 -41.57
N VAL D 65 -6.19 16.39 -41.33
CA VAL D 65 -4.77 16.72 -41.19
C VAL D 65 -4.05 16.10 -42.38
N PRO D 66 -3.67 16.88 -43.39
CA PRO D 66 -3.06 16.27 -44.58
C PRO D 66 -1.56 16.05 -44.40
N GLU D 67 -1.02 15.24 -45.31
CA GLU D 67 0.44 15.07 -45.45
C GLU D 67 1.07 14.44 -44.21
N VAL D 68 0.44 13.38 -43.72
CA VAL D 68 1.03 12.55 -42.68
C VAL D 68 1.76 11.39 -43.38
N LEU D 69 3.09 11.40 -43.32
CA LEU D 69 3.95 10.46 -44.05
C LEU D 69 4.51 9.42 -43.08
N VAL D 70 4.09 8.17 -43.22
CA VAL D 70 4.47 7.09 -42.31
C VAL D 70 5.02 5.94 -43.12
N ASN D 71 6.29 5.58 -42.87
CA ASN D 71 6.98 4.51 -43.57
C ASN D 71 6.88 4.71 -45.08
N GLY D 72 7.08 5.95 -45.52
CA GLY D 72 7.10 6.29 -46.92
C GLY D 72 5.75 6.40 -47.60
N GLN D 73 4.65 6.16 -46.90
CA GLN D 73 3.31 6.30 -47.46
C GLN D 73 2.62 7.51 -46.84
N GLU D 74 1.99 8.33 -47.69
CA GLU D 74 1.34 9.56 -47.26
C GLU D 74 -0.15 9.33 -47.02
N TYR D 75 -0.63 9.90 -45.91
CA TYR D 75 -2.03 9.80 -45.51
C TYR D 75 -2.59 11.19 -45.22
N THR D 76 -3.90 11.28 -45.37
CA THR D 76 -4.69 12.40 -44.85
C THR D 76 -5.49 11.86 -43.68
N VAL D 77 -5.23 12.39 -42.49
CA VAL D 77 -5.72 11.83 -41.24
C VAL D 77 -6.98 12.57 -40.82
N PRO D 78 -8.04 11.88 -40.41
CA PRO D 78 -9.21 12.57 -39.86
C PRO D 78 -9.06 12.81 -38.36
N TYR D 79 -9.54 13.98 -37.94
CA TYR D 79 -9.51 14.39 -36.54
C TYR D 79 -10.90 14.80 -36.10
N VAL D 80 -11.29 14.40 -34.88
CA VAL D 80 -12.48 14.90 -34.21
C VAL D 80 -12.05 15.52 -32.89
N THR D 81 -12.09 16.86 -32.80
CA THR D 81 -11.75 17.55 -31.57
C THR D 81 -12.54 18.84 -31.45
N GLU D 82 -12.78 19.27 -30.20
CA GLU D 82 -13.43 20.54 -29.90
C GLU D 82 -12.42 21.62 -29.46
N GLU D 83 -11.12 21.34 -29.53
CA GLU D 83 -10.11 22.25 -29.00
C GLU D 83 -9.46 23.06 -30.10
N PRO D 84 -9.55 24.38 -30.05
CA PRO D 84 -8.93 25.20 -31.10
C PRO D 84 -7.42 24.99 -31.15
N SER D 85 -6.90 25.06 -32.37
CA SER D 85 -5.48 25.04 -32.74
C SER D 85 -4.92 23.63 -32.73
N VAL D 86 -5.63 22.63 -32.23
CA VAL D 86 -5.09 21.27 -32.23
C VAL D 86 -4.89 20.76 -33.65
N VAL D 87 -5.91 20.95 -34.51
CA VAL D 87 -5.82 20.47 -35.90
C VAL D 87 -4.73 21.22 -36.66
N ALA D 88 -4.72 22.54 -36.54
CA ALA D 88 -3.67 23.34 -37.16
C ALA D 88 -2.30 22.91 -36.67
N ALA D 89 -2.17 22.63 -35.38
CA ALA D 89 -0.86 22.25 -34.85
C ALA D 89 -0.38 20.95 -35.50
N ALA D 90 -1.25 19.95 -35.55
CA ALA D 90 -0.88 18.66 -36.13
C ALA D 90 -0.58 18.79 -37.62
N SER D 91 -1.33 19.63 -38.34
CA SER D 91 -1.03 19.82 -39.76
C SER D 91 0.32 20.51 -39.93
N TYR D 92 0.62 21.48 -39.08
CA TYR D 92 1.90 22.19 -39.13
C TYR D 92 3.07 21.24 -38.84
N ALA D 93 2.96 20.42 -37.79
CA ALA D 93 4.02 19.46 -37.49
C ALA D 93 4.16 18.41 -38.59
N SER D 94 3.04 17.90 -39.12
CA SER D 94 3.11 16.85 -40.14
C SER D 94 3.81 17.32 -41.41
N LYS D 95 3.50 18.55 -41.84
CA LYS D 95 4.15 19.09 -43.03
C LYS D 95 5.66 19.23 -42.81
N ILE D 96 6.06 19.79 -41.66
CA ILE D 96 7.49 19.92 -41.38
C ILE D 96 8.17 18.55 -41.39
N ILE D 97 7.58 17.59 -40.68
CA ILE D 97 8.21 16.29 -40.54
C ILE D 97 8.18 15.54 -41.87
N LYS D 98 7.15 15.78 -42.69
CA LYS D 98 7.16 15.23 -44.04
C LYS D 98 8.37 15.72 -44.82
N ARG D 99 8.67 17.03 -44.74
CA ARG D 99 9.87 17.55 -45.37
C ARG D 99 11.12 16.86 -44.87
N ALA D 100 11.13 16.46 -43.60
CA ALA D 100 12.28 15.81 -42.99
C ALA D 100 12.28 14.31 -43.20
N GLY D 101 11.46 13.80 -44.12
CA GLY D 101 11.43 12.39 -44.43
C GLY D 101 10.28 11.61 -43.82
N GLY D 102 9.43 12.25 -43.01
CA GLY D 102 8.30 11.55 -42.41
C GLY D 102 8.68 10.72 -41.20
N PHE D 103 7.70 9.96 -40.74
CA PHE D 103 7.89 9.10 -39.58
C PHE D 103 8.37 7.73 -40.02
N THR D 104 9.14 7.09 -39.14
CA THR D 104 9.47 5.68 -39.24
C THR D 104 8.81 4.99 -38.07
N ALA D 105 8.02 3.94 -38.33
CA ALA D 105 7.17 3.37 -37.31
C ALA D 105 7.14 1.85 -37.43
N GLN D 106 6.90 1.18 -36.32
CA GLN D 106 6.84 -0.27 -36.30
C GLN D 106 5.93 -0.75 -35.18
N VAL D 107 5.29 -1.91 -35.41
CA VAL D 107 4.55 -2.66 -34.39
C VAL D 107 5.47 -3.75 -33.82
N HIS D 108 5.67 -3.74 -32.49
CA HIS D 108 6.51 -4.71 -31.80
C HIS D 108 5.81 -6.06 -31.64
N GLN D 109 4.52 -6.02 -31.32
CA GLN D 109 3.64 -7.17 -31.11
C GLN D 109 2.21 -6.66 -31.22
N ARG D 110 1.30 -7.56 -31.52
CA ARG D 110 -0.13 -7.23 -31.52
C ARG D 110 -0.88 -8.45 -31.00
N GLN D 111 -1.01 -8.51 -29.67
CA GLN D 111 -1.85 -9.45 -28.96
C GLN D 111 -2.49 -8.68 -27.82
N MET D 112 -3.67 -9.13 -27.42
CA MET D 112 -4.38 -8.59 -26.28
C MET D 112 -4.18 -9.49 -25.07
N ILE D 113 -4.17 -8.87 -23.89
CA ILE D 113 -3.94 -9.54 -22.63
C ILE D 113 -5.23 -9.48 -21.80
N GLY D 114 -5.65 -10.64 -21.30
CA GLY D 114 -6.67 -10.71 -20.29
C GLY D 114 -6.15 -11.52 -19.11
N GLN D 115 -6.82 -11.39 -17.97
CA GLN D 115 -6.32 -11.98 -16.74
C GLN D 115 -7.45 -12.60 -15.93
N VAL D 116 -7.11 -13.69 -15.25
CA VAL D 116 -7.94 -14.26 -14.18
C VAL D 116 -7.18 -14.08 -12.87
N ALA D 117 -7.82 -13.44 -11.89
CA ALA D 117 -7.24 -13.24 -10.57
C ALA D 117 -7.78 -14.33 -9.66
N LEU D 118 -6.87 -15.05 -8.99
CA LEU D 118 -7.24 -16.09 -8.05
C LEU D 118 -6.77 -15.67 -6.66
N TYR D 119 -7.53 -16.02 -5.63
CA TYR D 119 -7.12 -15.76 -4.26
C TYR D 119 -7.38 -17.00 -3.42
N GLN D 120 -6.86 -16.98 -2.20
CA GLN D 120 -6.95 -18.14 -1.31
C GLN D 120 -6.29 -19.36 -1.93
N VAL D 121 -5.16 -19.15 -2.59
CA VAL D 121 -4.40 -20.27 -3.12
C VAL D 121 -3.37 -20.63 -2.05
N ALA D 122 -3.61 -21.76 -1.37
CA ALA D 122 -2.77 -22.14 -0.24
C ALA D 122 -1.34 -22.41 -0.68
N ASN D 123 -1.16 -23.01 -1.86
CA ASN D 123 0.15 -23.42 -2.36
C ASN D 123 0.41 -22.76 -3.72
N PRO D 124 0.70 -21.46 -3.73
CA PRO D 124 0.87 -20.77 -5.02
C PRO D 124 1.97 -21.36 -5.90
N LYS D 125 3.09 -21.76 -5.32
CA LYS D 125 4.15 -22.35 -6.15
C LYS D 125 3.64 -23.60 -6.87
N LEU D 126 3.00 -24.50 -6.13
CA LEU D 126 2.46 -25.69 -6.79
C LEU D 126 1.40 -25.30 -7.82
N ALA D 127 0.46 -24.42 -7.46
CA ALA D 127 -0.56 -24.00 -8.43
C ALA D 127 0.09 -23.40 -9.68
N GLN D 128 1.09 -22.53 -9.48
CA GLN D 128 1.81 -21.92 -10.59
C GLN D 128 2.42 -22.97 -11.50
N GLU D 129 2.97 -24.04 -10.92
CA GLU D 129 3.59 -25.09 -11.74
C GLU D 129 2.53 -25.94 -12.42
N LYS D 130 1.45 -26.28 -11.72
CA LYS D 130 0.39 -27.06 -12.33
C LYS D 130 -0.24 -26.33 -13.51
N ILE D 131 -0.54 -25.03 -13.34
CA ILE D 131 -1.19 -24.28 -14.42
C ILE D 131 -0.27 -24.17 -15.63
N ALA D 132 1.01 -23.84 -15.40
CA ALA D 132 1.96 -23.72 -16.52
C ALA D 132 2.12 -25.04 -17.24
N SER D 133 2.10 -26.15 -16.52
CA SER D 133 2.24 -27.44 -17.17
C SER D 133 1.05 -27.78 -18.05
N LYS D 134 -0.10 -27.13 -17.84
CA LYS D 134 -1.31 -27.36 -18.63
C LYS D 134 -1.56 -26.25 -19.64
N LYS D 135 -0.52 -25.48 -19.98
CA LYS D 135 -0.68 -24.33 -20.86
C LYS D 135 -1.46 -24.68 -22.12
N ALA D 136 -0.98 -25.67 -22.87
CA ALA D 136 -1.63 -26.03 -24.12
C ALA D 136 -3.08 -26.40 -23.89
N GLU D 137 -3.35 -27.23 -22.89
CA GLU D 137 -4.72 -27.68 -22.63
C GLU D 137 -5.62 -26.51 -22.27
N LEU D 138 -5.08 -25.49 -21.58
CA LEU D 138 -5.90 -24.33 -21.21
C LEU D 138 -6.12 -23.40 -22.40
N LEU D 139 -5.11 -23.22 -23.23
CA LEU D 139 -5.30 -22.39 -24.42
C LEU D 139 -6.33 -23.01 -25.36
N GLU D 140 -6.37 -24.34 -25.41
CA GLU D 140 -7.37 -25.02 -26.24
C GLU D 140 -8.78 -24.81 -25.66
N LEU D 141 -8.90 -24.80 -24.33
CA LEU D 141 -10.18 -24.52 -23.69
C LEU D 141 -10.65 -23.10 -24.01
N ALA D 142 -9.74 -22.14 -23.89
CA ALA D 142 -10.06 -20.76 -24.24
C ALA D 142 -10.48 -20.67 -25.71
N ASN D 143 -9.76 -21.35 -26.59
CA ASN D 143 -10.09 -21.26 -28.01
C ASN D 143 -11.44 -21.91 -28.33
N GLN D 144 -11.78 -23.00 -27.65
CA GLN D 144 -13.11 -23.59 -27.87
C GLN D 144 -14.24 -22.70 -27.37
N ALA D 145 -13.97 -21.81 -26.42
CA ALA D 145 -15.00 -20.90 -25.92
C ALA D 145 -15.33 -19.79 -26.90
N TYR D 146 -14.45 -19.49 -27.86
CA TYR D 146 -14.67 -18.42 -28.83
C TYR D 146 -14.16 -18.92 -30.17
N PRO D 147 -14.82 -19.92 -30.75
CA PRO D 147 -14.25 -20.59 -31.92
C PRO D 147 -14.24 -19.75 -33.18
N SER D 148 -15.01 -18.66 -33.24
CA SER D 148 -15.06 -17.87 -34.46
C SER D 148 -13.70 -17.26 -34.78
N ILE D 149 -12.94 -16.85 -33.76
CA ILE D 149 -11.63 -16.26 -34.01
C ILE D 149 -10.66 -17.33 -34.51
N VAL D 150 -10.84 -18.55 -34.03
CA VAL D 150 -9.98 -19.66 -34.43
C VAL D 150 -10.17 -19.98 -35.90
N LYS D 151 -11.41 -19.97 -36.39
CA LYS D 151 -11.66 -20.18 -37.81
C LYS D 151 -10.92 -19.18 -38.67
N ARG D 152 -10.69 -17.98 -38.15
CA ARG D 152 -10.04 -16.92 -38.92
C ARG D 152 -8.53 -16.89 -38.72
N GLY D 153 -7.97 -17.78 -37.92
CA GLY D 153 -6.52 -17.87 -37.78
C GLY D 153 -5.93 -17.27 -36.52
N GLY D 154 -6.74 -16.63 -35.67
CA GLY D 154 -6.26 -16.06 -34.42
C GLY D 154 -6.58 -16.96 -33.26
N GLY D 155 -6.61 -16.37 -32.07
CA GLY D 155 -6.96 -17.09 -30.87
C GLY D 155 -5.90 -16.94 -29.81
N ALA D 156 -6.10 -17.66 -28.71
CA ALA D 156 -5.17 -17.55 -27.59
C ALA D 156 -3.84 -18.21 -27.93
N ARG D 157 -2.74 -17.46 -27.74
CA ARG D 157 -1.40 -17.86 -28.13
C ARG D 157 -0.48 -18.15 -26.97
N ASP D 158 -0.72 -17.54 -25.80
CA ASP D 158 0.22 -17.71 -24.71
C ASP D 158 -0.52 -17.57 -23.39
N LEU D 159 0.15 -18.02 -22.33
CA LEU D 159 -0.41 -18.01 -20.99
C LEU D 159 0.73 -18.01 -20.00
N HIS D 160 0.66 -17.15 -18.99
CA HIS D 160 1.64 -17.07 -17.90
CA HIS D 160 1.58 -17.31 -17.88
C HIS D 160 0.90 -16.94 -16.58
N VAL D 161 1.50 -17.44 -15.49
CA VAL D 161 0.97 -17.37 -14.15
C VAL D 161 1.99 -16.64 -13.29
N GLU D 162 1.52 -15.67 -12.52
CA GLU D 162 2.35 -14.81 -11.68
C GLU D 162 1.78 -14.74 -10.27
N GLN D 163 2.65 -14.79 -9.27
CA GLN D 163 2.27 -14.45 -7.91
C GLN D 163 2.44 -12.94 -7.74
N ILE D 164 1.39 -12.29 -7.29
CA ILE D 164 1.43 -10.86 -6.99
C ILE D 164 1.17 -10.74 -5.50
N LYS D 165 2.23 -10.57 -4.73
CA LYS D 165 2.14 -10.48 -3.29
C LYS D 165 1.54 -9.13 -2.90
N GLY D 166 0.96 -9.07 -1.71
CA GLY D 166 0.34 -7.86 -1.22
C GLY D 166 -0.70 -8.17 -0.16
N GLU D 167 -1.76 -7.37 -0.14
CA GLU D 167 -2.78 -7.46 0.90
C GLU D 167 -4.13 -7.66 0.26
N PRO D 168 -4.52 -8.91 -0.04
CA PRO D 168 -3.74 -10.13 0.12
C PRO D 168 -2.90 -10.51 -1.10
N ASP D 169 -2.30 -11.71 -1.08
CA ASP D 169 -1.63 -12.23 -2.27
C ASP D 169 -2.65 -12.69 -3.30
N PHE D 170 -2.33 -12.49 -4.56
CA PHE D 170 -3.14 -12.97 -5.66
C PHE D 170 -2.29 -13.88 -6.55
N LEU D 171 -2.90 -14.91 -7.10
CA LEU D 171 -2.29 -15.70 -8.18
C LEU D 171 -2.99 -15.31 -9.47
N VAL D 172 -2.24 -14.77 -10.42
CA VAL D 172 -2.81 -14.15 -11.62
C VAL D 172 -2.42 -14.97 -12.85
N VAL D 173 -3.43 -15.39 -13.60
CA VAL D 173 -3.24 -16.06 -14.89
C VAL D 173 -3.51 -15.06 -16.02
N TYR D 174 -2.53 -14.84 -16.87
CA TYR D 174 -2.65 -13.98 -18.02
C TYR D 174 -2.71 -14.81 -19.29
N ILE D 175 -3.60 -14.44 -20.22
CA ILE D 175 -3.65 -15.05 -21.54
C ILE D 175 -3.36 -13.98 -22.58
N HIS D 176 -2.66 -14.38 -23.63
CA HIS D 176 -2.28 -13.50 -24.72
C HIS D 176 -2.97 -14.00 -25.97
N VAL D 177 -3.75 -13.12 -26.60
CA VAL D 177 -4.69 -13.53 -27.64
C VAL D 177 -4.47 -12.68 -28.88
N ASP D 178 -4.34 -13.34 -30.01
CA ASP D 178 -4.35 -12.70 -31.32
C ASP D 178 -5.80 -12.43 -31.72
N THR D 179 -6.23 -11.17 -31.67
CA THR D 179 -7.61 -10.81 -31.98
C THR D 179 -7.76 -10.34 -33.42
N GLN D 180 -6.69 -10.38 -34.19
CA GLN D 180 -6.70 -10.02 -35.61
C GLN D 180 -7.15 -8.56 -35.72
N GLU D 181 -8.14 -8.24 -36.54
CA GLU D 181 -8.48 -6.84 -36.79
C GLU D 181 -9.46 -6.27 -35.77
N ALA D 182 -9.92 -7.08 -34.82
CA ALA D 182 -10.90 -6.66 -33.81
C ALA D 182 -10.19 -6.36 -32.50
N MET D 183 -10.85 -5.60 -31.62
CA MET D 183 -10.23 -5.38 -30.31
C MET D 183 -10.43 -6.56 -29.36
N GLY D 184 -11.57 -7.26 -29.41
CA GLY D 184 -11.63 -8.51 -28.67
C GLY D 184 -11.96 -8.42 -27.19
N ALA D 185 -12.63 -7.35 -26.75
CA ALA D 185 -13.08 -7.31 -25.36
C ALA D 185 -14.00 -8.49 -25.05
N ASN D 186 -15.02 -8.69 -25.88
CA ASN D 186 -15.92 -9.82 -25.66
C ASN D 186 -15.21 -11.16 -25.89
N MET D 187 -14.34 -11.23 -26.90
CA MET D 187 -13.58 -12.45 -27.13
C MET D 187 -12.79 -12.85 -25.88
N LEU D 188 -11.98 -11.93 -25.35
CA LEU D 188 -11.19 -12.24 -24.16
C LEU D 188 -12.05 -12.54 -22.94
N ASN D 189 -13.10 -11.72 -22.71
CA ASN D 189 -13.95 -11.95 -21.54
C ASN D 189 -14.62 -13.32 -21.61
N THR D 190 -15.01 -13.74 -22.81
CA THR D 190 -15.60 -15.05 -22.97
C THR D 190 -14.57 -16.16 -22.72
N MET D 191 -13.36 -16.00 -23.25
CA MET D 191 -12.31 -16.99 -22.97
C MET D 191 -12.00 -17.09 -21.48
N LEU D 192 -11.88 -15.94 -20.80
CA LEU D 192 -11.53 -15.94 -19.38
C LEU D 192 -12.64 -16.54 -18.53
N GLU D 193 -13.90 -16.24 -18.86
CA GLU D 193 -15.01 -16.87 -18.13
C GLU D 193 -14.95 -18.38 -18.22
N ALA D 194 -14.59 -18.92 -19.39
CA ALA D 194 -14.50 -20.37 -19.55
C ALA D 194 -13.37 -20.96 -18.73
N LEU D 195 -12.27 -20.21 -18.56
CA LEU D 195 -11.10 -20.70 -17.84
C LEU D 195 -11.25 -20.67 -16.32
N LYS D 196 -12.11 -19.81 -15.80
CA LYS D 196 -12.21 -19.64 -14.34
C LYS D 196 -12.40 -20.95 -13.59
N PRO D 197 -13.37 -21.80 -13.94
CA PRO D 197 -13.57 -23.04 -13.16
C PRO D 197 -12.36 -23.94 -13.13
N VAL D 198 -11.73 -24.19 -14.29
CA VAL D 198 -10.62 -25.13 -14.30
C VAL D 198 -9.40 -24.56 -13.61
N LEU D 199 -9.16 -23.25 -13.74
CA LEU D 199 -8.06 -22.63 -13.01
C LEU D 199 -8.29 -22.69 -11.50
N GLU D 200 -9.54 -22.57 -11.05
CA GLU D 200 -9.85 -22.75 -9.63
C GLU D 200 -9.50 -24.17 -9.18
N GLU D 201 -9.83 -25.17 -10.00
CA GLU D 201 -9.51 -26.56 -9.67
C GLU D 201 -8.01 -26.79 -9.63
N LEU D 202 -7.30 -26.30 -10.64
CA LEU D 202 -5.86 -26.49 -10.72
C LEU D 202 -5.15 -25.82 -9.54
N SER D 203 -5.61 -24.65 -9.15
CA SER D 203 -4.99 -23.93 -8.05
C SER D 203 -5.59 -24.29 -6.71
N GLN D 204 -6.74 -24.94 -6.68
CA GLN D 204 -7.45 -25.09 -5.41
C GLN D 204 -7.71 -23.73 -4.77
N GLY D 205 -7.91 -22.71 -5.61
CA GLY D 205 -8.20 -21.37 -5.14
C GLY D 205 -9.55 -20.85 -5.59
N GLN D 206 -9.83 -19.59 -5.31
CA GLN D 206 -11.08 -18.93 -5.67
C GLN D 206 -10.83 -17.93 -6.79
N SER D 207 -11.70 -17.94 -7.80
CA SER D 207 -11.66 -16.98 -8.89
C SER D 207 -12.29 -15.67 -8.45
N LEU D 208 -11.56 -14.55 -8.59
CA LEU D 208 -12.14 -13.24 -8.28
C LEU D 208 -12.77 -12.58 -9.50
N MET D 209 -12.13 -12.71 -10.66
CA MET D 209 -12.57 -12.03 -11.85
C MET D 209 -11.83 -12.64 -13.04
N GLY D 210 -12.43 -12.47 -14.21
CA GLY D 210 -11.79 -12.77 -15.46
C GLY D 210 -12.14 -11.66 -16.44
N ILE D 211 -11.16 -10.86 -16.83
CA ILE D 211 -11.45 -9.64 -17.57
C ILE D 211 -10.21 -9.27 -18.37
N LEU D 212 -10.42 -8.64 -19.52
CA LEU D 212 -9.27 -8.19 -20.29
C LEU D 212 -8.55 -7.09 -19.53
N SER D 213 -7.31 -6.84 -19.92
CA SER D 213 -6.50 -5.79 -19.33
C SER D 213 -6.28 -4.70 -20.37
N ASN D 214 -6.52 -3.46 -19.98
CA ASN D 214 -6.22 -2.34 -20.87
C ASN D 214 -4.76 -1.91 -20.79
N TYR D 215 -3.93 -2.58 -19.98
CA TYR D 215 -2.48 -2.29 -20.00
C TYR D 215 -1.84 -3.17 -21.07
N ALA D 216 -1.98 -2.72 -22.32
CA ALA D 216 -1.80 -3.59 -23.48
C ALA D 216 -0.33 -3.62 -23.91
N THR D 217 0.52 -4.23 -23.07
CA THR D 217 1.96 -4.25 -23.29
C THR D 217 2.39 -5.25 -24.36
N ASP D 218 1.48 -6.09 -24.86
CA ASP D 218 1.68 -6.93 -26.03
C ASP D 218 1.21 -6.25 -27.33
N SER D 219 0.97 -4.93 -27.29
CA SER D 219 0.53 -4.17 -28.46
C SER D 219 1.32 -2.87 -28.58
N LEU D 220 2.60 -2.90 -28.24
CA LEU D 220 3.42 -1.71 -28.31
C LEU D 220 3.74 -1.31 -29.75
N VAL D 221 3.71 0.00 -30.00
CA VAL D 221 4.02 0.57 -31.31
C VAL D 221 4.95 1.76 -31.08
N THR D 222 5.99 1.86 -31.89
CA THR D 222 6.95 2.95 -31.76
C THR D 222 7.01 3.74 -33.06
N ALA D 223 7.04 5.06 -32.93
CA ALA D 223 7.23 5.97 -34.05
C ALA D 223 8.39 6.90 -33.74
N SER D 224 9.10 7.31 -34.79
CA SER D 224 10.24 8.19 -34.65
C SER D 224 10.31 9.15 -35.81
N CYS D 225 11.01 10.25 -35.58
CA CYS D 225 11.30 11.19 -36.65
C CYS D 225 12.69 11.75 -36.46
N ARG D 226 13.21 12.33 -37.53
CA ARG D 226 14.57 12.85 -37.58
C ARG D 226 14.49 14.12 -38.41
N ILE D 227 14.61 15.27 -37.76
CA ILE D 227 14.35 16.58 -38.36
C ILE D 227 15.66 17.38 -38.38
N ALA D 228 16.17 17.65 -39.57
CA ALA D 228 17.33 18.53 -39.72
C ALA D 228 17.07 19.89 -39.08
N PHE D 229 18.10 20.47 -38.45
CA PHE D 229 17.92 21.74 -37.75
C PHE D 229 17.34 22.81 -38.67
N ARG D 230 17.65 22.74 -39.98
CA ARG D 230 17.20 23.76 -40.93
C ARG D 230 15.70 23.76 -41.15
N TYR D 231 15.03 22.66 -40.83
CA TYR D 231 13.57 22.58 -40.93
C TYR D 231 12.86 23.15 -39.71
N LEU D 232 13.58 23.52 -38.66
CA LEU D 232 12.98 23.96 -37.39
C LEU D 232 12.72 25.47 -37.30
N SER D 233 13.09 26.25 -38.30
CA SER D 233 12.82 27.68 -38.16
C SER D 233 13.02 28.37 -39.49
N ARG D 234 12.21 29.41 -39.74
CA ARG D 234 12.39 30.16 -40.97
C ARG D 234 13.71 30.92 -40.96
N GLN D 235 14.14 31.36 -39.78
CA GLN D 235 15.47 31.95 -39.56
C GLN D 235 16.46 30.81 -39.34
N LYS D 236 16.91 30.22 -40.44
CA LYS D 236 17.85 29.09 -40.49
C LYS D 236 18.78 28.93 -39.29
N ASP D 237 19.52 29.98 -38.93
CA ASP D 237 20.49 29.85 -37.85
C ASP D 237 19.82 29.45 -36.54
N GLN D 238 18.60 29.93 -36.30
CA GLN D 238 17.86 29.61 -35.08
C GLN D 238 17.64 28.11 -34.87
N GLY D 239 17.62 27.30 -35.94
CA GLY D 239 17.20 25.91 -35.81
C GLY D 239 17.88 25.10 -34.72
N ARG D 240 19.19 25.29 -34.54
CA ARG D 240 19.88 24.54 -33.49
C ARG D 240 19.33 24.91 -32.11
N GLU D 241 19.08 26.19 -31.89
CA GLU D 241 18.57 26.63 -30.59
C GLU D 241 17.20 26.00 -30.31
N ILE D 242 16.33 25.94 -31.31
CA ILE D 242 15.03 25.31 -31.14
C ILE D 242 15.18 23.82 -30.84
N ALA D 243 16.04 23.13 -31.60
CA ALA D 243 16.28 21.72 -31.30
C ALA D 243 16.72 21.54 -29.85
N GLU D 244 17.67 22.36 -29.40
CA GLU D 244 18.17 22.22 -28.03
C GLU D 244 17.08 22.45 -27.02
N LYS D 245 16.21 23.44 -27.26
CA LYS D 245 15.13 23.72 -26.32
C LYS D 245 14.04 22.65 -26.34
N ILE D 246 13.76 22.06 -27.51
CA ILE D 246 12.80 20.96 -27.54
C ILE D 246 13.33 19.77 -26.77
N ALA D 247 14.61 19.44 -26.97
CA ALA D 247 15.26 18.40 -26.18
C ALA D 247 15.22 18.74 -24.69
N LEU D 248 15.49 19.99 -24.34
CA LEU D 248 15.40 20.37 -22.93
C LEU D 248 13.98 20.19 -22.41
N ALA D 249 12.97 20.58 -23.20
CA ALA D 249 11.58 20.44 -22.77
C ALA D 249 11.22 18.98 -22.55
N SER D 250 11.68 18.09 -23.45
CA SER D 250 11.47 16.67 -23.26
C SER D 250 12.10 16.15 -21.98
N GLN D 251 13.31 16.62 -21.64
CA GLN D 251 13.95 16.23 -20.39
C GLN D 251 13.21 16.77 -19.19
N PHE D 252 12.68 17.99 -19.30
CA PHE D 252 11.90 18.52 -18.21
C PHE D 252 10.71 17.61 -17.91
N ALA D 253 10.09 17.05 -18.96
CA ALA D 253 8.98 16.11 -18.77
C ALA D 253 9.42 14.80 -18.18
N GLN D 254 10.72 14.47 -18.30
CA GLN D 254 11.30 13.33 -17.60
C GLN D 254 11.53 13.61 -16.13
N ALA D 255 11.68 14.88 -15.76
CA ALA D 255 12.07 15.27 -14.41
C ALA D 255 10.91 15.70 -13.52
N ASP D 256 9.84 16.25 -14.10
CA ASP D 256 8.74 16.82 -13.29
C ASP D 256 7.39 16.23 -13.67
N PRO D 257 6.73 15.47 -12.79
CA PRO D 257 5.38 14.98 -13.10
C PRO D 257 4.41 16.10 -13.46
N TYR D 258 4.53 17.29 -12.86
CA TYR D 258 3.68 18.39 -13.26
C TYR D 258 3.88 18.72 -14.73
N ARG D 259 5.09 18.58 -15.24
CA ARG D 259 5.30 18.79 -16.66
C ARG D 259 4.86 17.59 -17.47
N ALA D 260 5.18 16.38 -17.00
CA ALA D 260 4.91 15.16 -17.78
C ALA D 260 3.42 15.02 -18.08
N ALA D 261 2.57 15.33 -17.10
CA ALA D 261 1.13 15.22 -17.32
C ALA D 261 0.70 16.07 -18.51
N THR D 262 1.22 17.28 -18.61
CA THR D 262 0.86 18.20 -19.67
C THR D 262 1.49 17.78 -20.99
N HIS D 263 2.75 17.35 -20.94
CA HIS D 263 3.41 16.74 -22.07
C HIS D 263 2.55 15.62 -22.65
N ASN D 264 2.09 14.69 -21.79
CA ASN D 264 1.34 13.55 -22.29
C ASN D 264 -0.06 13.95 -22.73
N LYS D 265 -0.67 14.90 -22.01
CA LYS D 265 -1.96 15.45 -22.44
C LYS D 265 -1.87 15.96 -23.88
N GLY D 266 -0.78 16.67 -24.20
CA GLY D 266 -0.65 17.20 -25.55
C GLY D 266 -0.58 16.13 -26.60
N ILE D 267 0.07 15.00 -26.27
CA ILE D 267 0.08 13.87 -27.19
C ILE D 267 -1.34 13.39 -27.46
N PHE D 268 -2.16 13.31 -26.41
CA PHE D 268 -3.48 12.72 -26.57
C PHE D 268 -4.52 13.67 -27.14
N ASN D 269 -4.24 14.98 -27.24
CA ASN D 269 -5.07 15.85 -28.07
C ASN D 269 -5.13 15.30 -29.50
N GLY D 270 -4.00 14.84 -30.02
CA GLY D 270 -3.97 14.25 -31.35
C GLY D 270 -4.48 12.83 -31.39
N ILE D 271 -3.98 11.97 -30.50
CA ILE D 271 -4.35 10.56 -30.54
C ILE D 271 -5.85 10.39 -30.32
N ASP D 272 -6.42 11.08 -29.33
CA ASP D 272 -7.85 10.89 -29.09
C ASP D 272 -8.69 11.40 -30.25
N ALA D 273 -8.22 12.43 -30.95
CA ALA D 273 -8.94 12.96 -32.11
C ALA D 273 -9.01 11.94 -33.23
N ILE D 274 -7.91 11.24 -33.52
CA ILE D 274 -7.98 10.23 -34.59
C ILE D 274 -8.61 8.93 -34.08
N LEU D 275 -8.50 8.61 -32.80
CA LEU D 275 -9.21 7.44 -32.24
C LEU D 275 -10.72 7.59 -32.40
N ILE D 276 -11.28 8.73 -32.01
CA ILE D 276 -12.72 8.95 -32.19
C ILE D 276 -13.10 8.86 -33.66
N ALA D 277 -12.30 9.49 -34.52
CA ALA D 277 -12.61 9.52 -35.94
C ALA D 277 -12.66 8.13 -36.53
N THR D 278 -11.89 7.19 -36.00
CA THR D 278 -11.87 5.84 -36.55
C THR D 278 -12.67 4.86 -35.70
N GLY D 279 -13.48 5.37 -34.74
CA GLY D 279 -14.33 4.52 -33.93
C GLY D 279 -13.61 3.68 -32.88
N ASN D 280 -12.44 4.10 -32.43
CA ASN D 280 -11.68 3.29 -31.46
C ASN D 280 -11.87 3.80 -30.04
N ASP D 281 -11.60 2.92 -29.08
CA ASP D 281 -11.87 3.18 -27.66
C ASP D 281 -10.74 4.03 -27.08
N TRP D 282 -10.96 5.34 -26.97
CA TRP D 282 -9.89 6.19 -26.50
C TRP D 282 -9.69 6.12 -24.98
N ARG D 283 -10.71 5.71 -24.21
CA ARG D 283 -10.47 5.48 -22.78
C ARG D 283 -9.46 4.38 -22.59
N ALA D 284 -9.55 3.31 -23.40
CA ALA D 284 -8.59 2.22 -23.31
C ALA D 284 -7.17 2.69 -23.61
N ILE D 285 -7.02 3.43 -24.71
CA ILE D 285 -5.69 3.87 -25.11
C ILE D 285 -5.11 4.87 -24.10
N GLU D 286 -5.92 5.83 -23.64
CA GLU D 286 -5.47 6.75 -22.59
C GLU D 286 -4.97 5.97 -21.37
N ALA D 287 -5.77 5.04 -20.87
CA ALA D 287 -5.40 4.35 -19.64
C ALA D 287 -4.11 3.58 -19.81
N GLY D 288 -3.99 2.81 -20.90
CA GLY D 288 -2.79 2.00 -21.09
C GLY D 288 -1.53 2.81 -21.26
N ALA D 289 -1.63 3.95 -21.97
CA ALA D 289 -0.46 4.78 -22.23
C ALA D 289 -0.02 5.51 -20.98
N HIS D 290 -0.95 6.15 -20.27
CA HIS D 290 -0.55 6.83 -19.03
C HIS D 290 0.00 5.82 -18.02
N ALA D 291 -0.53 4.59 -17.97
CA ALA D 291 0.09 3.57 -17.14
C ALA D 291 1.51 3.25 -17.62
N PHE D 292 1.70 3.18 -18.94
CA PHE D 292 3.01 2.90 -19.51
C PHE D 292 4.03 3.98 -19.15
N ALA D 293 3.54 5.20 -18.91
CA ALA D 293 4.40 6.33 -18.64
C ALA D 293 5.14 6.24 -17.31
N SER D 294 4.71 5.35 -16.41
CA SER D 294 5.41 5.19 -15.13
C SER D 294 6.12 3.86 -15.04
N ARG D 295 6.42 3.25 -16.19
CA ARG D 295 6.97 1.90 -16.20
C ARG D 295 8.34 1.82 -15.56
N ASP D 296 9.09 2.92 -15.53
CA ASP D 296 10.42 2.98 -14.94
C ASP D 296 10.40 3.45 -13.48
N GLY D 297 9.24 3.46 -12.83
CA GLY D 297 9.14 3.84 -11.43
C GLY D 297 8.76 5.28 -11.14
N ARG D 298 8.61 6.11 -12.17
CA ARG D 298 8.18 7.48 -12.00
C ARG D 298 7.33 7.86 -13.22
N TYR D 299 6.28 8.63 -12.98
CA TYR D 299 5.41 9.10 -14.07
C TYR D 299 6.15 10.15 -14.90
N GLN D 300 6.37 9.85 -16.20
CA GLN D 300 7.24 10.67 -17.03
C GLN D 300 6.62 10.94 -18.40
N GLY D 301 7.25 11.84 -19.15
CA GLY D 301 6.81 12.07 -20.51
C GLY D 301 6.89 10.80 -21.34
N LEU D 302 5.93 10.63 -22.25
CA LEU D 302 5.80 9.40 -23.03
C LEU D 302 6.68 9.36 -24.27
N SER D 303 7.25 10.49 -24.69
CA SER D 303 8.11 10.59 -25.85
C SER D 303 9.43 11.20 -25.43
N CYS D 304 10.44 11.02 -26.27
CA CYS D 304 11.80 11.48 -25.99
CA CYS D 304 11.81 11.44 -26.00
C CYS D 304 12.34 12.19 -27.21
N TRP D 305 12.87 13.38 -26.99
CA TRP D 305 13.48 14.18 -28.04
C TRP D 305 14.95 14.38 -27.70
N THR D 306 15.82 14.12 -28.68
CA THR D 306 17.25 14.18 -28.44
C THR D 306 17.93 14.87 -29.62
N LEU D 307 19.10 15.43 -29.32
CA LEU D 307 19.94 16.09 -30.31
C LEU D 307 20.91 15.09 -30.92
N ASP D 308 21.00 15.11 -32.24
CA ASP D 308 22.09 14.45 -32.98
C ASP D 308 22.98 15.57 -33.49
N LEU D 309 23.87 16.05 -32.62
CA LEU D 309 24.68 17.22 -32.95
C LEU D 309 25.57 16.95 -34.16
N GLU D 310 26.06 15.71 -34.30
CA GLU D 310 26.93 15.39 -35.42
C GLU D 310 26.18 15.49 -36.74
N ARG D 311 24.98 14.95 -36.77
CA ARG D 311 24.12 15.04 -37.95
C ARG D 311 23.30 16.32 -37.97
N GLU D 312 23.34 17.13 -36.92
CA GLU D 312 22.54 18.34 -36.84
C GLU D 312 21.06 18.03 -37.10
N GLU D 313 20.54 17.12 -36.27
CA GLU D 313 19.17 16.66 -36.39
C GLU D 313 18.53 16.55 -35.01
N LEU D 314 17.24 16.87 -34.96
CA LEU D 314 16.41 16.65 -33.77
C LEU D 314 15.68 15.32 -33.97
N VAL D 315 15.82 14.43 -32.99
CA VAL D 315 15.30 13.07 -33.10
C VAL D 315 14.20 12.88 -32.06
N GLY D 316 13.03 12.45 -32.51
CA GLY D 316 11.89 12.21 -31.61
C GLY D 316 11.45 10.76 -31.70
N GLU D 317 11.05 10.21 -30.56
CA GLU D 317 10.66 8.80 -30.50
C GLU D 317 9.59 8.58 -29.43
N MET D 318 8.63 7.71 -29.72
CA MET D 318 7.56 7.47 -28.76
C MET D 318 7.01 6.06 -28.91
N THR D 319 6.98 5.33 -27.80
CA THR D 319 6.44 3.99 -27.73
C THR D 319 5.22 4.00 -26.82
N LEU D 320 4.09 3.48 -27.32
CA LEU D 320 2.84 3.41 -26.58
C LEU D 320 2.16 2.08 -26.82
N PRO D 321 1.36 1.61 -25.88
CA PRO D 321 0.43 0.51 -26.20
C PRO D 321 -0.68 1.05 -27.10
N MET D 322 -0.88 0.40 -28.25
CA MET D 322 -1.81 0.90 -29.27
C MET D 322 -2.63 -0.24 -29.86
N PRO D 323 -3.43 -0.93 -29.04
CA PRO D 323 -4.30 -2.02 -29.52
C PRO D 323 -5.58 -1.55 -30.20
N VAL D 324 -5.45 -0.86 -31.32
CA VAL D 324 -6.62 -0.33 -32.03
C VAL D 324 -7.25 -1.37 -32.95
N ALA D 325 -8.37 -1.04 -33.58
CA ALA D 325 -9.06 -2.03 -34.40
C ALA D 325 -9.56 -1.40 -35.69
N THR D 326 -9.83 -2.26 -36.68
CA THR D 326 -10.52 -1.85 -37.89
C THR D 326 -11.84 -2.59 -38.10
N LYS D 327 -12.19 -3.53 -37.24
CA LYS D 327 -13.44 -4.28 -37.27
C LYS D 327 -14.09 -4.21 -35.90
N GLY D 328 -15.42 -4.23 -35.86
CA GLY D 328 -16.15 -4.30 -34.61
C GLY D 328 -16.66 -2.97 -34.10
N GLY D 329 -17.25 -3.02 -32.91
CA GLY D 329 -17.81 -1.83 -32.28
C GLY D 329 -18.66 -1.00 -33.22
N SER D 330 -18.41 0.31 -33.22
CA SER D 330 -19.15 1.25 -34.06
C SER D 330 -18.52 1.43 -35.43
N ILE D 331 -17.44 0.70 -35.75
CA ILE D 331 -16.73 0.93 -37.01
C ILE D 331 -17.65 0.69 -38.20
N GLY D 332 -18.52 -0.31 -38.11
CA GLY D 332 -19.43 -0.49 -39.21
C GLY D 332 -20.69 0.36 -39.12
N LEU D 333 -21.04 0.78 -37.90
CA LEU D 333 -22.31 1.47 -37.63
C LEU D 333 -22.29 2.99 -37.85
N ASN D 334 -21.26 3.69 -37.36
CA ASN D 334 -21.21 5.13 -37.54
C ASN D 334 -20.76 5.44 -38.96
N PRO D 335 -21.61 6.03 -39.81
CA PRO D 335 -21.19 6.21 -41.20
C PRO D 335 -19.92 7.04 -41.35
N ARG D 336 -19.66 8.01 -40.47
CA ARG D 336 -18.43 8.78 -40.57
C ARG D 336 -17.20 8.01 -40.10
N VAL D 337 -17.37 6.98 -39.26
CA VAL D 337 -16.25 6.13 -38.91
C VAL D 337 -15.82 5.32 -40.13
N ALA D 338 -16.77 4.67 -40.79
CA ALA D 338 -16.45 3.94 -42.02
C ALA D 338 -15.77 4.86 -43.03
N LEU D 339 -16.25 6.10 -43.13
CA LEU D 339 -15.64 7.06 -44.06
C LEU D 339 -14.20 7.36 -43.67
N SER D 340 -13.94 7.49 -42.37
CA SER D 340 -12.58 7.74 -41.88
C SER D 340 -11.64 6.61 -42.30
N HIS D 341 -12.08 5.36 -42.15
CA HIS D 341 -11.24 4.25 -42.58
C HIS D 341 -11.02 4.27 -44.09
N ASP D 342 -12.09 4.52 -44.87
CA ASP D 342 -11.92 4.67 -46.31
C ASP D 342 -10.95 5.79 -46.64
N LEU D 343 -11.06 6.92 -45.93
CA LEU D 343 -10.19 8.08 -46.13
C LEU D 343 -8.72 7.72 -46.00
N LEU D 344 -8.38 6.86 -45.02
CA LEU D 344 -7.01 6.44 -44.79
C LEU D 344 -6.56 5.33 -45.72
N GLY D 345 -7.41 4.91 -46.66
CA GLY D 345 -7.07 3.82 -47.55
C GLY D 345 -7.31 2.45 -46.97
N ASN D 346 -8.16 2.34 -45.97
CA ASN D 346 -8.47 1.07 -45.33
C ASN D 346 -7.21 0.37 -44.81
N PRO D 347 -6.43 1.03 -43.96
CA PRO D 347 -5.23 0.39 -43.43
C PRO D 347 -5.59 -0.77 -42.54
N SER D 348 -4.68 -1.73 -42.45
CA SER D 348 -4.80 -2.77 -41.43
C SER D 348 -4.72 -2.14 -40.05
N ALA D 349 -5.10 -2.92 -39.03
CA ALA D 349 -5.00 -2.44 -37.65
C ALA D 349 -3.56 -2.06 -37.29
N ARG D 350 -2.59 -2.89 -37.70
CA ARG D 350 -1.19 -2.54 -37.48
C ARG D 350 -0.82 -1.22 -38.15
N GLU D 351 -1.21 -1.06 -39.40
CA GLU D 351 -0.92 0.18 -40.10
C GLU D 351 -1.59 1.36 -39.42
N LEU D 352 -2.84 1.19 -39.00
CA LEU D 352 -3.53 2.26 -38.31
C LEU D 352 -2.81 2.61 -37.01
N ALA D 353 -2.36 1.60 -36.25
CA ALA D 353 -1.64 1.86 -35.01
C ALA D 353 -0.40 2.72 -35.23
N GLN D 354 0.32 2.49 -36.34
CA GLN D 354 1.53 3.24 -36.66
C GLN D 354 1.21 4.68 -37.08
N ILE D 355 0.09 4.87 -37.77
CA ILE D 355 -0.36 6.22 -38.12
C ILE D 355 -0.73 7.00 -36.86
N ILE D 356 -1.49 6.38 -35.95
CA ILE D 356 -1.89 7.07 -34.73
C ILE D 356 -0.67 7.38 -33.89
N GLU D 357 0.29 6.44 -33.80
CA GLU D 357 1.51 6.68 -33.04
C GLU D 357 2.25 7.89 -33.62
N SER D 358 2.39 7.92 -34.94
CA SER D 358 3.03 9.04 -35.60
C SER D 358 2.29 10.34 -35.34
N ILE D 359 0.94 10.29 -35.40
CA ILE D 359 0.12 11.47 -35.13
C ILE D 359 0.38 12.01 -33.73
N GLY D 360 0.45 11.12 -32.74
CA GLY D 360 0.77 11.57 -31.39
C GLY D 360 2.12 12.27 -31.31
N LEU D 361 3.13 11.73 -32.01
CA LEU D 361 4.45 12.36 -31.97
C LEU D 361 4.43 13.72 -32.68
N ALA D 362 3.71 13.84 -33.81
CA ALA D 362 3.56 15.12 -34.49
C ALA D 362 2.90 16.16 -33.57
N GLN D 363 1.79 15.79 -32.93
CA GLN D 363 1.13 16.70 -32.00
C GLN D 363 2.09 17.16 -30.90
N ASN D 364 2.86 16.23 -30.35
CA ASN D 364 3.86 16.55 -29.33
C ASN D 364 4.91 17.52 -29.86
N PHE D 365 5.38 17.29 -31.10
CA PHE D 365 6.38 18.17 -31.68
C PHE D 365 5.87 19.61 -31.80
N ALA D 366 4.63 19.78 -32.28
CA ALA D 366 4.09 21.12 -32.43
C ALA D 366 3.95 21.81 -31.07
N ALA D 367 3.51 21.07 -30.04
CA ALA D 367 3.35 21.64 -28.72
C ALA D 367 4.69 22.10 -28.16
N LEU D 368 5.70 21.22 -28.21
CA LEU D 368 7.01 21.59 -27.67
C LEU D 368 7.62 22.74 -28.46
N LYS D 369 7.49 22.70 -29.79
CA LYS D 369 8.06 23.79 -30.59
C LYS D 369 7.47 25.14 -30.18
N ALA D 370 6.15 25.22 -30.09
CA ALA D 370 5.50 26.47 -29.69
C ALA D 370 5.87 26.86 -28.27
N LEU D 371 6.02 25.87 -27.38
CA LEU D 371 6.34 26.17 -25.98
C LEU D 371 7.69 26.87 -25.85
N VAL D 372 8.68 26.43 -26.62
CA VAL D 372 10.05 26.94 -26.42
C VAL D 372 10.39 28.05 -27.40
N SER D 373 9.59 28.23 -28.45
CA SER D 373 9.85 29.21 -29.49
C SER D 373 9.14 30.50 -29.17
N THR D 374 9.61 31.58 -29.78
CA THR D 374 9.20 32.93 -29.44
C THR D 374 10.00 33.41 -28.23
N GLY D 375 11.02 34.22 -28.49
CA GLY D 375 11.69 34.95 -27.43
C GLY D 375 10.69 35.77 -26.62
N ILE D 376 11.21 36.34 -25.53
CA ILE D 376 10.38 36.93 -24.47
C ILE D 376 9.94 38.34 -24.82
N GLN D 377 9.42 38.52 -26.04
CA GLN D 377 8.82 39.74 -26.58
C GLN D 377 8.74 40.92 -25.60
N GLN D 378 9.70 41.83 -25.66
CA GLN D 378 9.70 42.99 -24.76
C GLN D 378 8.57 43.95 -25.10
N GLY D 379 8.10 44.66 -24.08
CA GLY D 379 7.09 45.69 -24.25
C GLY D 379 7.67 47.08 -24.18
N HIS D 380 6.78 48.08 -24.21
CA HIS D 380 7.24 49.46 -24.14
C HIS D 380 8.17 49.65 -22.95
N MET D 381 9.21 50.48 -23.16
CA MET D 381 10.20 50.75 -22.12
C MET D 381 9.54 51.18 -20.82
N LYS D 382 8.47 51.99 -20.89
CA LYS D 382 7.85 52.44 -19.64
C LYS D 382 7.18 51.29 -18.90
N LEU D 383 6.64 50.30 -19.62
CA LEU D 383 6.14 49.08 -19.00
C LEU D 383 7.26 48.34 -18.29
N GLN D 384 8.32 48.01 -19.02
CA GLN D 384 9.47 47.33 -18.41
C GLN D 384 9.88 48.02 -17.11
N ALA D 385 9.96 49.34 -17.14
CA ALA D 385 10.38 50.07 -15.95
C ALA D 385 9.36 49.92 -14.81
N LYS D 386 8.08 50.05 -15.10
CA LYS D 386 7.07 49.85 -14.05
C LYS D 386 7.19 48.45 -13.46
N SER D 387 7.31 47.43 -14.31
CA SER D 387 7.52 46.06 -13.84
C SER D 387 8.71 45.96 -12.90
N LEU D 388 9.85 46.55 -13.29
CA LEU D 388 11.07 46.36 -12.52
C LEU D 388 11.05 47.13 -11.21
N ALA D 389 10.40 48.31 -11.21
CA ALA D 389 10.25 49.07 -9.96
C ALA D 389 9.38 48.31 -8.97
N LEU D 390 8.22 47.85 -9.44
CA LEU D 390 7.38 46.95 -8.64
C LEU D 390 8.18 45.74 -8.14
N LEU D 391 8.84 45.04 -9.04
CA LEU D 391 9.66 43.89 -8.64
C LEU D 391 10.68 44.25 -7.56
N ALA D 392 11.35 45.40 -7.71
CA ALA D 392 12.35 45.80 -6.73
C ALA D 392 11.74 45.96 -5.33
N GLY D 393 10.43 46.07 -5.24
CA GLY D 393 9.77 46.29 -3.96
C GLY D 393 9.14 47.66 -3.81
N ALA D 394 9.11 48.48 -4.86
CA ALA D 394 8.53 49.80 -4.76
C ALA D 394 7.05 49.72 -4.40
N SER D 395 6.63 50.55 -3.46
CA SER D 395 5.21 50.77 -3.21
C SER D 395 4.64 51.67 -4.31
N GLU D 396 3.32 51.77 -4.35
CA GLU D 396 2.67 52.45 -5.46
C GLU D 396 3.14 53.90 -5.57
N SER D 397 3.35 54.58 -4.44
CA SER D 397 3.78 55.97 -4.50
C SER D 397 5.22 56.11 -4.94
N GLU D 398 6.04 55.07 -4.78
CA GLU D 398 7.43 55.11 -5.20
C GLU D 398 7.63 54.76 -6.67
N VAL D 399 6.62 54.21 -7.35
CA VAL D 399 6.83 53.77 -8.74
C VAL D 399 7.15 54.95 -9.65
N ALA D 400 6.46 56.08 -9.46
CA ALA D 400 6.58 57.20 -10.39
C ALA D 400 7.99 57.80 -10.36
N PRO D 401 8.50 58.28 -9.23
CA PRO D 401 9.90 58.72 -9.19
C PRO D 401 10.86 57.66 -9.72
N LEU D 402 10.64 56.39 -9.36
CA LEU D 402 11.58 55.34 -9.75
C LEU D 402 11.55 55.13 -11.25
N VAL D 403 10.36 55.13 -11.85
CA VAL D 403 10.23 54.93 -13.29
C VAL D 403 10.95 56.04 -14.07
N GLU D 404 10.86 57.28 -13.61
CA GLU D 404 11.50 58.37 -14.35
C GLU D 404 13.02 58.26 -14.33
N ARG D 405 13.60 57.79 -13.22
CA ARG D 405 15.05 57.57 -13.17
C ARG D 405 15.47 56.50 -14.18
N LEU D 406 14.72 55.40 -14.24
CA LEU D 406 15.05 54.32 -15.16
C LEU D 406 14.93 54.76 -16.61
N ILE D 407 13.79 55.38 -16.95
CA ILE D 407 13.59 55.87 -18.30
C ILE D 407 14.71 56.82 -18.71
N SER D 408 15.17 57.65 -17.78
CA SER D 408 16.28 58.56 -18.10
C SER D 408 17.50 57.78 -18.55
N ASP D 409 17.74 56.62 -17.93
CA ASP D 409 18.93 55.86 -18.27
C ASP D 409 18.81 55.15 -19.62
N LYS D 410 17.57 54.94 -20.11
CA LYS D 410 17.33 54.30 -21.40
C LYS D 410 17.70 52.81 -21.40
N THR D 411 18.69 52.43 -20.60
CA THR D 411 19.00 51.03 -20.35
C THR D 411 19.14 50.81 -18.84
N PHE D 412 18.60 49.67 -18.37
CA PHE D 412 18.52 49.39 -16.95
C PHE D 412 18.13 47.94 -16.76
N ASN D 413 18.21 47.48 -15.52
CA ASN D 413 17.81 46.13 -15.15
C ASN D 413 17.28 46.17 -13.72
N LEU D 414 16.97 44.99 -13.18
CA LEU D 414 16.47 44.91 -11.81
C LEU D 414 17.41 45.60 -10.83
N GLU D 415 18.70 45.24 -10.88
CA GLU D 415 19.70 45.86 -10.00
C GLU D 415 19.64 47.38 -10.07
N THR D 416 19.54 47.95 -11.28
CA THR D 416 19.31 49.39 -11.42
C THR D 416 18.10 49.83 -10.62
N ALA D 417 16.96 49.12 -10.79
CA ALA D 417 15.75 49.51 -10.09
C ALA D 417 15.91 49.35 -8.58
N GLN D 418 16.66 48.33 -8.14
CA GLN D 418 16.88 48.14 -6.70
C GLN D 418 17.74 49.25 -6.10
N ARG D 419 18.82 49.64 -6.79
CA ARG D 419 19.61 50.77 -6.33
C ARG D 419 18.76 52.03 -6.19
N TYR D 420 17.96 52.32 -7.22
CA TYR D 420 17.16 53.54 -7.20
C TYR D 420 16.14 53.53 -6.08
N LEU D 421 15.50 52.37 -5.84
CA LEU D 421 14.60 52.26 -4.70
C LEU D 421 15.34 52.56 -3.40
N GLU D 422 16.46 51.90 -3.18
CA GLU D 422 17.31 52.18 -2.02
C GLU D 422 17.64 53.68 -1.94
N ASN D 423 18.06 54.29 -3.05
CA ASN D 423 18.33 55.72 -3.06
C ASN D 423 17.11 56.51 -2.61
N LEU D 424 15.98 56.30 -3.28
CA LEU D 424 14.76 56.99 -2.90
C LEU D 424 14.37 56.70 -1.46
N ARG D 425 14.82 55.55 -0.94
CA ARG D 425 14.45 55.03 0.37
C ARG D 425 13.27 54.07 0.19
N SER D 426 13.45 52.80 0.56
CA SER D 426 12.71 51.68 -0.03
C SER D 426 11.21 51.72 0.13
#